data_5U1T
#
_entry.id   5U1T
#
_cell.length_a   125.863
_cell.length_b   125.863
_cell.length_c   271.944
_cell.angle_alpha   90.000
_cell.angle_beta   90.000
_cell.angle_gamma   120.000
#
_symmetry.space_group_name_H-M   'P 32 2 1'
#
loop_
_entity.id
_entity.type
_entity.pdbx_description
1 polymer Separin
2 polymer Securin
3 water water
#
loop_
_entity_poly.entity_id
_entity_poly.type
_entity_poly.pdbx_seq_one_letter_code
_entity_poly.pdbx_strand_id
1 'polypeptide(L)'
;MHHHHHHSGGSRSEAHSNSIGILAMHNNIIRDFTKIASNNIDLAIEDITTVDHSLNSIYSLLKSHHMWGHINSTVKQHLM
IIVKLINNNALGLASSEIIFLFNETNLFQAHSLKNILLADFSTWNDYYLSNLKILALQIILKRKLVDEYLPHILELFSHD
KRYLLKDPNLKAHALTKIVLSFFSVTTSCKVLFGLKFLQYIKQFKLPFKKFISNITVECFSKNLLHKNYLEMGPNKIYLN
SFYLSYSMLYDGLDKIMLLDILSYEETTEVQRAIKSKKEFNEYCNMSENRLLWSCISVDDLNVILENATNFLQNKGKHIS
ATLKCLVCLWSTIRLEGLPKNKDILRQFDCTVIYINSNIKSINDESAAALLSELLGVLSEICIDYKEPKRLSNIISVLFN
ASVLFKSHSFLLKTANLEISNVLISNDSKTSHRTILKFEKFISSAQSAQKKIEIFSCLFNVYCMLRNDTLSFVFDFCQNA
FIHCFTRLKITKFIEFSNSSEIMLSVLYGNSSIENIPSENWSQLSRMIFCSLRGIFDLDPLELNNTFDKLHLLNKYELLI
RIVYLLNLDMSKHLTTNLSKITKLYINKWLQKSDEKAERISSFEMDFVKMLLCYLNFNNFDKLSIELSLCIKSKEKYYSS
IVPYADNYLLEAYLSLYMIDDALMMKNQLQKTMNLSTAKIEQALLHASSLINVHLWDSDLTAFQIYFGKTLPAMKPELFD
INNDHNLPMSLYIKVILLNIKIFNESAKLNIKAGNVISAVIDCRKAQNLALSLLKKKNKLSQGSRLALLKSLSFSFFQLI
KIHIRIGSARDCEFYSKELSRIISDLEEPIIVYRCLHFLHRYYMITEQTCLQNITLGKANKAFDYLDAEADITSLTMFLY
DNKEFVKLEQSLVLYFGDQLEKTFLPNLWKLHLGKDIDDSICLSEYMPKNVINRVHNMWQKVMSQLEEDPFFKGMFESTL
GIPSSLPVIPSTMPNNILKTPSKHSTGLKLCDSPRSSSMTPRGKNIRQKFDRIAAISKLKQMKELLESLKLDTLDNHELS
KISSLSSLTLTILSNITSIHNAESSLITNFSLTDLPRHMPLLFDKVLNNIDNKNYREFRVSSLIAPNNISTITESIRVSA
AQKDLMESNLNINVITIDFCPITGNLLLSKLEPRRKRRTHLRLPLIRSNSRDLDEVHLSFPEATKKLLSIINESNQTTSV
EVTNKIKTREERKSWWTTRYDLDKRMQQLLNNIENSWFNGVQGFFSPEVVDNSLFEKFKDKFYEILHQNLPSRKLYGNPA
MFIKVEDWVIELFLKLNPQEIDFLSKMEDLIYFVLDILLFHGEENAYDEIDFSMLHVQLEEQIKKYRATMTTNSIFHTFL
VVSSSCHLFPWECLSFLKDLSITRVPSYVCLNKLLSRFHYQLPLQVTIEDNISMILNPNGDLSRTESKFKGMFQKIIDAK
PSSQLVMNEKPEEETLLKMLQNSNLFVYIGHGGGEQYVRSKEIKKCTKIAPSFLLGCSSAAMKYYGKLEPTGTIYTYLLG
GCPMVLGNLWDVTDKDIDKFSEELFEKMGFRCNTDDLNGNSLSVSYAVSKSRGVCHLRYLNGAAPVIYGLPIKFVS
;
A
2 'polypeptide(L)'
;MDIEIAPQRQEPLPYVPEGYSPFQQDDIEKLKTFNSPYKLDLEDEDDTPDKVDLLPLEQIDEEGEKDETECITRNQEEGA
ALPLLSKNFKEVAAVPTMELVYSEEGLDPEELEDLVT
;
B
#
# COMPACT_ATOMS: atom_id res chain seq x y z
N ASN A 39 52.60 -38.14 -15.54
CA ASN A 39 53.31 -38.95 -14.55
C ASN A 39 52.96 -38.51 -13.13
N ASN A 40 52.63 -39.46 -12.26
CA ASN A 40 52.30 -39.15 -10.88
C ASN A 40 53.25 -39.87 -9.91
N ILE A 41 53.58 -39.22 -8.79
CA ILE A 41 54.48 -39.80 -7.81
C ILE A 41 53.75 -40.73 -6.85
N ASP A 42 54.49 -41.59 -6.18
CA ASP A 42 53.92 -42.45 -5.16
C ASP A 42 54.54 -42.13 -3.81
N LEU A 43 53.73 -42.02 -2.77
CA LEU A 43 54.26 -41.79 -1.43
C LEU A 43 54.18 -43.02 -0.55
N ALA A 44 55.31 -43.39 0.05
CA ALA A 44 55.28 -44.40 1.09
C ALA A 44 54.41 -43.91 2.25
N ILE A 45 53.60 -44.80 2.79
CA ILE A 45 52.76 -44.44 3.93
C ILE A 45 53.26 -45.15 5.17
N GLU A 46 53.82 -44.36 6.08
CA GLU A 46 54.41 -44.88 7.31
C GLU A 46 53.38 -44.96 8.44
N ASP A 47 52.41 -44.05 8.42
CA ASP A 47 51.35 -44.02 9.44
C ASP A 47 49.98 -43.86 8.79
N ILE A 48 49.19 -44.94 8.84
CA ILE A 48 47.90 -44.98 8.13
C ILE A 48 46.89 -44.04 8.76
N THR A 49 47.10 -43.73 10.03
CA THR A 49 46.18 -42.86 10.77
C THR A 49 46.15 -41.45 10.17
N THR A 50 47.27 -41.05 9.58
CA THR A 50 47.35 -39.80 8.83
C THR A 50 46.38 -39.78 7.65
N VAL A 51 46.36 -40.91 6.93
CA VAL A 51 45.53 -41.07 5.75
C VAL A 51 44.06 -41.02 6.16
N ASP A 52 43.74 -41.70 7.26
CA ASP A 52 42.38 -41.79 7.77
C ASP A 52 41.86 -40.41 8.11
N HIS A 53 42.74 -39.64 8.72
CA HIS A 53 42.43 -38.28 9.07
C HIS A 53 42.05 -37.51 7.82
N SER A 54 42.93 -37.54 6.82
CA SER A 54 42.64 -36.91 5.54
C SER A 54 41.36 -37.47 4.95
N LEU A 55 41.16 -38.77 5.05
CA LEU A 55 39.93 -39.38 4.54
C LEU A 55 38.67 -38.88 5.27
N ASN A 56 38.66 -38.98 6.59
CA ASN A 56 37.51 -38.54 7.34
C ASN A 56 37.26 -37.04 7.18
N SER A 57 38.34 -36.28 7.03
CA SER A 57 38.24 -34.86 6.86
C SER A 57 37.51 -34.55 5.55
N ILE A 58 37.87 -35.25 4.48
CA ILE A 58 37.28 -35.06 3.16
C ILE A 58 35.84 -35.60 3.08
N TYR A 59 35.60 -36.80 3.60
CA TYR A 59 34.25 -37.37 3.59
C TYR A 59 33.27 -36.44 4.32
N SER A 60 33.75 -35.77 5.37
CA SER A 60 32.91 -34.87 6.15
C SER A 60 32.56 -33.59 5.44
N LEU A 61 33.57 -33.00 4.81
CA LEU A 61 33.37 -31.77 4.08
C LEU A 61 32.42 -31.97 2.92
N LEU A 62 32.68 -33.01 2.14
CA LEU A 62 31.93 -33.30 0.93
C LEU A 62 30.47 -33.55 1.25
N LYS A 63 30.24 -34.19 2.38
CA LYS A 63 28.91 -34.51 2.82
C LYS A 63 28.24 -33.24 3.26
N SER A 64 29.01 -32.38 3.90
CA SER A 64 28.42 -31.18 4.48
C SER A 64 28.04 -30.18 3.41
N HIS A 65 28.78 -30.17 2.30
CA HIS A 65 28.53 -29.18 1.25
C HIS A 65 27.77 -29.79 0.09
N HIS A 66 27.10 -30.91 0.35
CA HIS A 66 26.32 -31.65 -0.65
C HIS A 66 27.06 -32.00 -1.97
N MET A 67 28.38 -32.07 -1.95
CA MET A 67 29.16 -32.35 -3.14
C MET A 67 29.32 -33.86 -3.37
N TRP A 68 28.26 -34.53 -3.82
CA TRP A 68 28.20 -35.99 -3.72
C TRP A 68 29.14 -36.72 -4.66
N GLY A 69 29.45 -36.11 -5.79
CA GLY A 69 30.22 -36.74 -6.84
C GLY A 69 31.66 -36.84 -6.46
N HIS A 70 32.10 -35.98 -5.55
CA HIS A 70 33.48 -36.08 -5.09
C HIS A 70 33.65 -37.22 -4.07
N ILE A 71 32.53 -37.69 -3.52
CA ILE A 71 32.59 -38.84 -2.64
C ILE A 71 33.03 -40.06 -3.47
N ASN A 72 32.50 -40.19 -4.68
CA ASN A 72 32.83 -41.31 -5.55
C ASN A 72 34.32 -41.40 -5.83
N SER A 73 34.89 -40.24 -6.14
CA SER A 73 36.27 -40.21 -6.56
C SER A 73 37.16 -40.49 -5.35
N THR A 74 36.68 -40.11 -4.16
CA THR A 74 37.37 -40.37 -2.89
C THR A 74 37.30 -41.84 -2.47
N VAL A 75 36.12 -42.44 -2.63
CA VAL A 75 35.91 -43.85 -2.38
C VAL A 75 36.83 -44.71 -3.26
N LYS A 76 37.04 -44.25 -4.50
CA LYS A 76 37.89 -44.94 -5.45
C LYS A 76 39.32 -45.01 -4.95
N GLN A 77 39.80 -43.89 -4.42
CA GLN A 77 41.10 -43.85 -3.76
C GLN A 77 41.14 -44.78 -2.56
N HIS A 78 40.05 -44.75 -1.80
CA HIS A 78 39.96 -45.52 -0.58
C HIS A 78 39.99 -47.04 -0.89
N LEU A 79 39.29 -47.43 -1.95
CA LEU A 79 39.25 -48.82 -2.40
C LEU A 79 40.63 -49.29 -2.79
N MET A 80 41.40 -48.39 -3.41
CA MET A 80 42.76 -48.70 -3.78
C MET A 80 43.63 -48.87 -2.54
N ILE A 81 43.36 -48.09 -1.51
CA ILE A 81 44.09 -48.20 -0.24
C ILE A 81 43.88 -49.56 0.40
N ILE A 82 42.63 -50.01 0.39
CA ILE A 82 42.26 -51.31 0.92
C ILE A 82 42.97 -52.45 0.17
N VAL A 83 42.98 -52.44 -1.17
CA VAL A 83 43.61 -53.55 -1.90
C VAL A 83 45.13 -53.53 -1.72
N LYS A 84 45.72 -52.34 -1.66
CA LYS A 84 47.15 -52.20 -1.41
C LYS A 84 47.52 -52.76 -0.05
N LEU A 85 46.62 -52.62 0.91
CA LEU A 85 46.78 -53.25 2.21
C LEU A 85 46.70 -54.77 2.10
N ILE A 86 45.74 -55.24 1.32
CA ILE A 86 45.56 -56.67 1.13
C ILE A 86 46.80 -57.30 0.49
N ASN A 87 47.32 -56.69 -0.57
CA ASN A 87 48.49 -57.23 -1.25
C ASN A 87 49.71 -57.23 -0.35
N ASN A 88 49.79 -56.29 0.59
CA ASN A 88 50.94 -56.28 1.49
C ASN A 88 50.65 -57.02 2.77
N ASN A 89 49.56 -57.77 2.76
CA ASN A 89 49.18 -58.68 3.84
C ASN A 89 48.85 -58.01 5.18
N ALA A 90 48.34 -56.79 5.09
CA ALA A 90 47.82 -56.06 6.24
C ALA A 90 46.32 -56.31 6.31
N LEU A 91 45.94 -57.55 6.44
CA LEU A 91 44.56 -57.94 6.44
C LEU A 91 43.77 -57.41 7.58
N GLY A 92 44.41 -57.15 8.70
CA GLY A 92 43.71 -56.62 9.83
C GLY A 92 43.34 -55.18 9.56
N LEU A 93 44.28 -54.47 8.99
CA LEU A 93 44.09 -53.08 8.67
C LEU A 93 43.15 -52.91 7.51
N ALA A 94 43.24 -53.78 6.54
CA ALA A 94 42.41 -53.68 5.37
C ALA A 94 40.99 -53.86 5.75
N SER A 95 40.74 -54.80 6.62
CA SER A 95 39.40 -55.09 7.11
C SER A 95 38.74 -53.88 7.77
N SER A 96 39.46 -53.20 8.66
CA SER A 96 38.80 -52.13 9.36
C SER A 96 38.74 -50.88 8.45
N GLU A 97 39.60 -50.83 7.44
CA GLU A 97 39.49 -49.81 6.39
C GLU A 97 38.20 -49.92 5.57
N ILE A 98 37.76 -51.16 5.32
CA ILE A 98 36.52 -51.43 4.61
C ILE A 98 35.33 -50.88 5.41
N ILE A 99 35.28 -51.28 6.67
CA ILE A 99 34.29 -50.79 7.61
C ILE A 99 34.28 -49.24 7.70
N PHE A 100 35.46 -48.65 7.78
CA PHE A 100 35.65 -47.20 7.79
C PHE A 100 35.05 -46.55 6.55
N LEU A 101 35.40 -47.10 5.37
CA LEU A 101 34.89 -46.60 4.10
C LEU A 101 33.36 -46.63 4.09
N PHE A 102 32.80 -47.72 4.59
CA PHE A 102 31.36 -47.90 4.58
C PHE A 102 30.67 -46.95 5.56
N ASN A 103 31.24 -46.82 6.75
CA ASN A 103 30.62 -46.02 7.80
C ASN A 103 30.58 -44.54 7.42
N GLU A 104 31.56 -44.10 6.66
CA GLU A 104 31.69 -42.73 6.26
C GLU A 104 30.78 -42.36 5.11
N THR A 105 30.00 -43.31 4.61
CA THR A 105 29.30 -43.08 3.35
C THR A 105 27.88 -43.65 3.35
N ASN A 106 27.39 -44.02 4.53
CA ASN A 106 26.09 -44.67 4.67
C ASN A 106 25.38 -44.27 5.95
N LEU A 107 24.06 -44.25 5.95
CA LEU A 107 23.34 -44.04 7.20
C LEU A 107 23.66 -45.15 8.16
N PHE A 108 23.38 -46.36 7.71
CA PHE A 108 23.71 -47.59 8.45
C PHE A 108 25.18 -47.64 8.79
N GLN A 109 25.50 -48.30 9.90
CA GLN A 109 26.87 -48.38 10.37
C GLN A 109 27.27 -49.84 10.47
N ALA A 110 28.54 -50.13 10.29
CA ALA A 110 29.02 -51.50 10.38
C ALA A 110 30.08 -51.59 11.46
N HIS A 111 30.11 -52.71 12.17
CA HIS A 111 31.21 -52.91 13.09
C HIS A 111 31.73 -54.34 12.99
N SER A 112 31.51 -54.95 11.83
CA SER A 112 32.11 -56.22 11.44
C SER A 112 31.99 -56.37 9.93
N LEU A 113 32.73 -57.32 9.37
CA LEU A 113 32.65 -57.54 7.94
C LEU A 113 31.28 -58.13 7.59
N LYS A 114 30.63 -58.72 8.58
CA LYS A 114 29.34 -59.35 8.37
C LYS A 114 28.30 -58.29 8.03
N ASN A 115 28.47 -57.11 8.62
CA ASN A 115 27.58 -55.98 8.37
C ASN A 115 27.74 -55.41 6.95
N ILE A 116 28.98 -55.36 6.45
CA ILE A 116 29.29 -55.05 5.07
C ILE A 116 28.58 -56.02 4.12
N LEU A 117 28.83 -57.31 4.31
CA LEU A 117 28.26 -58.36 3.49
C LEU A 117 26.74 -58.30 3.32
N LEU A 118 26.01 -58.05 4.38
CA LEU A 118 24.55 -58.01 4.24
C LEU A 118 23.99 -56.57 4.14
N ALA A 119 24.81 -55.61 3.73
CA ALA A 119 24.30 -54.26 3.49
C ALA A 119 23.45 -54.18 2.24
N ASP A 120 22.32 -53.52 2.34
CA ASP A 120 21.51 -53.27 1.16
C ASP A 120 22.15 -52.27 0.20
N PHE A 121 21.79 -52.37 -1.07
CA PHE A 121 22.15 -51.32 -2.02
C PHE A 121 21.33 -50.05 -1.76
N SER A 122 21.98 -48.91 -1.89
CA SER A 122 21.29 -47.62 -1.94
C SER A 122 22.04 -46.71 -2.91
N THR A 123 21.48 -45.55 -3.21
CA THR A 123 22.17 -44.62 -4.12
C THR A 123 23.50 -44.18 -3.50
N TRP A 124 23.58 -44.24 -2.17
CA TRP A 124 24.79 -43.80 -1.47
C TRP A 124 25.99 -44.71 -1.70
N ASN A 125 25.74 -46.00 -1.92
CA ASN A 125 26.84 -46.95 -2.03
C ASN A 125 26.85 -47.85 -3.28
N ASP A 126 25.82 -47.76 -4.13
CA ASP A 126 25.62 -48.81 -5.14
C ASP A 126 26.65 -48.80 -6.28
N TYR A 127 27.49 -47.77 -6.29
CA TYR A 127 28.59 -47.69 -7.25
C TYR A 127 29.88 -48.32 -6.73
N TYR A 128 29.86 -48.88 -5.51
CA TYR A 128 31.04 -49.57 -4.99
C TYR A 128 30.70 -50.82 -4.15
N LEU A 129 29.46 -50.92 -3.69
CA LEU A 129 29.06 -51.91 -2.69
C LEU A 129 29.43 -53.33 -3.12
N SER A 130 29.04 -53.67 -4.33
CA SER A 130 29.49 -54.86 -5.04
C SER A 130 30.97 -55.15 -4.84
N ASN A 131 31.83 -54.19 -5.18
CA ASN A 131 33.24 -54.44 -5.07
C ASN A 131 33.74 -54.45 -3.63
N LEU A 132 33.05 -53.73 -2.74
CA LEU A 132 33.43 -53.73 -1.34
C LEU A 132 33.26 -55.14 -0.75
N LYS A 133 32.12 -55.75 -1.03
CA LYS A 133 31.80 -57.07 -0.55
C LYS A 133 32.79 -58.14 -1.06
N ILE A 134 33.23 -57.99 -2.30
CA ILE A 134 34.22 -58.90 -2.89
C ILE A 134 35.55 -58.74 -2.13
N LEU A 135 35.89 -57.51 -1.76
CA LEU A 135 37.11 -57.28 -0.98
C LEU A 135 36.97 -57.90 0.42
N ALA A 136 35.78 -57.77 1.00
CA ALA A 136 35.52 -58.35 2.30
C ALA A 136 35.60 -59.87 2.22
N LEU A 137 35.09 -60.45 1.14
CA LEU A 137 35.18 -61.90 0.96
C LEU A 137 36.63 -62.34 0.77
N GLN A 138 37.40 -61.53 0.04
CA GLN A 138 38.83 -61.79 -0.14
C GLN A 138 39.52 -61.85 1.20
N ILE A 139 39.23 -60.87 2.06
CA ILE A 139 39.83 -60.81 3.39
C ILE A 139 39.44 -62.02 4.23
N ILE A 140 38.15 -62.36 4.26
CA ILE A 140 37.66 -63.53 5.01
C ILE A 140 38.39 -64.78 4.54
N LEU A 141 38.64 -64.84 3.24
CA LEU A 141 39.39 -65.93 2.68
C LEU A 141 40.84 -65.93 3.16
N LYS A 142 41.55 -64.83 2.99
CA LYS A 142 42.97 -64.81 3.33
C LYS A 142 43.23 -64.85 4.83
N ARG A 143 42.26 -64.44 5.64
CA ARG A 143 42.38 -64.60 7.09
C ARG A 143 41.97 -66.01 7.54
N LYS A 144 41.52 -66.81 6.58
CA LYS A 144 41.11 -68.20 6.83
C LYS A 144 39.97 -68.26 7.84
N LEU A 145 39.05 -67.33 7.74
CA LEU A 145 37.95 -67.25 8.71
C LEU A 145 36.65 -67.75 8.10
N VAL A 146 36.77 -68.60 7.09
CA VAL A 146 35.59 -69.00 6.35
C VAL A 146 34.66 -69.80 7.27
N ASP A 147 35.22 -70.67 8.08
CA ASP A 147 34.43 -71.48 9.02
C ASP A 147 33.53 -70.63 9.95
N GLU A 148 34.08 -69.58 10.55
CA GLU A 148 33.33 -68.74 11.48
C GLU A 148 32.35 -67.83 10.76
N TYR A 149 32.63 -67.52 9.50
CA TYR A 149 31.75 -66.65 8.75
C TYR A 149 30.65 -67.40 8.04
N LEU A 150 30.71 -68.74 8.13
CA LEU A 150 29.97 -69.60 7.22
C LEU A 150 28.47 -69.29 7.09
N PRO A 151 27.72 -69.22 8.22
CA PRO A 151 26.29 -68.91 8.06
C PRO A 151 26.03 -67.53 7.43
N HIS A 152 26.93 -66.59 7.62
CA HIS A 152 26.74 -65.28 7.00
C HIS A 152 27.06 -65.31 5.50
N ILE A 153 28.06 -66.10 5.14
CA ILE A 153 28.45 -66.18 3.75
C ILE A 153 27.37 -66.94 3.00
N LEU A 154 26.81 -67.95 3.66
CA LEU A 154 25.69 -68.67 3.07
C LEU A 154 24.48 -67.74 2.95
N GLU A 155 24.13 -67.00 4.01
CA GLU A 155 22.99 -66.07 3.99
C GLU A 155 23.09 -65.04 2.87
N LEU A 156 24.28 -64.45 2.75
CA LEU A 156 24.67 -63.61 1.63
C LEU A 156 24.30 -64.21 0.29
N PHE A 157 24.88 -65.37 0.00
CA PHE A 157 24.75 -65.95 -1.32
C PHE A 157 23.37 -66.59 -1.50
N SER A 158 22.76 -67.03 -0.41
CA SER A 158 21.36 -67.46 -0.44
C SER A 158 20.50 -66.39 -1.08
N HIS A 159 20.63 -65.15 -0.61
CA HIS A 159 19.90 -64.01 -1.15
C HIS A 159 20.79 -63.11 -1.99
N ASP A 160 21.59 -63.73 -2.85
CA ASP A 160 22.47 -63.02 -3.79
C ASP A 160 21.73 -61.99 -4.66
N LYS A 161 20.46 -62.27 -4.99
CA LYS A 161 19.65 -61.35 -5.77
C LYS A 161 19.55 -59.98 -5.11
N ARG A 162 19.55 -59.99 -3.78
CA ARG A 162 19.37 -58.76 -3.03
C ARG A 162 20.69 -58.16 -2.62
N TYR A 163 21.62 -58.98 -2.14
CA TYR A 163 22.85 -58.40 -1.61
C TYR A 163 23.92 -58.14 -2.66
N LEU A 164 23.80 -58.79 -3.82
CA LEU A 164 24.91 -58.81 -4.77
C LEU A 164 24.54 -58.49 -6.20
N LEU A 165 23.55 -59.20 -6.72
CA LEU A 165 23.24 -59.21 -8.14
C LEU A 165 22.31 -58.08 -8.52
N LYS A 166 22.78 -56.86 -8.25
CA LYS A 166 22.05 -55.64 -8.58
C LYS A 166 23.01 -54.70 -9.28
N ASP A 167 24.27 -54.72 -8.87
CA ASP A 167 25.31 -53.93 -9.55
C ASP A 167 25.34 -54.40 -11.00
N PRO A 168 24.88 -53.53 -11.92
CA PRO A 168 24.77 -53.93 -13.33
C PRO A 168 26.13 -54.18 -13.91
N ASN A 169 27.16 -53.63 -13.27
CA ASN A 169 28.53 -53.81 -13.71
C ASN A 169 29.29 -54.79 -12.80
N LEU A 170 28.53 -55.60 -12.07
CA LEU A 170 29.08 -56.61 -11.16
C LEU A 170 30.25 -57.31 -11.80
N LYS A 171 31.33 -57.48 -11.05
CA LYS A 171 32.52 -58.14 -11.56
C LYS A 171 32.34 -59.66 -11.49
N ALA A 172 31.92 -60.23 -12.61
CA ALA A 172 31.57 -61.64 -12.69
C ALA A 172 32.73 -62.56 -12.33
N HIS A 173 33.70 -62.66 -13.25
CA HIS A 173 34.86 -63.53 -13.07
C HIS A 173 35.41 -63.46 -11.65
N ALA A 174 35.51 -62.25 -11.09
CA ALA A 174 35.99 -62.09 -9.71
C ALA A 174 35.09 -62.78 -8.70
N LEU A 175 33.83 -62.38 -8.65
CA LEU A 175 32.85 -62.94 -7.72
C LEU A 175 32.73 -64.47 -7.82
N THR A 176 32.69 -64.99 -9.05
CA THR A 176 32.45 -66.41 -9.23
C THR A 176 33.72 -67.19 -8.91
N LYS A 177 34.85 -66.55 -9.16
CA LYS A 177 36.14 -67.13 -8.76
C LYS A 177 36.22 -67.18 -7.24
N ILE A 178 35.72 -66.13 -6.58
CA ILE A 178 35.67 -66.06 -5.13
C ILE A 178 34.86 -67.23 -4.57
N VAL A 179 33.78 -67.58 -5.27
CA VAL A 179 32.92 -68.69 -4.88
C VAL A 179 33.61 -70.06 -4.94
N LEU A 180 34.34 -70.28 -6.02
CA LEU A 180 35.05 -71.51 -6.21
C LEU A 180 36.08 -71.65 -5.15
N SER A 181 36.74 -70.56 -4.82
CA SER A 181 37.76 -70.62 -3.80
C SER A 181 37.18 -70.87 -2.42
N PHE A 182 35.96 -70.41 -2.16
CA PHE A 182 35.33 -70.68 -0.90
C PHE A 182 34.95 -72.15 -0.89
N PHE A 183 34.47 -72.64 -2.02
CA PHE A 183 34.08 -74.02 -2.16
C PHE A 183 35.27 -74.87 -1.87
N SER A 184 36.41 -74.45 -2.38
CA SER A 184 37.64 -75.18 -2.13
C SER A 184 37.99 -75.30 -0.65
N VAL A 185 38.07 -74.18 0.07
CA VAL A 185 38.62 -74.20 1.43
C VAL A 185 37.64 -74.60 2.51
N THR A 186 36.34 -74.56 2.23
CA THR A 186 35.35 -74.77 3.28
C THR A 186 35.33 -76.23 3.76
N THR A 187 35.13 -76.41 5.05
CA THR A 187 35.08 -77.75 5.63
C THR A 187 33.63 -78.23 5.67
N SER A 188 32.71 -77.38 5.20
CA SER A 188 31.31 -77.80 5.11
C SER A 188 30.57 -77.12 3.97
N CYS A 189 29.40 -77.66 3.66
CA CYS A 189 28.50 -77.11 2.65
C CYS A 189 29.13 -76.93 1.29
N LYS A 190 30.11 -77.75 0.96
CA LYS A 190 30.79 -77.69 -0.33
C LYS A 190 29.76 -77.76 -1.49
N VAL A 191 28.74 -78.59 -1.31
CA VAL A 191 27.63 -78.67 -2.25
C VAL A 191 26.99 -77.30 -2.51
N LEU A 192 26.68 -76.57 -1.45
CA LEU A 192 26.04 -75.26 -1.55
C LEU A 192 26.85 -74.29 -2.40
N PHE A 193 28.15 -74.24 -2.12
CA PHE A 193 29.05 -73.44 -2.93
C PHE A 193 29.10 -73.94 -4.36
N GLY A 194 29.32 -75.26 -4.53
CA GLY A 194 29.26 -75.88 -5.84
C GLY A 194 28.03 -75.47 -6.66
N LEU A 195 26.85 -75.66 -6.09
CA LEU A 195 25.60 -75.26 -6.73
C LEU A 195 25.62 -73.81 -7.19
N LYS A 196 26.06 -72.91 -6.30
CA LYS A 196 26.10 -71.49 -6.62
C LYS A 196 27.10 -71.19 -7.74
N PHE A 197 28.26 -71.84 -7.69
CA PHE A 197 29.34 -71.62 -8.66
C PHE A 197 28.94 -72.05 -10.06
N LEU A 198 28.28 -73.21 -10.16
CA LEU A 198 27.77 -73.68 -11.44
C LEU A 198 26.73 -72.69 -11.96
N GLN A 199 25.82 -72.30 -11.07
CA GLN A 199 24.78 -71.34 -11.42
C GLN A 199 25.39 -70.05 -11.99
N TYR A 200 26.40 -69.50 -11.34
CA TYR A 200 26.98 -68.23 -11.77
C TYR A 200 27.62 -68.35 -13.15
N ILE A 201 28.40 -69.40 -13.34
CA ILE A 201 29.10 -69.66 -14.60
C ILE A 201 28.12 -69.79 -15.78
N LYS A 202 26.96 -70.37 -15.55
CA LYS A 202 25.89 -70.37 -16.55
C LYS A 202 25.31 -68.97 -16.68
N GLN A 203 25.03 -68.36 -15.54
CA GLN A 203 24.35 -67.08 -15.49
C GLN A 203 25.12 -65.96 -16.16
N PHE A 204 26.43 -66.04 -16.06
CA PHE A 204 27.27 -64.96 -16.54
C PHE A 204 28.02 -65.37 -17.77
N LYS A 205 27.67 -66.56 -18.25
CA LYS A 205 28.26 -67.13 -19.46
C LYS A 205 29.77 -67.18 -19.32
N LEU A 206 30.24 -67.74 -18.21
CA LEU A 206 31.68 -67.81 -17.97
C LEU A 206 32.21 -69.14 -18.48
N PRO A 207 33.47 -69.17 -18.95
CA PRO A 207 34.10 -70.40 -19.42
C PRO A 207 34.45 -71.30 -18.25
N PHE A 208 33.94 -72.53 -18.21
CA PHE A 208 34.27 -73.38 -17.10
C PHE A 208 35.78 -73.49 -16.94
N LYS A 209 36.53 -73.40 -18.05
CA LYS A 209 37.94 -73.79 -18.05
C LYS A 209 38.85 -73.05 -17.06
N LYS A 210 38.27 -72.12 -16.28
CA LYS A 210 38.91 -71.61 -15.06
C LYS A 210 39.13 -72.71 -14.01
N PHE A 211 38.79 -73.96 -14.35
CA PHE A 211 39.16 -75.14 -13.57
C PHE A 211 39.48 -76.29 -14.52
N ILE A 215 40.20 -79.69 -15.56
CA ILE A 215 39.43 -80.93 -15.49
C ILE A 215 37.99 -80.65 -16.00
N THR A 216 37.13 -81.68 -15.97
CA THR A 216 35.80 -81.65 -16.60
C THR A 216 34.66 -81.05 -15.76
N VAL A 217 33.75 -80.34 -16.40
CA VAL A 217 32.66 -79.73 -15.67
C VAL A 217 31.54 -80.68 -15.39
N GLU A 218 31.47 -81.74 -16.16
CA GLU A 218 30.45 -82.75 -15.97
C GLU A 218 30.78 -83.59 -14.77
N CYS A 219 32.06 -83.77 -14.51
CA CYS A 219 32.50 -84.54 -13.38
C CYS A 219 32.31 -83.74 -12.11
N PHE A 220 32.44 -82.43 -12.21
CA PHE A 220 32.35 -81.61 -11.03
C PHE A 220 31.09 -81.89 -10.21
N SER A 221 29.97 -82.05 -10.86
CA SER A 221 28.72 -82.27 -10.15
C SER A 221 28.72 -83.52 -9.28
N LYS A 222 29.25 -84.61 -9.82
CA LYS A 222 29.31 -85.89 -9.12
C LYS A 222 30.16 -85.80 -7.87
N ASN A 223 31.27 -85.07 -8.03
CA ASN A 223 32.19 -84.84 -6.96
C ASN A 223 31.49 -84.07 -5.86
N LEU A 224 30.67 -83.07 -6.22
CA LEU A 224 29.89 -82.35 -5.23
C LEU A 224 28.96 -83.31 -4.51
N LEU A 225 28.33 -84.19 -5.27
CA LEU A 225 27.45 -85.21 -4.75
C LEU A 225 28.05 -86.25 -3.80
N HIS A 226 29.37 -86.42 -3.70
CA HIS A 226 29.89 -87.39 -2.68
C HIS A 226 29.41 -87.07 -1.22
N LYS A 227 29.06 -88.09 -0.43
CA LYS A 227 28.47 -87.93 0.90
C LYS A 227 29.11 -86.81 1.73
N ASN A 228 30.43 -86.71 1.68
CA ASN A 228 31.14 -85.70 2.46
C ASN A 228 30.98 -84.28 1.92
N TYR A 229 30.83 -84.14 0.60
CA TYR A 229 30.62 -82.83 -0.02
C TYR A 229 29.22 -82.35 0.26
N LEU A 230 28.26 -83.27 0.28
CA LEU A 230 26.87 -82.88 0.50
C LEU A 230 26.60 -82.77 2.01
N GLU A 231 27.67 -82.80 2.80
CA GLU A 231 27.59 -82.54 4.23
C GLU A 231 27.47 -81.05 4.54
N MET A 232 26.37 -80.67 5.19
CA MET A 232 26.05 -79.27 5.37
C MET A 232 25.91 -78.85 6.83
N GLY A 233 25.85 -79.85 7.72
CA GLY A 233 25.62 -79.59 9.13
C GLY A 233 24.27 -78.91 9.38
N PRO A 234 24.28 -77.89 10.27
CA PRO A 234 23.07 -77.16 10.64
C PRO A 234 22.55 -76.31 9.49
N ASN A 235 23.45 -75.98 8.58
CA ASN A 235 23.14 -75.12 7.46
C ASN A 235 22.38 -75.80 6.32
N LYS A 236 21.70 -76.88 6.61
CA LYS A 236 20.91 -77.54 5.59
C LYS A 236 19.75 -76.66 5.22
N ILE A 237 19.40 -75.77 6.13
CA ILE A 237 18.29 -74.85 5.93
C ILE A 237 18.36 -74.10 4.61
N TYR A 238 19.59 -73.74 4.23
CA TYR A 238 19.82 -72.95 3.03
C TYR A 238 19.60 -73.72 1.73
N LEU A 239 20.05 -74.99 1.71
CA LEU A 239 20.07 -75.85 0.51
C LEU A 239 18.95 -75.59 -0.49
N ASN A 240 17.73 -75.49 0.02
CA ASN A 240 16.60 -75.22 -0.86
C ASN A 240 16.82 -73.97 -1.70
N SER A 241 17.19 -72.88 -1.04
CA SER A 241 17.45 -71.62 -1.72
C SER A 241 18.49 -71.79 -2.84
N PHE A 242 19.62 -72.40 -2.49
CA PHE A 242 20.72 -72.57 -3.43
C PHE A 242 20.35 -73.38 -4.68
N TYR A 243 19.73 -74.53 -4.46
CA TYR A 243 19.34 -75.43 -5.54
C TYR A 243 18.35 -74.75 -6.46
N LEU A 244 17.38 -74.04 -5.88
CA LEU A 244 16.40 -73.32 -6.67
C LEU A 244 17.07 -72.37 -7.65
N SER A 245 18.05 -71.61 -7.17
CA SER A 245 18.78 -70.69 -8.03
C SER A 245 19.62 -71.45 -9.05
N TYR A 246 20.01 -72.66 -8.68
CA TYR A 246 20.79 -73.48 -9.56
C TYR A 246 19.89 -74.07 -10.60
N SER A 247 18.74 -74.55 -10.18
CA SER A 247 17.76 -75.15 -11.08
C SER A 247 17.46 -74.27 -12.26
N MET A 248 17.13 -73.03 -11.97
CA MET A 248 16.80 -72.04 -12.96
C MET A 248 17.68 -72.02 -14.17
N LEU A 249 18.98 -71.98 -13.98
CA LEU A 249 19.86 -71.93 -15.11
C LEU A 249 20.08 -73.30 -15.72
N TYR A 250 19.73 -74.37 -15.02
CA TYR A 250 19.97 -75.68 -15.60
C TYR A 250 18.70 -76.51 -15.85
N ASP A 251 17.54 -75.88 -15.70
CA ASP A 251 16.28 -76.53 -16.04
C ASP A 251 16.28 -76.81 -17.54
N GLY A 252 15.97 -78.05 -17.89
CA GLY A 252 15.99 -78.45 -19.29
C GLY A 252 17.40 -78.81 -19.74
N LEU A 253 18.19 -79.39 -18.83
CA LEU A 253 19.55 -79.84 -19.10
C LEU A 253 19.86 -81.06 -18.25
N ASP A 254 21.13 -81.40 -18.07
CA ASP A 254 21.49 -82.49 -17.15
C ASP A 254 21.62 -81.94 -15.72
N LYS A 255 20.54 -81.41 -15.22
CA LYS A 255 20.54 -80.80 -13.91
C LYS A 255 20.83 -81.73 -12.75
N ILE A 256 21.70 -81.30 -11.87
CA ILE A 256 21.96 -82.07 -10.69
C ILE A 256 20.61 -81.98 -10.04
N MET A 257 19.92 -83.09 -9.92
CA MET A 257 18.58 -83.05 -9.34
C MET A 257 18.63 -83.01 -7.84
N LEU A 258 17.47 -82.76 -7.25
CA LEU A 258 17.39 -82.62 -5.82
C LEU A 258 17.41 -83.93 -5.08
N LEU A 259 17.06 -84.99 -5.80
CA LEU A 259 17.06 -86.32 -5.19
C LEU A 259 18.43 -86.96 -5.16
N ASP A 260 19.38 -86.37 -5.85
CA ASP A 260 20.75 -86.84 -5.76
C ASP A 260 21.31 -86.43 -4.41
N ILE A 261 20.88 -85.27 -3.90
CA ILE A 261 21.32 -84.77 -2.63
C ILE A 261 20.48 -85.31 -1.50
N LEU A 262 19.18 -85.18 -1.65
CA LEU A 262 18.28 -85.62 -0.61
C LEU A 262 17.71 -87.00 -0.86
N SER A 263 17.78 -87.89 0.13
CA SER A 263 17.20 -89.21 -0.11
C SER A 263 15.67 -89.08 -0.22
N TYR A 264 15.03 -90.08 -0.82
CA TYR A 264 13.56 -90.04 -0.98
C TYR A 264 12.87 -89.98 0.39
N GLU A 265 13.45 -90.63 1.39
CA GLU A 265 12.93 -90.64 2.76
C GLU A 265 12.73 -89.23 3.33
N GLU A 266 13.82 -88.45 3.40
CA GLU A 266 13.75 -87.09 3.93
C GLU A 266 12.76 -86.24 3.14
N THR A 267 12.58 -86.54 1.85
CA THR A 267 11.72 -85.75 0.95
C THR A 267 10.25 -86.18 0.96
N THR A 268 10.01 -87.48 1.07
CA THR A 268 8.63 -87.99 1.17
C THR A 268 7.99 -87.52 2.47
N GLU A 269 8.61 -87.87 3.60
CA GLU A 269 8.05 -87.60 4.93
C GLU A 269 7.96 -86.11 5.29
N VAL A 270 8.56 -85.24 4.48
CA VAL A 270 8.25 -83.82 4.61
C VAL A 270 6.76 -83.66 4.27
N GLN A 271 6.38 -83.96 3.02
CA GLN A 271 4.98 -83.88 2.58
C GLN A 271 4.04 -84.85 3.31
N ARG A 272 4.55 -86.04 3.67
CA ARG A 272 3.75 -87.04 4.35
C ARG A 272 3.23 -86.51 5.68
N ALA A 273 4.16 -86.07 6.53
CA ALA A 273 3.79 -85.43 7.79
C ALA A 273 2.90 -84.20 7.54
N ILE A 274 3.24 -83.40 6.53
CA ILE A 274 2.57 -82.12 6.25
C ILE A 274 1.03 -82.17 6.28
N LYS A 275 0.45 -83.11 5.55
CA LYS A 275 -1.00 -83.20 5.48
C LYS A 275 -1.54 -84.19 6.54
N SER A 276 -0.99 -84.12 7.75
CA SER A 276 -1.42 -84.98 8.85
C SER A 276 -1.07 -84.42 10.24
N LYS A 277 -1.76 -83.35 10.63
CA LYS A 277 -1.53 -82.70 11.92
C LYS A 277 -2.71 -81.83 12.36
N GLU A 282 0.45 -75.26 13.56
CA GLU A 282 0.99 -75.68 14.84
C GLU A 282 1.82 -76.96 14.67
N TYR A 283 2.95 -76.81 13.99
CA TYR A 283 3.91 -77.91 13.80
C TYR A 283 5.18 -77.28 13.25
N CYS A 284 6.04 -76.89 14.19
CA CYS A 284 7.23 -76.15 13.86
C CYS A 284 8.25 -76.32 14.97
N ASN A 285 9.53 -76.26 14.62
CA ASN A 285 10.58 -76.32 15.63
C ASN A 285 10.59 -75.02 16.42
N MET A 286 9.95 -75.05 17.59
CA MET A 286 9.78 -73.85 18.41
C MET A 286 11.14 -73.32 18.88
N SER A 287 12.03 -74.26 19.20
CA SER A 287 13.36 -73.93 19.72
C SER A 287 14.26 -73.31 18.65
N GLU A 288 13.90 -73.45 17.39
CA GLU A 288 14.73 -72.91 16.32
C GLU A 288 14.08 -71.83 15.47
N ASN A 289 12.91 -71.37 15.89
CA ASN A 289 12.17 -70.34 15.17
C ASN A 289 11.98 -70.68 13.71
N ARG A 290 11.56 -71.90 13.42
CA ARG A 290 11.30 -72.27 12.05
C ARG A 290 10.33 -73.42 11.96
N LEU A 291 10.25 -73.99 10.77
CA LEU A 291 9.43 -75.15 10.51
C LEU A 291 10.25 -76.40 10.76
N LEU A 292 9.61 -77.51 11.05
CA LEU A 292 10.40 -78.69 11.36
C LEU A 292 11.22 -79.15 10.16
N TRP A 293 10.72 -78.87 8.96
CA TRP A 293 11.36 -79.34 7.74
C TRP A 293 11.90 -78.20 6.88
N SER A 294 13.12 -78.38 6.38
CA SER A 294 13.63 -77.52 5.33
C SER A 294 13.32 -78.20 4.01
N CYS A 295 13.43 -77.45 2.92
CA CYS A 295 13.03 -77.93 1.59
C CYS A 295 11.60 -78.41 1.62
N ILE A 296 10.68 -77.49 1.88
CA ILE A 296 9.27 -77.82 1.90
C ILE A 296 8.72 -77.67 0.48
N SER A 297 7.92 -78.65 0.06
CA SER A 297 7.38 -78.69 -1.29
C SER A 297 6.66 -77.40 -1.64
N VAL A 298 6.83 -76.94 -2.88
CA VAL A 298 6.20 -75.69 -3.32
C VAL A 298 4.67 -75.74 -3.20
N ASP A 299 4.11 -76.92 -3.44
CA ASP A 299 2.66 -77.11 -3.33
C ASP A 299 2.25 -77.32 -1.88
N ASP A 300 3.06 -78.10 -1.15
CA ASP A 300 2.77 -78.35 0.26
C ASP A 300 2.92 -77.10 1.10
N LEU A 301 3.60 -76.10 0.56
CA LEU A 301 3.62 -74.80 1.18
C LEU A 301 2.18 -74.33 1.38
N ASN A 302 1.40 -74.37 0.29
CA ASN A 302 0.03 -73.85 0.30
C ASN A 302 -0.89 -74.50 1.33
N VAL A 303 -0.74 -75.81 1.58
CA VAL A 303 -1.60 -76.48 2.56
C VAL A 303 -1.17 -76.09 3.97
N ILE A 304 0.14 -75.85 4.16
CA ILE A 304 0.61 -75.29 5.42
C ILE A 304 0.10 -73.86 5.51
N LEU A 305 0.33 -73.10 4.43
CA LEU A 305 -0.09 -71.70 4.32
C LEU A 305 -1.53 -71.54 4.73
N GLU A 306 -2.38 -72.41 4.18
CA GLU A 306 -3.81 -72.31 4.42
C GLU A 306 -4.15 -72.75 5.85
N ASN A 307 -3.47 -73.80 6.29
CA ASN A 307 -3.69 -74.34 7.59
C ASN A 307 -3.65 -73.20 8.58
N ALA A 308 -2.48 -72.59 8.69
CA ALA A 308 -2.22 -71.47 9.62
C ALA A 308 -3.23 -70.35 9.56
N THR A 309 -3.66 -69.97 8.35
CA THR A 309 -4.68 -68.96 8.17
C THR A 309 -5.88 -69.34 9.00
N ASN A 310 -6.37 -70.57 8.83
CA ASN A 310 -7.47 -71.03 9.64
C ASN A 310 -7.09 -71.00 11.13
N PHE A 311 -5.87 -71.44 11.46
CA PHE A 311 -5.39 -71.42 12.85
C PHE A 311 -5.49 -70.05 13.49
N LEU A 312 -5.15 -69.01 12.73
CA LEU A 312 -5.28 -67.67 13.18
C LEU A 312 -6.74 -67.51 13.55
N GLN A 313 -7.63 -67.78 12.60
CA GLN A 313 -9.07 -67.66 12.83
C GLN A 313 -9.59 -68.41 14.06
N ASN A 314 -9.08 -69.60 14.32
CA ASN A 314 -9.52 -70.37 15.46
C ASN A 314 -9.35 -69.60 16.77
N HIS A 318 -3.40 -66.61 24.47
CA HIS A 318 -3.60 -67.29 23.20
C HIS A 318 -2.90 -66.60 22.06
N ILE A 319 -2.83 -65.27 22.14
CA ILE A 319 -2.21 -64.49 21.10
C ILE A 319 -0.70 -64.63 21.15
N SER A 320 -0.18 -64.83 22.35
CA SER A 320 1.23 -64.96 22.54
C SER A 320 1.70 -66.15 21.75
N ALA A 321 1.06 -67.27 21.99
CA ALA A 321 1.41 -68.50 21.32
C ALA A 321 1.42 -68.42 19.82
N THR A 322 0.30 -67.99 19.25
CA THR A 322 0.14 -67.90 17.80
C THR A 322 1.25 -67.19 17.08
N LEU A 323 1.63 -66.04 17.61
CA LEU A 323 2.69 -65.27 17.03
C LEU A 323 3.93 -66.10 16.94
N LYS A 324 4.22 -66.79 18.02
CA LYS A 324 5.45 -67.60 18.08
C LYS A 324 5.56 -68.56 16.89
N CYS A 325 4.44 -69.21 16.56
CA CYS A 325 4.38 -70.06 15.39
C CYS A 325 4.53 -69.22 14.11
N LEU A 326 3.84 -68.10 14.07
CA LEU A 326 3.90 -67.18 12.94
C LEU A 326 5.34 -66.78 12.59
N VAL A 327 6.13 -66.49 13.62
CA VAL A 327 7.54 -66.19 13.44
C VAL A 327 8.26 -67.38 12.85
N CYS A 328 7.95 -68.56 13.37
CA CYS A 328 8.54 -69.81 12.90
C CYS A 328 8.28 -70.04 11.41
N LEU A 329 7.03 -69.85 11.02
CA LEU A 329 6.63 -70.11 9.65
C LEU A 329 7.31 -69.14 8.67
N TRP A 330 7.30 -67.85 9.00
CA TRP A 330 7.80 -66.86 8.05
C TRP A 330 9.31 -66.80 8.03
N SER A 331 9.94 -67.30 9.09
CA SER A 331 11.39 -67.38 9.08
C SER A 331 11.83 -68.46 8.11
N THR A 332 11.08 -69.56 8.04
CA THR A 332 11.43 -70.63 7.11
C THR A 332 11.18 -70.16 5.66
N ILE A 333 10.21 -69.29 5.46
CA ILE A 333 9.91 -68.79 4.12
C ILE A 333 11.12 -68.02 3.56
N ARG A 334 11.65 -67.09 4.36
CA ARG A 334 12.86 -66.37 3.98
C ARG A 334 13.99 -67.34 3.67
N LEU A 335 14.22 -68.27 4.61
CA LEU A 335 15.28 -69.27 4.52
C LEU A 335 15.25 -70.03 3.21
N GLU A 336 14.08 -70.56 2.89
CA GLU A 336 13.87 -71.33 1.68
C GLU A 336 14.09 -70.50 0.43
N GLY A 337 13.77 -69.22 0.53
CA GLY A 337 13.98 -68.30 -0.57
C GLY A 337 13.22 -68.72 -1.81
N LEU A 338 11.92 -68.92 -1.64
CA LEU A 338 11.03 -69.16 -2.77
C LEU A 338 10.67 -67.85 -3.46
N PRO A 339 10.53 -67.89 -4.78
CA PRO A 339 10.01 -66.73 -5.51
C PRO A 339 8.59 -66.41 -5.05
N LYS A 340 8.27 -65.14 -4.94
CA LYS A 340 6.97 -64.77 -4.48
C LYS A 340 5.86 -65.26 -5.37
N ASN A 341 4.78 -65.71 -4.75
CA ASN A 341 3.58 -66.04 -5.52
C ASN A 341 2.35 -65.56 -4.76
N LYS A 342 1.19 -65.58 -5.43
CA LYS A 342 -0.06 -65.12 -4.84
C LYS A 342 -0.36 -65.81 -3.49
N ASP A 343 -0.11 -67.11 -3.41
CA ASP A 343 -0.38 -67.88 -2.18
C ASP A 343 0.36 -67.34 -0.97
N ILE A 344 1.66 -67.11 -1.12
CA ILE A 344 2.45 -66.49 -0.06
C ILE A 344 1.91 -65.10 0.27
N LEU A 345 1.68 -64.30 -0.77
CA LEU A 345 1.28 -62.91 -0.61
C LEU A 345 -0.10 -62.76 -0.01
N ARG A 346 -0.99 -63.70 -0.32
CA ARG A 346 -2.31 -63.74 0.30
C ARG A 346 -2.16 -64.00 1.80
N GLN A 347 -1.29 -64.94 2.15
CA GLN A 347 -1.10 -65.31 3.55
C GLN A 347 -0.45 -64.15 4.28
N PHE A 348 0.52 -63.52 3.63
CA PHE A 348 1.21 -62.37 4.21
C PHE A 348 0.19 -61.31 4.56
N ASP A 349 -0.47 -60.78 3.54
CA ASP A 349 -1.51 -59.78 3.70
C ASP A 349 -2.45 -60.17 4.83
N CYS A 350 -2.79 -61.44 4.90
CA CYS A 350 -3.66 -61.92 5.96
C CYS A 350 -2.98 -61.93 7.33
N THR A 351 -1.74 -62.43 7.37
CA THR A 351 -1.00 -62.52 8.63
C THR A 351 -0.82 -61.15 9.24
N VAL A 352 -0.68 -60.14 8.39
CA VAL A 352 -0.44 -58.78 8.87
C VAL A 352 -1.73 -58.07 9.22
N ILE A 353 -2.86 -58.60 8.75
CA ILE A 353 -4.14 -58.05 9.17
C ILE A 353 -4.44 -58.64 10.55
N TYR A 354 -4.06 -59.90 10.73
CA TYR A 354 -4.24 -60.58 12.02
C TYR A 354 -3.49 -59.89 13.15
N ILE A 355 -2.21 -59.61 12.91
CA ILE A 355 -1.38 -58.97 13.91
C ILE A 355 -1.96 -57.61 14.29
N ASN A 356 -2.22 -56.80 13.28
CA ASN A 356 -2.73 -55.45 13.50
C ASN A 356 -3.99 -55.44 14.35
N SER A 357 -4.88 -56.39 14.08
CA SER A 357 -6.17 -56.45 14.73
C SER A 357 -6.07 -56.83 16.21
N ASN A 358 -4.99 -57.50 16.57
CA ASN A 358 -4.84 -57.98 17.93
C ASN A 358 -3.70 -57.31 18.69
N ILE A 359 -3.35 -56.10 18.32
CA ILE A 359 -2.30 -55.39 19.04
C ILE A 359 -2.74 -55.12 20.47
N LYS A 360 -3.96 -54.61 20.63
CA LYS A 360 -4.46 -54.27 21.96
C LYS A 360 -4.64 -55.55 22.77
N SER A 361 -4.74 -56.68 22.09
CA SER A 361 -4.86 -57.97 22.76
C SER A 361 -3.55 -58.41 23.39
N ILE A 362 -2.52 -57.56 23.30
CA ILE A 362 -1.20 -57.89 23.85
C ILE A 362 -0.97 -57.08 25.12
N ASN A 363 -0.52 -57.76 26.16
CA ASN A 363 -0.32 -57.15 27.47
C ASN A 363 1.08 -57.43 28.01
N ASP A 364 1.46 -58.70 28.06
CA ASP A 364 2.80 -59.08 28.50
C ASP A 364 3.86 -58.50 27.56
N GLU A 365 5.07 -58.34 28.08
CA GLU A 365 6.15 -57.83 27.26
C GLU A 365 6.87 -58.97 26.57
N SER A 366 6.42 -60.19 26.85
CA SER A 366 6.86 -61.37 26.12
C SER A 366 6.19 -61.40 24.75
N ALA A 367 4.89 -61.09 24.73
CA ALA A 367 4.15 -61.03 23.48
C ALA A 367 4.57 -59.80 22.69
N ALA A 368 5.02 -58.79 23.42
CA ALA A 368 5.49 -57.54 22.81
C ALA A 368 6.74 -57.80 21.99
N ALA A 369 7.69 -58.49 22.58
CA ALA A 369 8.93 -58.84 21.90
C ALA A 369 8.65 -59.77 20.72
N LEU A 370 7.75 -60.72 20.93
CA LEU A 370 7.36 -61.66 19.86
C LEU A 370 6.81 -60.89 18.67
N LEU A 371 6.03 -59.85 18.99
CA LEU A 371 5.42 -59.01 17.98
C LEU A 371 6.50 -58.29 17.18
N SER A 372 7.46 -57.69 17.88
CA SER A 372 8.49 -56.91 17.20
C SER A 372 9.29 -57.79 16.28
N GLU A 373 9.55 -59.01 16.73
CA GLU A 373 10.31 -59.96 15.95
C GLU A 373 9.56 -60.39 14.69
N LEU A 374 8.28 -60.72 14.84
CA LEU A 374 7.48 -61.11 13.68
C LEU A 374 7.41 -59.97 12.66
N LEU A 375 7.24 -58.74 13.15
CA LEU A 375 7.21 -57.57 12.28
C LEU A 375 8.56 -57.35 11.61
N GLY A 376 9.62 -57.71 12.30
CA GLY A 376 10.96 -57.61 11.75
C GLY A 376 11.23 -58.59 10.62
N VAL A 377 10.82 -59.83 10.79
CA VAL A 377 11.12 -60.84 9.79
C VAL A 377 10.24 -60.61 8.57
N LEU A 378 9.05 -60.06 8.81
CA LEU A 378 8.13 -59.74 7.73
C LEU A 378 8.61 -58.56 6.87
N SER A 379 9.24 -57.57 7.51
CA SER A 379 9.76 -56.41 6.79
C SER A 379 10.89 -56.83 5.86
N GLU A 380 11.67 -57.80 6.33
CA GLU A 380 12.76 -58.35 5.55
C GLU A 380 12.22 -59.09 4.32
N ILE A 381 11.06 -59.71 4.46
CA ILE A 381 10.43 -60.39 3.32
C ILE A 381 10.10 -59.36 2.24
N CYS A 382 9.54 -58.23 2.66
CA CYS A 382 9.17 -57.18 1.71
C CYS A 382 10.37 -56.65 0.94
N ILE A 383 11.53 -56.57 1.58
CA ILE A 383 12.72 -56.14 0.86
C ILE A 383 13.26 -57.24 -0.07
N ASP A 384 13.08 -58.51 0.29
CA ASP A 384 13.47 -59.62 -0.59
C ASP A 384 12.60 -59.65 -1.84
N TYR A 385 11.39 -59.11 -1.72
CA TYR A 385 10.36 -59.24 -2.74
C TYR A 385 10.05 -57.94 -3.48
N LYS A 386 10.76 -56.88 -3.14
CA LYS A 386 10.43 -55.55 -3.65
C LYS A 386 8.93 -55.28 -3.50
N GLU A 387 8.46 -55.19 -2.27
CA GLU A 387 7.05 -54.95 -1.98
C GLU A 387 6.89 -53.70 -1.12
N PRO A 388 6.88 -52.53 -1.77
CA PRO A 388 6.91 -51.26 -1.06
C PRO A 388 5.57 -50.96 -0.41
N LYS A 389 4.48 -51.18 -1.15
CA LYS A 389 3.15 -51.07 -0.56
C LYS A 389 3.10 -52.00 0.66
N ARG A 390 3.55 -53.24 0.48
CA ARG A 390 3.48 -54.22 1.55
C ARG A 390 4.38 -53.88 2.75
N LEU A 391 5.57 -53.33 2.49
CA LEU A 391 6.41 -52.87 3.60
C LEU A 391 5.77 -51.74 4.37
N SER A 392 5.10 -50.84 3.65
CA SER A 392 4.51 -49.68 4.30
C SER A 392 3.38 -50.07 5.24
N ASN A 393 2.81 -51.24 5.04
CA ASN A 393 1.84 -51.78 5.97
C ASN A 393 2.51 -52.25 7.28
N ILE A 394 3.74 -52.75 7.17
CA ILE A 394 4.49 -53.23 8.34
C ILE A 394 4.99 -52.06 9.17
N ILE A 395 5.28 -50.94 8.52
CA ILE A 395 5.56 -49.69 9.21
C ILE A 395 4.33 -49.24 9.99
N SER A 396 3.16 -49.42 9.38
CA SER A 396 1.91 -49.03 10.00
C SER A 396 1.67 -49.83 11.29
N VAL A 397 1.86 -51.14 11.22
CA VAL A 397 1.60 -51.99 12.38
C VAL A 397 2.56 -51.65 13.51
N LEU A 398 3.83 -51.45 13.17
CA LEU A 398 4.82 -51.02 14.16
C LEU A 398 4.39 -49.72 14.81
N PHE A 399 3.91 -48.77 14.01
CA PHE A 399 3.50 -47.49 14.55
C PHE A 399 2.35 -47.63 15.53
N ASN A 400 1.41 -48.50 15.19
CA ASN A 400 0.23 -48.72 16.01
C ASN A 400 0.56 -49.36 17.34
N ALA A 401 1.50 -50.30 17.31
CA ALA A 401 2.03 -50.85 18.56
C ALA A 401 2.65 -49.72 19.38
N SER A 402 3.42 -48.85 18.72
CA SER A 402 4.07 -47.75 19.43
C SER A 402 3.04 -46.90 20.16
N VAL A 403 1.83 -46.78 19.59
CA VAL A 403 0.78 -46.01 20.25
C VAL A 403 0.08 -46.82 21.35
N LEU A 404 -0.35 -48.03 21.01
CA LEU A 404 -1.10 -48.85 21.96
C LEU A 404 -0.24 -49.30 23.15
N PHE A 405 1.03 -49.62 22.89
CA PHE A 405 1.94 -50.05 23.95
C PHE A 405 2.49 -48.84 24.66
N LYS A 406 2.27 -47.68 24.06
CA LYS A 406 2.89 -46.47 24.54
C LYS A 406 4.41 -46.65 24.66
N SER A 407 5.05 -47.07 23.57
CA SER A 407 6.47 -47.39 23.59
C SER A 407 7.30 -46.56 22.65
N HIS A 408 8.29 -45.86 23.20
CA HIS A 408 9.22 -45.15 22.34
C HIS A 408 10.06 -46.12 21.50
N SER A 409 10.26 -47.34 22.00
CA SER A 409 11.07 -48.33 21.28
C SER A 409 10.43 -48.70 19.95
N PHE A 410 9.15 -49.01 19.98
CA PHE A 410 8.44 -49.28 18.72
C PHE A 410 8.44 -48.09 17.77
N LEU A 411 8.34 -46.89 18.32
CA LEU A 411 8.28 -45.69 17.47
C LEU A 411 9.63 -45.47 16.81
N LEU A 412 10.70 -45.62 17.59
CA LEU A 412 12.03 -45.55 17.01
C LEU A 412 12.18 -46.63 15.95
N LYS A 413 11.63 -47.81 16.21
CA LYS A 413 11.71 -48.87 15.22
C LYS A 413 10.88 -48.51 13.97
N THR A 414 9.76 -47.84 14.20
CA THR A 414 8.91 -47.39 13.11
C THR A 414 9.61 -46.35 12.22
N ALA A 415 10.09 -45.27 12.82
CA ALA A 415 10.86 -44.24 12.13
C ALA A 415 11.95 -44.83 11.24
N ASN A 416 12.74 -45.72 11.81
CA ASN A 416 13.87 -46.26 11.08
C ASN A 416 13.46 -47.12 9.89
N LEU A 417 12.38 -47.88 10.03
CA LEU A 417 11.92 -48.70 8.93
C LEU A 417 11.42 -47.81 7.81
N GLU A 418 10.77 -46.71 8.20
CA GLU A 418 10.36 -45.67 7.27
C GLU A 418 11.56 -45.16 6.49
N ILE A 419 12.59 -44.73 7.22
CA ILE A 419 13.83 -44.28 6.60
C ILE A 419 14.45 -45.35 5.72
N SER A 420 14.45 -46.58 6.18
CA SER A 420 15.00 -47.67 5.40
C SER A 420 14.38 -47.68 4.02
N ASN A 421 13.06 -47.77 4.01
CA ASN A 421 12.26 -47.77 2.81
C ASN A 421 12.58 -46.62 1.88
N VAL A 422 12.74 -45.46 2.48
CA VAL A 422 13.08 -44.27 1.74
C VAL A 422 14.39 -44.49 1.00
N LEU A 423 15.40 -45.00 1.71
CA LEU A 423 16.71 -45.20 1.12
C LEU A 423 16.67 -46.25 0.03
N ILE A 424 15.84 -47.26 0.26
CA ILE A 424 15.67 -48.34 -0.69
C ILE A 424 14.82 -47.92 -1.89
N SER A 425 13.68 -47.28 -1.65
CA SER A 425 12.80 -46.81 -2.74
C SER A 425 13.49 -45.78 -3.63
N ASN A 426 14.29 -44.90 -3.00
CA ASN A 426 15.12 -43.97 -3.73
C ASN A 426 14.31 -43.07 -4.64
N ASP A 427 13.19 -42.57 -4.15
CA ASP A 427 12.40 -41.68 -4.98
C ASP A 427 12.27 -40.34 -4.28
N SER A 428 13.19 -39.42 -4.59
CA SER A 428 13.21 -38.09 -3.98
C SER A 428 11.93 -37.29 -4.33
N LYS A 429 11.12 -37.82 -5.26
CA LYS A 429 9.82 -37.25 -5.54
C LYS A 429 8.79 -37.65 -4.46
N THR A 430 9.01 -38.77 -3.78
CA THR A 430 8.11 -39.28 -2.72
C THR A 430 8.16 -38.52 -1.39
N SER A 431 9.28 -37.82 -1.11
CA SER A 431 9.62 -37.48 0.27
C SER A 431 8.58 -36.62 1.00
N HIS A 432 7.64 -36.02 0.27
CA HIS A 432 6.56 -35.27 0.93
C HIS A 432 5.83 -36.28 1.83
N ARG A 433 5.58 -37.47 1.29
CA ARG A 433 4.93 -38.56 2.03
C ARG A 433 5.62 -38.82 3.37
N THR A 434 6.93 -38.93 3.34
CA THR A 434 7.69 -39.24 4.54
C THR A 434 7.54 -38.14 5.58
N ILE A 435 7.71 -36.90 5.15
CA ILE A 435 7.68 -35.77 6.06
C ILE A 435 6.33 -35.72 6.75
N LEU A 436 5.27 -36.02 6.00
CA LEU A 436 3.92 -36.00 6.56
C LEU A 436 3.73 -37.17 7.50
N LYS A 437 4.36 -38.30 7.18
CA LYS A 437 4.37 -39.47 8.08
C LYS A 437 5.08 -39.14 9.38
N PHE A 438 6.27 -38.56 9.25
CA PHE A 438 7.10 -38.25 10.41
C PHE A 438 6.41 -37.19 11.26
N GLU A 439 5.57 -36.38 10.62
CA GLU A 439 4.70 -35.51 11.38
C GLU A 439 3.84 -36.34 12.35
N LYS A 440 3.25 -37.43 11.88
CA LYS A 440 2.35 -38.19 12.74
C LYS A 440 3.13 -38.93 13.84
N PHE A 441 4.29 -39.50 13.49
CA PHE A 441 5.20 -40.10 14.49
C PHE A 441 5.52 -39.10 15.60
N ILE A 442 6.10 -37.96 15.21
CA ILE A 442 6.55 -36.96 16.15
C ILE A 442 5.42 -36.59 17.09
N SER A 443 4.25 -36.36 16.52
CA SER A 443 3.06 -36.10 17.30
C SER A 443 2.77 -37.21 18.31
N SER A 444 3.10 -38.46 17.97
CA SER A 444 2.74 -39.58 18.83
C SER A 444 3.78 -39.83 19.93
N ALA A 445 4.97 -39.25 19.76
CA ALA A 445 6.06 -39.45 20.72
C ALA A 445 5.68 -38.96 22.12
N GLN A 446 6.16 -39.69 23.13
CA GLN A 446 5.73 -39.56 24.52
C GLN A 446 6.24 -38.39 25.33
N SER A 447 7.22 -37.65 24.81
CA SER A 447 7.78 -36.55 25.59
C SER A 447 8.47 -35.61 24.64
N ALA A 448 8.97 -34.50 25.18
CA ALA A 448 9.60 -33.49 24.37
C ALA A 448 10.91 -34.01 23.81
N GLN A 449 11.70 -34.66 24.66
CA GLN A 449 12.96 -35.21 24.19
C GLN A 449 12.72 -36.31 23.17
N LYS A 450 11.67 -37.09 23.36
CA LYS A 450 11.40 -38.21 22.46
C LYS A 450 10.97 -37.72 21.07
N LYS A 451 10.24 -36.61 21.03
CA LYS A 451 9.87 -35.97 19.76
C LYS A 451 11.08 -35.45 19.01
N ILE A 452 11.98 -34.78 19.72
CA ILE A 452 13.22 -34.33 19.13
C ILE A 452 14.06 -35.50 18.62
N GLU A 453 13.93 -36.64 19.28
CA GLU A 453 14.69 -37.83 18.90
C GLU A 453 14.21 -38.39 17.58
N ILE A 454 12.89 -38.56 17.46
CA ILE A 454 12.25 -39.02 16.23
C ILE A 454 12.56 -38.05 15.10
N PHE A 455 12.65 -36.77 15.42
CA PHE A 455 12.85 -35.76 14.41
C PHE A 455 14.15 -35.96 13.70
N SER A 456 15.13 -36.45 14.43
CA SER A 456 16.49 -36.55 13.95
C SER A 456 16.70 -37.72 13.02
N CYS A 457 15.79 -38.69 13.07
CA CYS A 457 15.77 -39.75 12.12
C CYS A 457 15.37 -39.22 10.78
N LEU A 458 14.61 -38.14 10.74
CA LEU A 458 14.18 -37.60 9.49
C LEU A 458 15.08 -36.48 9.07
N PHE A 459 15.49 -35.64 9.99
CA PHE A 459 16.36 -34.55 9.63
C PHE A 459 17.76 -35.10 9.61
N ASN A 460 18.09 -35.71 8.48
CA ASN A 460 19.30 -36.53 8.32
C ASN A 460 19.77 -36.43 6.88
N VAL A 461 21.05 -36.12 6.69
CA VAL A 461 21.58 -35.87 5.37
C VAL A 461 21.43 -37.01 4.33
N TYR A 462 21.39 -38.30 4.74
CA TYR A 462 21.29 -39.35 3.73
C TYR A 462 19.88 -39.35 3.16
N CYS A 463 18.99 -38.61 3.79
CA CYS A 463 17.67 -38.39 3.21
C CYS A 463 17.70 -37.55 1.93
N MET A 464 18.80 -36.83 1.68
CA MET A 464 18.95 -36.09 0.43
C MET A 464 19.07 -36.99 -0.80
N LEU A 465 19.32 -38.28 -0.58
CA LEU A 465 19.46 -39.25 -1.67
C LEU A 465 20.36 -38.79 -2.81
N ARG A 466 21.48 -38.15 -2.45
CA ARG A 466 22.46 -37.64 -3.42
C ARG A 466 21.83 -36.69 -4.45
N ASN A 467 20.88 -35.89 -4.00
CA ASN A 467 20.22 -34.92 -4.85
C ASN A 467 21.04 -33.64 -4.93
N ASP A 468 21.32 -33.17 -6.14
CA ASP A 468 22.24 -32.06 -6.29
C ASP A 468 21.55 -30.78 -6.77
N THR A 469 20.33 -30.57 -6.31
CA THR A 469 19.59 -29.35 -6.64
C THR A 469 19.32 -28.54 -5.38
N LEU A 470 19.42 -27.21 -5.49
CA LEU A 470 18.97 -26.33 -4.41
C LEU A 470 17.46 -26.47 -4.20
N SER A 471 16.71 -26.67 -5.28
CA SER A 471 15.26 -26.79 -5.18
C SER A 471 14.84 -27.95 -4.28
N PHE A 472 15.50 -29.09 -4.39
CA PHE A 472 15.12 -30.20 -3.55
C PHE A 472 15.41 -30.00 -2.08
N VAL A 473 16.55 -29.44 -1.76
CA VAL A 473 16.93 -29.27 -0.38
C VAL A 473 16.14 -28.19 0.31
N PHE A 474 15.65 -27.22 -0.43
CA PHE A 474 14.83 -26.19 0.14
C PHE A 474 13.46 -26.76 0.41
N ASP A 475 12.97 -27.49 -0.56
CA ASP A 475 11.69 -28.14 -0.50
C ASP A 475 11.64 -29.10 0.67
N PHE A 476 12.69 -29.87 0.88
CA PHE A 476 12.76 -30.81 1.97
C PHE A 476 12.86 -30.14 3.31
N CYS A 477 13.65 -29.09 3.41
CA CYS A 477 13.85 -28.41 4.67
C CYS A 477 12.71 -27.55 5.13
N GLN A 478 12.01 -26.95 4.19
CA GLN A 478 10.92 -26.09 4.56
C GLN A 478 9.76 -26.90 5.04
N ASN A 479 9.51 -28.00 4.36
CA ASN A 479 8.43 -28.88 4.77
C ASN A 479 8.71 -29.55 6.11
N ALA A 480 9.97 -29.89 6.36
CA ALA A 480 10.38 -30.49 7.63
C ALA A 480 10.19 -29.45 8.73
N PHE A 481 10.33 -28.20 8.34
CA PHE A 481 10.14 -27.10 9.28
C PHE A 481 8.67 -26.90 9.63
N ILE A 482 7.87 -26.67 8.59
CA ILE A 482 6.44 -26.50 8.78
C ILE A 482 5.79 -27.68 9.49
N HIS A 483 6.03 -28.90 9.03
CA HIS A 483 5.23 -30.03 9.52
C HIS A 483 5.80 -30.75 10.74
N CYS A 484 7.09 -30.52 11.04
CA CYS A 484 7.79 -31.33 12.03
C CYS A 484 8.55 -30.51 13.06
N PHE A 485 9.43 -29.61 12.61
CA PHE A 485 10.29 -28.85 13.51
C PHE A 485 9.50 -28.02 14.49
N THR A 486 8.43 -27.39 14.02
CA THR A 486 7.60 -26.49 14.83
C THR A 486 6.87 -27.21 15.98
N ARG A 487 6.67 -28.51 15.82
CA ARG A 487 6.11 -29.36 16.87
C ARG A 487 7.10 -29.64 17.99
N LEU A 488 8.36 -29.28 17.81
CA LEU A 488 9.36 -29.62 18.82
C LEU A 488 9.40 -28.55 19.89
N LYS A 489 8.87 -27.39 19.57
CA LYS A 489 8.85 -26.27 20.49
C LYS A 489 10.22 -26.05 21.19
N ILE A 490 11.27 -25.82 20.40
CA ILE A 490 12.60 -25.60 20.97
C ILE A 490 12.98 -24.12 20.83
N THR A 491 13.68 -23.60 21.83
CA THR A 491 13.96 -22.17 21.90
C THR A 491 15.45 -21.89 21.91
N LYS A 492 16.26 -22.94 21.91
CA LYS A 492 17.71 -22.82 21.78
C LYS A 492 18.14 -23.61 20.54
N PHE A 493 19.23 -23.18 19.91
CA PHE A 493 19.83 -23.90 18.81
C PHE A 493 20.27 -25.34 19.19
N ILE A 494 19.69 -26.32 18.51
CA ILE A 494 20.13 -27.71 18.54
C ILE A 494 20.92 -27.98 17.27
N GLU A 495 22.20 -28.32 17.35
CA GLU A 495 22.88 -28.70 16.11
C GLU A 495 22.55 -30.13 15.71
N PHE A 496 21.57 -30.30 14.86
CA PHE A 496 21.06 -31.64 14.62
C PHE A 496 22.12 -32.59 14.10
N SER A 497 22.11 -33.79 14.67
CA SER A 497 23.12 -34.81 14.37
C SER A 497 22.95 -35.40 12.99
N ASN A 498 24.07 -35.65 12.34
CA ASN A 498 24.11 -36.24 11.02
C ASN A 498 23.31 -35.49 9.98
N SER A 499 23.57 -34.20 9.87
CA SER A 499 22.93 -33.38 8.84
C SER A 499 23.95 -32.40 8.29
N SER A 500 23.71 -31.92 7.07
CA SER A 500 24.61 -30.99 6.42
C SER A 500 24.53 -29.58 6.93
N GLU A 501 25.50 -28.79 6.49
CA GLU A 501 25.55 -27.36 6.70
C GLU A 501 24.36 -26.72 6.02
N ILE A 502 24.12 -27.12 4.77
CA ILE A 502 23.03 -26.58 3.99
C ILE A 502 21.66 -26.82 4.66
N MET A 503 21.43 -28.05 5.10
CA MET A 503 20.19 -28.37 5.78
C MET A 503 19.98 -27.51 7.02
N LEU A 504 21.05 -27.31 7.80
CA LEU A 504 20.94 -26.50 9.02
C LEU A 504 20.63 -25.02 8.67
N SER A 505 21.21 -24.55 7.57
CA SER A 505 21.05 -23.16 7.15
C SER A 505 19.60 -22.82 6.73
N VAL A 506 19.04 -23.64 5.85
CA VAL A 506 17.66 -23.43 5.43
C VAL A 506 16.71 -23.64 6.61
N LEU A 507 16.94 -24.66 7.44
CA LEU A 507 16.01 -24.91 8.55
C LEU A 507 16.05 -23.81 9.62
N TYR A 508 17.22 -23.38 10.06
CA TYR A 508 17.25 -22.37 11.11
C TYR A 508 17.06 -20.97 10.54
N GLY A 509 17.37 -20.80 9.26
CA GLY A 509 17.05 -19.58 8.55
C GLY A 509 15.58 -19.25 8.69
N ASN A 510 14.72 -20.28 8.59
CA ASN A 510 13.28 -20.11 8.72
C ASN A 510 12.80 -20.00 10.16
N SER A 511 13.70 -20.22 11.11
CA SER A 511 13.30 -20.19 12.52
C SER A 511 13.46 -18.79 13.13
N SER A 512 12.86 -18.61 14.29
CA SER A 512 12.97 -17.36 15.02
C SER A 512 13.87 -17.52 16.23
N ILE A 513 14.59 -18.65 16.30
CA ILE A 513 15.49 -18.92 17.41
C ILE A 513 16.60 -17.90 17.41
N GLU A 514 16.94 -17.39 18.59
CA GLU A 514 17.80 -16.21 18.71
C GLU A 514 19.25 -16.39 18.23
N ASN A 515 20.05 -17.16 18.97
CA ASN A 515 21.49 -17.22 18.69
C ASN A 515 21.94 -18.48 17.93
N ILE A 516 21.77 -18.46 16.63
CA ILE A 516 22.29 -19.52 15.80
C ILE A 516 23.76 -19.26 15.48
N PRO A 517 24.62 -20.28 15.63
CA PRO A 517 26.04 -20.11 15.31
C PRO A 517 26.33 -20.17 13.81
N SER A 518 25.74 -19.27 13.04
CA SER A 518 25.82 -19.35 11.58
C SER A 518 27.24 -19.10 11.08
N GLU A 519 28.05 -18.41 11.86
CA GLU A 519 29.38 -18.04 11.39
C GLU A 519 30.29 -19.27 11.27
N ASN A 520 29.84 -20.41 11.78
CA ASN A 520 30.48 -21.69 11.52
C ASN A 520 30.44 -22.11 10.04
N TRP A 521 29.59 -21.46 9.25
CA TRP A 521 29.25 -21.97 7.91
C TRP A 521 30.00 -21.24 6.80
N SER A 522 30.15 -21.91 5.67
CA SER A 522 30.68 -21.24 4.48
C SER A 522 29.87 -19.98 4.16
N GLN A 523 30.49 -18.98 3.53
CA GLN A 523 29.82 -17.72 3.21
C GLN A 523 28.47 -17.93 2.54
N LEU A 524 28.42 -18.79 1.51
CA LEU A 524 27.19 -18.97 0.73
C LEU A 524 26.07 -19.57 1.57
N SER A 525 26.43 -20.34 2.59
CA SER A 525 25.45 -20.92 3.49
C SER A 525 24.92 -19.85 4.44
N ARG A 526 25.81 -18.98 4.89
CA ARG A 526 25.43 -17.87 5.73
C ARG A 526 24.58 -16.87 4.97
N MET A 527 24.84 -16.74 3.66
CA MET A 527 24.07 -15.81 2.81
C MET A 527 22.65 -16.26 2.66
N ILE A 528 22.43 -17.55 2.44
CA ILE A 528 21.06 -18.04 2.39
C ILE A 528 20.42 -17.79 3.76
N PHE A 529 21.16 -18.04 4.83
CA PHE A 529 20.66 -17.87 6.21
C PHE A 529 20.18 -16.45 6.51
N CYS A 530 21.03 -15.47 6.22
CA CYS A 530 20.70 -14.05 6.36
C CYS A 530 19.47 -13.63 5.58
N SER A 531 19.40 -14.10 4.34
CA SER A 531 18.29 -13.76 3.46
C SER A 531 17.00 -14.30 4.02
N LEU A 532 17.08 -15.49 4.63
CA LEU A 532 15.92 -16.12 5.23
C LEU A 532 15.50 -15.36 6.48
N ARG A 533 16.47 -14.80 7.18
CA ARG A 533 16.24 -14.21 8.51
C ARG A 533 15.91 -12.74 8.52
N GLY A 534 16.20 -12.04 7.43
CA GLY A 534 16.08 -10.60 7.39
C GLY A 534 17.13 -9.94 8.26
N ILE A 535 18.25 -10.61 8.47
CA ILE A 535 19.34 -10.06 9.27
C ILE A 535 20.62 -10.19 8.49
N PHE A 536 21.42 -9.15 8.44
CA PHE A 536 22.58 -9.16 7.56
C PHE A 536 23.86 -8.78 8.33
N ASP A 537 24.67 -9.78 8.62
CA ASP A 537 25.86 -9.62 9.48
C ASP A 537 27.18 -9.93 8.73
N LEU A 538 27.11 -10.11 7.41
CA LEU A 538 28.29 -10.42 6.62
C LEU A 538 29.03 -9.16 6.22
N ASP A 539 30.34 -9.13 6.44
CA ASP A 539 31.11 -7.99 5.99
C ASP A 539 31.13 -7.94 4.46
N PRO A 540 30.86 -6.76 3.88
CA PRO A 540 30.81 -6.62 2.42
C PRO A 540 32.13 -6.98 1.75
N LEU A 541 33.22 -6.49 2.31
CA LEU A 541 34.52 -6.73 1.73
C LEU A 541 34.84 -8.23 1.71
N GLU A 542 34.39 -8.94 2.73
CA GLU A 542 34.71 -10.36 2.83
C GLU A 542 33.81 -11.18 1.92
N LEU A 543 32.57 -10.76 1.70
CA LEU A 543 31.63 -11.60 0.93
C LEU A 543 32.18 -11.80 -0.49
N ASN A 544 32.85 -10.78 -1.02
CA ASN A 544 33.45 -10.90 -2.35
C ASN A 544 34.75 -11.74 -2.44
N ASN A 545 35.43 -11.95 -1.33
CA ASN A 545 36.80 -12.45 -1.40
C ASN A 545 37.00 -13.84 -0.76
N THR A 546 35.99 -14.35 -0.05
CA THR A 546 36.10 -15.75 0.33
C THR A 546 35.43 -16.60 -0.74
N PHE A 547 35.70 -17.90 -0.69
CA PHE A 547 35.27 -18.87 -1.68
C PHE A 547 35.55 -20.26 -1.09
N ASP A 548 34.61 -21.20 -1.25
CA ASP A 548 34.92 -22.60 -1.01
C ASP A 548 35.02 -23.27 -2.36
N LYS A 549 36.07 -24.07 -2.53
CA LYS A 549 36.30 -24.73 -3.81
C LYS A 549 35.22 -25.78 -4.06
N LEU A 550 34.89 -26.55 -3.04
CA LEU A 550 33.89 -27.60 -3.18
C LEU A 550 32.61 -27.24 -2.43
N HIS A 551 31.57 -26.87 -3.15
CA HIS A 551 30.30 -26.61 -2.50
C HIS A 551 29.18 -26.68 -3.51
N LEU A 552 28.07 -27.34 -3.16
CA LEU A 552 26.92 -27.38 -4.05
C LEU A 552 26.43 -25.95 -4.29
N LEU A 553 26.54 -25.11 -3.29
CA LEU A 553 26.00 -23.76 -3.38
C LEU A 553 26.77 -22.93 -4.40
N ASN A 554 27.94 -23.41 -4.81
CA ASN A 554 28.70 -22.68 -5.83
C ASN A 554 27.98 -22.73 -7.18
N LYS A 555 27.07 -23.68 -7.30
CA LYS A 555 26.29 -23.89 -8.51
C LYS A 555 25.18 -22.82 -8.61
N TYR A 556 24.94 -22.13 -7.49
CA TYR A 556 23.86 -21.17 -7.37
C TYR A 556 24.35 -19.85 -6.83
N GLU A 557 25.64 -19.58 -6.96
CA GLU A 557 26.25 -18.37 -6.41
C GLU A 557 25.69 -17.04 -6.82
N LEU A 558 25.36 -16.90 -8.07
CA LEU A 558 24.85 -15.63 -8.57
C LEU A 558 23.47 -15.37 -7.95
N LEU A 559 22.60 -16.37 -8.05
CA LEU A 559 21.28 -16.32 -7.45
C LEU A 559 21.35 -16.02 -5.95
N ILE A 560 22.20 -16.70 -5.22
CA ILE A 560 22.28 -16.49 -3.77
C ILE A 560 22.77 -15.08 -3.49
N ARG A 561 23.64 -14.61 -4.36
CA ARG A 561 24.28 -13.32 -4.19
C ARG A 561 23.30 -12.17 -4.44
N ILE A 562 22.42 -12.34 -5.42
CA ILE A 562 21.47 -11.27 -5.72
C ILE A 562 20.29 -11.33 -4.74
N VAL A 563 19.94 -12.51 -4.23
CA VAL A 563 18.88 -12.60 -3.22
C VAL A 563 19.36 -11.91 -1.97
N TYR A 564 20.65 -12.03 -1.71
CA TYR A 564 21.23 -11.43 -0.52
C TYR A 564 21.23 -9.90 -0.69
N LEU A 565 21.63 -9.41 -1.86
CA LEU A 565 21.71 -7.96 -2.08
C LEU A 565 20.32 -7.29 -2.06
N LEU A 566 19.35 -7.91 -2.75
CA LEU A 566 17.98 -7.46 -2.66
C LEU A 566 17.53 -7.26 -1.22
N ASN A 567 17.67 -8.32 -0.42
CA ASN A 567 17.19 -8.30 0.95
C ASN A 567 18.05 -7.40 1.83
N LEU A 568 19.33 -7.28 1.53
CA LEU A 568 20.20 -6.32 2.21
C LEU A 568 19.71 -4.87 1.99
N ASP A 569 19.53 -4.50 0.72
CA ASP A 569 18.92 -3.22 0.32
C ASP A 569 17.63 -2.92 1.08
N MET A 570 16.67 -3.82 0.98
CA MET A 570 15.40 -3.63 1.65
C MET A 570 15.63 -3.43 3.13
N SER A 571 16.52 -4.20 3.72
CA SER A 571 16.77 -4.07 5.14
C SER A 571 17.31 -2.71 5.51
N LYS A 572 18.06 -2.12 4.62
CA LYS A 572 18.61 -0.79 4.89
C LYS A 572 17.74 0.34 4.31
N HIS A 573 16.61 -0.03 3.71
CA HIS A 573 15.71 0.91 3.02
C HIS A 573 16.41 1.75 1.93
N LEU A 574 17.01 1.05 0.98
CA LEU A 574 17.68 1.66 -0.14
C LEU A 574 17.42 0.85 -1.43
N THR A 575 17.91 1.36 -2.54
CA THR A 575 17.68 0.74 -3.84
C THR A 575 19.00 0.68 -4.57
N THR A 576 20.06 0.95 -3.83
CA THR A 576 21.42 1.00 -4.32
C THR A 576 21.74 0.00 -5.35
N ASN A 577 21.39 -1.22 -5.05
CA ASN A 577 21.72 -2.33 -5.96
C ASN A 577 20.56 -2.88 -6.76
N LEU A 578 19.38 -2.28 -6.61
CA LEU A 578 18.16 -2.81 -7.22
C LEU A 578 18.30 -3.02 -8.72
N SER A 579 18.79 -2.00 -9.40
CA SER A 579 18.92 -2.03 -10.84
C SER A 579 20.02 -3.03 -11.30
N LYS A 580 21.20 -2.93 -10.68
CA LYS A 580 22.30 -3.90 -10.90
C LYS A 580 21.81 -5.34 -10.85
N ILE A 581 21.12 -5.73 -9.78
CA ILE A 581 20.73 -7.12 -9.61
C ILE A 581 19.49 -7.53 -10.41
N THR A 582 18.60 -6.61 -10.76
CA THR A 582 17.50 -6.98 -11.65
C THR A 582 18.05 -7.30 -13.03
N LYS A 583 19.10 -6.59 -13.43
CA LYS A 583 19.67 -6.86 -14.73
C LYS A 583 20.46 -8.15 -14.70
N LEU A 584 21.22 -8.33 -13.64
CA LEU A 584 21.97 -9.57 -13.43
C LEU A 584 21.07 -10.78 -13.50
N TYR A 585 19.95 -10.70 -12.80
CA TYR A 585 19.02 -11.81 -12.74
C TYR A 585 18.43 -12.10 -14.10
N ILE A 586 18.11 -11.06 -14.87
CA ILE A 586 17.52 -11.26 -16.18
C ILE A 586 18.52 -11.87 -17.16
N ASN A 587 19.77 -11.39 -17.16
CA ASN A 587 20.70 -11.81 -18.20
C ASN A 587 21.61 -12.97 -17.88
N LYS A 588 21.88 -13.21 -16.60
CA LYS A 588 22.81 -14.26 -16.21
C LYS A 588 22.15 -15.37 -15.40
N TRP A 589 20.89 -15.20 -15.04
CA TRP A 589 20.16 -16.32 -14.44
C TRP A 589 18.96 -16.71 -15.27
N LEU A 590 17.97 -15.84 -15.27
CA LEU A 590 16.70 -16.09 -15.94
C LEU A 590 16.89 -16.48 -17.39
N GLN A 591 17.89 -15.89 -18.04
CA GLN A 591 18.14 -16.13 -19.46
C GLN A 591 18.72 -17.51 -19.74
N LYS A 592 19.48 -18.03 -18.77
CA LYS A 592 20.08 -19.36 -18.83
C LYS A 592 19.14 -20.38 -18.19
N SER A 593 17.85 -20.10 -18.30
CA SER A 593 16.80 -20.99 -17.83
C SER A 593 16.92 -22.41 -18.38
N ASP A 594 17.13 -22.52 -19.69
CA ASP A 594 17.11 -23.83 -20.37
C ASP A 594 18.50 -24.50 -20.45
N GLU A 595 19.56 -23.71 -20.27
CA GLU A 595 20.87 -24.27 -19.92
C GLU A 595 20.77 -25.04 -18.60
N LYS A 596 20.32 -24.34 -17.57
CA LYS A 596 20.31 -24.88 -16.21
C LYS A 596 19.42 -26.13 -16.10
N ALA A 597 18.44 -26.25 -17.00
CA ALA A 597 17.52 -27.41 -17.09
C ALA A 597 17.17 -28.01 -15.75
N GLU A 598 16.61 -27.21 -14.85
CA GLU A 598 16.32 -27.65 -13.49
C GLU A 598 15.06 -26.96 -12.94
N ARG A 599 14.35 -27.70 -12.10
CA ARG A 599 13.23 -27.19 -11.34
C ARG A 599 13.63 -25.98 -10.50
N ILE A 600 12.70 -25.07 -10.34
CA ILE A 600 13.04 -23.83 -9.76
C ILE A 600 12.80 -23.94 -8.29
N SER A 601 13.73 -23.41 -7.52
CA SER A 601 13.62 -23.32 -6.08
C SER A 601 12.49 -22.46 -5.58
N SER A 602 12.07 -22.69 -4.35
CA SER A 602 11.08 -21.86 -3.76
C SER A 602 11.83 -20.67 -3.30
N PHE A 603 13.10 -20.86 -3.05
CA PHE A 603 13.96 -19.75 -2.69
C PHE A 603 13.99 -18.73 -3.83
N GLU A 604 14.01 -19.21 -5.07
CA GLU A 604 14.05 -18.30 -6.19
C GLU A 604 12.65 -17.72 -6.51
N MET A 605 11.62 -18.57 -6.46
CA MET A 605 10.23 -18.14 -6.56
C MET A 605 9.88 -16.98 -5.65
N ASP A 606 10.20 -17.13 -4.38
CA ASP A 606 9.93 -16.10 -3.39
C ASP A 606 10.74 -14.88 -3.67
N PHE A 607 11.94 -15.08 -4.22
CA PHE A 607 12.83 -13.98 -4.55
C PHE A 607 12.23 -13.08 -5.62
N VAL A 608 11.78 -13.71 -6.69
CA VAL A 608 11.20 -13.04 -7.83
C VAL A 608 9.97 -12.24 -7.42
N LYS A 609 9.10 -12.84 -6.63
CA LYS A 609 7.94 -12.13 -6.12
C LYS A 609 8.38 -10.90 -5.31
N MET A 610 9.38 -11.06 -4.46
CA MET A 610 9.87 -9.95 -3.66
C MET A 610 10.55 -8.85 -4.52
N LEU A 611 11.01 -9.23 -5.71
CA LEU A 611 11.79 -8.36 -6.58
C LEU A 611 10.87 -7.49 -7.42
N LEU A 612 9.86 -8.15 -7.99
CA LEU A 612 8.78 -7.49 -8.70
C LEU A 612 8.13 -6.45 -7.78
N CYS A 613 7.80 -6.88 -6.57
CA CYS A 613 7.20 -6.00 -5.59
C CYS A 613 8.10 -4.83 -5.18
N TYR A 614 9.41 -5.03 -5.11
CA TYR A 614 10.26 -3.91 -4.72
C TYR A 614 10.56 -3.01 -5.93
N LEU A 615 10.55 -3.58 -7.12
CA LEU A 615 10.67 -2.78 -8.33
C LEU A 615 9.45 -1.85 -8.46
N ASN A 616 8.28 -2.44 -8.35
CA ASN A 616 7.03 -1.74 -8.43
C ASN A 616 6.86 -0.64 -7.37
N PHE A 617 7.23 -0.94 -6.14
CA PHE A 617 7.14 0.04 -5.07
C PHE A 617 8.10 1.20 -5.29
N ASN A 618 9.17 0.98 -6.06
CA ASN A 618 10.13 2.04 -6.34
C ASN A 618 9.95 2.62 -7.74
N ASN A 619 8.88 2.17 -8.40
CA ASN A 619 8.51 2.64 -9.73
C ASN A 619 9.66 2.43 -10.72
N PHE A 620 10.23 1.23 -10.73
CA PHE A 620 11.29 0.92 -11.70
C PHE A 620 10.59 0.31 -12.90
N ASP A 621 9.56 0.99 -13.39
CA ASP A 621 8.57 0.39 -14.28
C ASP A 621 9.15 -0.24 -15.56
N LYS A 622 10.29 0.29 -16.05
CA LYS A 622 10.94 -0.23 -17.24
C LYS A 622 11.48 -1.64 -16.98
N LEU A 623 12.29 -1.74 -15.92
CA LEU A 623 12.82 -3.01 -15.44
C LEU A 623 11.67 -3.97 -15.12
N SER A 624 10.65 -3.47 -14.45
CA SER A 624 9.48 -4.29 -14.19
C SER A 624 8.92 -4.93 -15.47
N ILE A 625 8.77 -4.15 -16.54
CA ILE A 625 8.22 -4.68 -17.79
C ILE A 625 9.15 -5.73 -18.38
N GLU A 626 10.44 -5.45 -18.37
CA GLU A 626 11.39 -6.33 -19.01
C GLU A 626 11.52 -7.67 -18.25
N LEU A 627 11.59 -7.56 -16.92
CA LEU A 627 11.56 -8.71 -16.03
C LEU A 627 10.31 -9.53 -16.27
N SER A 628 9.15 -8.91 -16.11
CA SER A 628 7.87 -9.62 -16.25
C SER A 628 7.73 -10.33 -17.58
N LEU A 629 8.11 -9.64 -18.65
CA LEU A 629 8.01 -10.23 -19.98
C LEU A 629 8.95 -11.44 -20.04
N CYS A 630 10.14 -11.26 -19.51
CA CYS A 630 11.12 -12.33 -19.56
C CYS A 630 10.64 -13.58 -18.78
N ILE A 631 10.06 -13.38 -17.61
CA ILE A 631 9.43 -14.46 -16.83
C ILE A 631 8.36 -15.18 -17.64
N LYS A 632 7.42 -14.42 -18.19
CA LYS A 632 6.32 -14.97 -18.97
C LYS A 632 6.86 -15.61 -20.22
N SER A 633 8.14 -15.37 -20.50
CA SER A 633 8.80 -16.01 -21.61
C SER A 633 9.33 -17.39 -21.20
N LYS A 634 10.09 -17.45 -20.10
CA LYS A 634 10.61 -18.70 -19.56
C LYS A 634 9.52 -19.43 -18.78
N GLU A 635 8.34 -19.48 -19.36
CA GLU A 635 7.17 -20.16 -18.79
C GLU A 635 7.36 -21.66 -18.51
N LYS A 636 8.23 -22.31 -19.29
CA LYS A 636 8.56 -23.72 -19.09
C LYS A 636 8.97 -24.03 -17.65
N TYR A 637 9.46 -23.02 -16.95
CA TYR A 637 10.01 -23.19 -15.62
C TYR A 637 9.33 -22.32 -14.59
N TYR A 638 8.73 -21.23 -15.05
CA TYR A 638 8.26 -20.22 -14.11
C TYR A 638 6.77 -20.08 -14.16
N SER A 639 6.09 -21.12 -14.64
CA SER A 639 4.66 -21.04 -14.87
C SER A 639 3.91 -20.73 -13.58
N SER A 640 4.43 -21.20 -12.46
CA SER A 640 3.76 -21.03 -11.16
C SER A 640 3.76 -19.58 -10.71
N ILE A 641 4.72 -18.83 -11.23
CA ILE A 641 4.95 -17.47 -10.78
C ILE A 641 4.37 -16.45 -11.76
N VAL A 642 4.06 -16.89 -12.97
CA VAL A 642 3.53 -16.05 -14.05
C VAL A 642 2.27 -15.23 -13.68
N PRO A 643 1.40 -15.75 -12.80
CA PRO A 643 0.37 -14.85 -12.26
C PRO A 643 0.94 -13.55 -11.66
N TYR A 644 2.15 -13.62 -11.10
CA TYR A 644 2.75 -12.43 -10.53
C TYR A 644 3.33 -11.55 -11.62
N ALA A 645 3.90 -12.19 -12.64
CA ALA A 645 4.44 -11.40 -13.74
C ALA A 645 3.29 -10.67 -14.41
N ASP A 646 2.14 -11.32 -14.57
CA ASP A 646 1.01 -10.72 -15.25
C ASP A 646 0.44 -9.53 -14.48
N ASN A 647 0.16 -9.71 -13.18
CA ASN A 647 -0.29 -8.61 -12.33
C ASN A 647 0.71 -7.44 -12.34
N TYR A 648 1.99 -7.73 -12.23
CA TYR A 648 2.97 -6.66 -12.05
C TYR A 648 3.29 -5.97 -13.38
N LEU A 649 3.09 -6.68 -14.49
CA LEU A 649 3.25 -6.08 -15.80
C LEU A 649 2.15 -5.03 -16.02
N LEU A 650 0.94 -5.37 -15.55
CA LEU A 650 -0.22 -4.51 -15.65
C LEU A 650 0.00 -3.19 -14.88
N GLU A 651 0.44 -3.32 -13.63
CA GLU A 651 0.70 -2.15 -12.81
C GLU A 651 1.83 -1.29 -13.39
N ALA A 652 2.77 -1.91 -14.08
CA ALA A 652 3.88 -1.17 -14.67
C ALA A 652 3.44 -0.40 -15.91
N TYR A 653 2.64 -1.02 -16.76
CA TYR A 653 2.03 -0.31 -17.89
C TYR A 653 1.27 0.92 -17.40
N LEU A 654 0.42 0.72 -16.40
CA LEU A 654 -0.36 1.80 -15.80
C LEU A 654 0.55 2.89 -15.23
N SER A 655 1.57 2.52 -14.47
CA SER A 655 2.45 3.55 -13.91
C SER A 655 3.12 4.38 -15.02
N LEU A 656 3.32 3.77 -16.19
CA LEU A 656 3.93 4.50 -17.29
C LEU A 656 2.88 5.10 -18.25
N TYR A 657 1.62 5.11 -17.77
CA TYR A 657 0.45 5.57 -18.54
C TYR A 657 0.42 4.96 -19.95
N MET A 658 0.81 3.69 -20.03
CA MET A 658 0.66 2.95 -21.27
C MET A 658 -0.73 2.30 -21.25
N ILE A 659 -1.75 3.13 -21.42
CA ILE A 659 -3.10 2.65 -21.22
C ILE A 659 -3.46 1.59 -22.27
N ASP A 660 -2.94 1.77 -23.49
CA ASP A 660 -3.12 0.78 -24.55
C ASP A 660 -2.80 -0.64 -24.06
N ASP A 661 -1.58 -0.85 -23.58
CA ASP A 661 -1.16 -2.19 -23.21
C ASP A 661 -1.83 -2.68 -21.94
N ALA A 662 -2.09 -1.75 -21.03
CA ALA A 662 -2.83 -2.08 -19.82
C ALA A 662 -4.21 -2.66 -20.13
N LEU A 663 -4.88 -2.15 -21.15
CA LEU A 663 -6.23 -2.60 -21.43
C LEU A 663 -6.21 -3.99 -22.08
N MET A 664 -5.20 -4.25 -22.92
CA MET A 664 -5.02 -5.57 -23.50
C MET A 664 -4.82 -6.55 -22.37
N MET A 665 -4.00 -6.14 -21.44
CA MET A 665 -3.74 -6.88 -20.20
C MET A 665 -5.05 -7.15 -19.45
N LYS A 666 -5.84 -6.09 -19.20
CA LYS A 666 -7.09 -6.21 -18.45
C LYS A 666 -7.99 -7.32 -18.98
N ASN A 667 -8.39 -7.20 -20.23
CA ASN A 667 -9.47 -8.04 -20.74
C ASN A 667 -9.01 -9.44 -21.04
N GLN A 668 -7.71 -9.63 -21.26
CA GLN A 668 -7.19 -10.99 -21.40
C GLN A 668 -7.32 -11.68 -20.04
N LEU A 669 -6.67 -11.10 -19.03
CA LEU A 669 -6.73 -11.61 -17.66
C LEU A 669 -8.14 -11.97 -17.19
N GLN A 670 -9.10 -11.06 -17.41
CA GLN A 670 -10.48 -11.27 -16.97
C GLN A 670 -11.08 -12.55 -17.53
N LYS A 671 -10.87 -12.81 -18.82
CA LYS A 671 -11.46 -13.99 -19.43
C LYS A 671 -10.66 -15.24 -19.11
N THR A 672 -9.33 -15.12 -19.12
CA THR A 672 -8.45 -16.28 -19.06
C THR A 672 -8.31 -16.97 -17.69
N MET A 673 -9.02 -16.47 -16.67
CA MET A 673 -8.92 -17.06 -15.33
C MET A 673 -10.23 -16.98 -14.56
N ASN A 674 -10.67 -18.13 -14.03
CA ASN A 674 -11.91 -18.18 -13.27
C ASN A 674 -11.61 -17.98 -11.78
N LEU A 675 -12.52 -17.30 -11.09
CA LEU A 675 -12.33 -16.92 -9.70
C LEU A 675 -12.89 -17.96 -8.76
N SER A 676 -13.96 -18.61 -9.18
CA SER A 676 -14.62 -19.58 -8.32
C SER A 676 -13.67 -20.67 -7.87
N THR A 677 -12.64 -20.95 -8.68
CA THR A 677 -11.71 -22.01 -8.30
C THR A 677 -10.33 -21.47 -7.96
N ALA A 678 -10.07 -20.21 -8.27
CA ALA A 678 -8.77 -19.62 -7.93
C ALA A 678 -8.60 -19.59 -6.41
N LYS A 679 -7.43 -19.98 -5.93
CA LYS A 679 -7.17 -19.89 -4.50
C LYS A 679 -7.12 -18.42 -4.12
N ILE A 680 -7.30 -18.14 -2.83
CA ILE A 680 -7.51 -16.78 -2.35
C ILE A 680 -6.33 -15.89 -2.66
N GLU A 681 -5.14 -16.47 -2.75
CA GLU A 681 -3.96 -15.67 -3.05
C GLU A 681 -3.94 -15.20 -4.50
N GLN A 682 -4.31 -16.09 -5.42
CA GLN A 682 -4.33 -15.71 -6.82
C GLN A 682 -5.47 -14.74 -7.13
N ALA A 683 -6.57 -14.90 -6.41
CA ALA A 683 -7.75 -14.05 -6.60
C ALA A 683 -7.47 -12.65 -6.09
N LEU A 684 -6.76 -12.57 -4.96
CA LEU A 684 -6.34 -11.29 -4.44
C LEU A 684 -5.44 -10.62 -5.46
N LEU A 685 -4.57 -11.42 -6.07
CA LEU A 685 -3.63 -10.88 -7.03
C LEU A 685 -4.32 -10.36 -8.28
N HIS A 686 -5.23 -11.15 -8.82
CA HIS A 686 -6.01 -10.75 -9.97
C HIS A 686 -6.81 -9.45 -9.68
N ALA A 687 -7.49 -9.43 -8.53
CA ALA A 687 -8.39 -8.33 -8.20
C ALA A 687 -7.62 -7.04 -7.94
N SER A 688 -6.49 -7.15 -7.25
CA SER A 688 -5.73 -5.97 -6.90
C SER A 688 -5.28 -5.21 -8.16
N SER A 689 -4.97 -5.94 -9.22
CA SER A 689 -4.43 -5.31 -10.41
C SER A 689 -5.50 -4.56 -11.21
N LEU A 690 -6.74 -4.96 -11.02
CA LEU A 690 -7.84 -4.40 -11.79
C LEU A 690 -8.42 -3.13 -11.18
N ILE A 691 -7.76 -2.58 -10.17
CA ILE A 691 -8.40 -1.53 -9.42
C ILE A 691 -8.20 -0.14 -10.04
N ASN A 692 -7.00 0.15 -10.56
CA ASN A 692 -6.64 1.43 -11.20
C ASN A 692 -7.73 2.19 -12.02
N VAL A 693 -7.86 3.50 -11.81
CA VAL A 693 -8.90 4.30 -12.48
C VAL A 693 -8.73 4.29 -13.99
N HIS A 694 -7.51 4.47 -14.42
CA HIS A 694 -7.20 4.46 -15.83
C HIS A 694 -7.53 3.16 -16.51
N LEU A 695 -8.01 2.20 -15.76
CA LEU A 695 -8.44 0.94 -16.33
C LEU A 695 -9.91 0.97 -16.71
N TRP A 696 -10.54 2.07 -16.37
CA TRP A 696 -11.91 2.28 -16.76
C TRP A 696 -11.90 3.51 -17.70
N ASP A 697 -12.95 4.30 -17.72
CA ASP A 697 -12.93 5.49 -18.57
C ASP A 697 -13.88 6.40 -17.93
N SER A 698 -13.51 6.79 -16.72
CA SER A 698 -14.28 7.64 -15.85
C SER A 698 -15.66 7.03 -15.73
N ASP A 699 -15.74 5.76 -15.38
CA ASP A 699 -17.01 5.12 -15.30
C ASP A 699 -17.17 4.64 -13.92
N LEU A 700 -17.45 5.56 -13.03
CA LEU A 700 -17.64 5.20 -11.66
C LEU A 700 -18.71 4.16 -11.56
N THR A 701 -19.66 4.16 -12.47
CA THR A 701 -20.74 3.20 -12.41
C THR A 701 -20.24 1.80 -12.61
N ALA A 702 -19.55 1.57 -13.71
CA ALA A 702 -19.04 0.27 -14.01
C ALA A 702 -18.11 -0.23 -12.93
N PHE A 703 -17.31 0.67 -12.41
CA PHE A 703 -16.38 0.33 -11.38
C PHE A 703 -17.14 -0.15 -10.18
N GLN A 704 -18.10 0.62 -9.73
CA GLN A 704 -18.87 0.25 -8.54
C GLN A 704 -19.62 -1.05 -8.75
N ILE A 705 -20.10 -1.30 -9.96
CA ILE A 705 -20.79 -2.55 -10.19
C ILE A 705 -19.83 -3.72 -10.00
N TYR A 706 -18.63 -3.56 -10.55
CA TYR A 706 -17.67 -4.65 -10.51
C TYR A 706 -17.21 -5.01 -9.11
N PHE A 707 -16.67 -4.02 -8.39
CA PHE A 707 -16.14 -4.25 -7.06
C PHE A 707 -17.22 -4.28 -5.97
N GLY A 708 -18.39 -3.71 -6.27
CA GLY A 708 -19.47 -3.61 -5.31
C GLY A 708 -20.52 -4.68 -5.46
N LYS A 709 -20.65 -5.27 -6.65
CA LYS A 709 -21.62 -6.34 -6.84
C LYS A 709 -20.98 -7.61 -7.42
N THR A 710 -20.50 -7.53 -8.65
CA THR A 710 -19.92 -8.68 -9.37
C THR A 710 -18.85 -9.44 -8.57
N LEU A 711 -17.77 -8.75 -8.24
CA LEU A 711 -16.65 -9.36 -7.53
C LEU A 711 -17.03 -9.95 -6.14
N PRO A 712 -17.83 -9.24 -5.33
CA PRO A 712 -18.27 -9.89 -4.08
C PRO A 712 -19.17 -11.10 -4.28
N ALA A 713 -19.84 -11.21 -5.43
CA ALA A 713 -20.76 -12.31 -5.69
C ALA A 713 -20.02 -13.60 -6.06
N MET A 714 -18.72 -13.46 -6.32
CA MET A 714 -17.95 -14.55 -6.86
C MET A 714 -16.78 -14.93 -6.01
N LYS A 715 -16.34 -14.01 -5.17
CA LYS A 715 -15.25 -14.31 -4.25
C LYS A 715 -15.46 -13.53 -2.96
N PRO A 716 -16.50 -13.91 -2.19
CA PRO A 716 -16.89 -13.20 -0.97
C PRO A 716 -15.72 -12.96 -0.02
N GLU A 717 -14.85 -13.95 0.09
CA GLU A 717 -13.77 -13.89 1.06
C GLU A 717 -12.77 -12.79 0.69
N LEU A 718 -12.93 -12.19 -0.49
CA LEU A 718 -12.12 -11.04 -0.87
C LEU A 718 -12.54 -9.85 -0.06
N PHE A 719 -13.69 -9.98 0.58
CA PHE A 719 -14.31 -8.88 1.29
C PHE A 719 -14.64 -9.26 2.73
N ASP A 720 -13.91 -10.24 3.26
CA ASP A 720 -14.12 -10.66 4.64
C ASP A 720 -13.14 -9.96 5.56
N ILE A 721 -13.37 -8.66 5.75
CA ILE A 721 -12.47 -7.83 6.52
C ILE A 721 -12.59 -8.08 8.01
N ASN A 722 -13.59 -8.88 8.40
CA ASN A 722 -13.71 -9.31 9.78
C ASN A 722 -13.10 -10.69 10.00
N ASN A 723 -12.53 -11.26 8.93
CA ASN A 723 -11.96 -12.61 8.91
C ASN A 723 -12.80 -13.70 9.61
N ASP A 724 -14.06 -13.79 9.25
CA ASP A 724 -14.92 -14.82 9.81
C ASP A 724 -14.49 -16.21 9.36
N HIS A 725 -13.98 -16.32 8.13
CA HIS A 725 -13.51 -17.62 7.62
C HIS A 725 -12.15 -17.97 8.18
N ASN A 726 -11.66 -17.10 9.06
CA ASN A 726 -10.36 -17.23 9.70
C ASN A 726 -9.24 -17.71 8.78
N LEU A 727 -8.84 -16.85 7.85
CA LEU A 727 -7.72 -17.16 6.97
C LEU A 727 -6.42 -17.04 7.75
N PRO A 728 -5.32 -17.60 7.24
CA PRO A 728 -4.02 -17.26 7.81
C PRO A 728 -3.85 -15.74 7.89
N MET A 729 -3.30 -15.23 8.98
CA MET A 729 -3.16 -13.79 9.20
C MET A 729 -2.53 -13.07 8.00
N SER A 730 -1.56 -13.72 7.35
CA SER A 730 -0.87 -13.12 6.20
C SER A 730 -1.79 -12.82 5.00
N LEU A 731 -2.77 -13.69 4.76
CA LEU A 731 -3.77 -13.49 3.73
C LEU A 731 -4.86 -12.54 4.20
N TYR A 732 -5.15 -12.57 5.49
CA TYR A 732 -6.18 -11.70 6.02
C TYR A 732 -5.71 -10.26 5.90
N ILE A 733 -4.43 -10.02 6.20
CA ILE A 733 -3.82 -8.70 6.01
C ILE A 733 -3.95 -8.28 4.54
N LYS A 734 -3.75 -9.22 3.64
CA LYS A 734 -3.79 -8.95 2.20
C LYS A 734 -5.21 -8.62 1.74
N VAL A 735 -6.22 -9.25 2.35
CA VAL A 735 -7.63 -8.94 2.09
C VAL A 735 -7.96 -7.48 2.48
N ILE A 736 -7.54 -7.09 3.69
CA ILE A 736 -7.80 -5.74 4.16
C ILE A 736 -7.12 -4.74 3.24
N LEU A 737 -5.89 -5.04 2.83
CA LEU A 737 -5.17 -4.18 1.90
C LEU A 737 -5.90 -4.06 0.55
N LEU A 738 -6.55 -5.13 0.10
CA LEU A 738 -7.31 -5.09 -1.13
C LEU A 738 -8.44 -4.07 -1.01
N ASN A 739 -9.16 -4.14 0.11
CA ASN A 739 -10.31 -3.30 0.33
C ASN A 739 -9.89 -1.85 0.57
N ILE A 740 -8.68 -1.67 1.11
CA ILE A 740 -8.13 -0.34 1.28
C ILE A 740 -7.90 0.27 -0.09
N LYS A 741 -7.30 -0.51 -0.97
CA LYS A 741 -7.01 -0.07 -2.33
C LYS A 741 -8.29 0.21 -3.11
N ILE A 742 -9.35 -0.56 -2.88
CA ILE A 742 -10.60 -0.32 -3.58
C ILE A 742 -11.16 1.04 -3.20
N PHE A 743 -11.25 1.30 -1.89
CA PHE A 743 -11.76 2.58 -1.39
C PHE A 743 -10.90 3.79 -1.76
N ASN A 744 -9.60 3.59 -1.90
CA ASN A 744 -8.69 4.64 -2.32
C ASN A 744 -8.93 5.06 -3.76
N GLU A 745 -9.15 4.10 -4.65
CA GLU A 745 -9.38 4.43 -6.04
C GLU A 745 -10.80 4.92 -6.25
N SER A 746 -11.69 4.43 -5.41
CA SER A 746 -13.07 4.86 -5.47
C SER A 746 -13.20 6.35 -5.11
N ALA A 747 -12.34 6.80 -4.21
CA ALA A 747 -12.25 8.21 -3.90
C ALA A 747 -11.84 9.01 -5.15
N LYS A 748 -10.82 8.52 -5.86
CA LYS A 748 -10.30 9.16 -7.06
C LYS A 748 -11.36 9.25 -8.15
N LEU A 749 -12.11 8.17 -8.34
CA LEU A 749 -13.15 8.16 -9.37
C LEU A 749 -14.27 9.14 -9.05
N ASN A 750 -14.80 9.04 -7.83
CA ASN A 750 -15.86 9.92 -7.34
C ASN A 750 -15.50 11.39 -7.50
N ILE A 751 -14.29 11.75 -7.07
CA ILE A 751 -13.87 13.14 -7.09
C ILE A 751 -13.59 13.63 -8.50
N LYS A 752 -13.07 12.76 -9.37
CA LYS A 752 -12.88 13.13 -10.77
C LYS A 752 -14.25 13.31 -11.43
N ALA A 753 -15.29 12.78 -10.78
CA ALA A 753 -16.65 12.89 -11.29
C ALA A 753 -17.51 13.86 -10.49
N GLY A 754 -16.89 14.84 -9.83
CA GLY A 754 -17.61 15.83 -9.06
C GLY A 754 -18.46 15.31 -7.88
N ASN A 755 -18.01 14.23 -7.25
CA ASN A 755 -18.67 13.69 -6.04
C ASN A 755 -17.82 13.88 -4.79
N VAL A 756 -17.71 15.12 -4.36
CA VAL A 756 -16.77 15.48 -3.32
C VAL A 756 -17.07 14.77 -2.04
N ILE A 757 -18.33 14.75 -1.63
CA ILE A 757 -18.70 14.18 -0.34
C ILE A 757 -18.35 12.70 -0.24
N SER A 758 -18.93 11.90 -1.12
CA SER A 758 -18.72 10.47 -1.07
C SER A 758 -17.23 10.13 -1.30
N ALA A 759 -16.52 10.92 -2.09
CA ALA A 759 -15.06 10.72 -2.21
C ALA A 759 -14.36 10.93 -0.87
N VAL A 760 -14.81 11.91 -0.11
CA VAL A 760 -14.26 12.15 1.23
C VAL A 760 -14.53 10.95 2.11
N ILE A 761 -15.75 10.43 2.05
CA ILE A 761 -16.14 9.28 2.87
C ILE A 761 -15.31 8.05 2.55
N ASP A 762 -15.16 7.75 1.26
CA ASP A 762 -14.35 6.63 0.80
C ASP A 762 -12.97 6.69 1.41
N CYS A 763 -12.24 7.75 1.07
CA CYS A 763 -10.95 8.08 1.66
C CYS A 763 -10.84 7.78 3.14
N ARG A 764 -11.90 8.10 3.88
CA ARG A 764 -11.88 7.94 5.33
C ARG A 764 -12.05 6.47 5.74
N LYS A 765 -12.78 5.72 4.94
CA LYS A 765 -12.88 4.28 5.15
C LYS A 765 -11.51 3.64 4.93
N ALA A 766 -10.83 4.09 3.87
CA ALA A 766 -9.52 3.60 3.53
C ALA A 766 -8.57 3.81 4.70
N GLN A 767 -8.66 4.97 5.32
CA GLN A 767 -7.79 5.28 6.45
C GLN A 767 -8.17 4.53 7.71
N ASN A 768 -9.47 4.28 7.89
CA ASN A 768 -9.89 3.55 9.07
C ASN A 768 -9.50 2.08 8.95
N LEU A 769 -9.55 1.55 7.75
CA LEU A 769 -9.17 0.18 7.55
C LEU A 769 -7.71 0.01 7.82
N ALA A 770 -6.93 1.01 7.47
CA ALA A 770 -5.50 0.95 7.66
C ALA A 770 -5.16 1.03 9.12
N LEU A 771 -6.00 1.68 9.89
CA LEU A 771 -5.72 1.79 11.29
C LEU A 771 -6.04 0.48 11.94
N SER A 772 -7.05 -0.20 11.45
CA SER A 772 -7.40 -1.48 12.00
C SER A 772 -6.46 -2.57 11.54
N LEU A 773 -5.83 -2.37 10.39
CA LEU A 773 -4.88 -3.31 9.86
C LEU A 773 -3.61 -3.28 10.67
N LEU A 774 -3.26 -2.13 11.20
CA LEU A 774 -2.09 -2.00 12.00
C LEU A 774 -2.30 -2.55 13.40
N LYS A 775 -3.53 -2.66 13.83
CA LYS A 775 -3.74 -3.15 15.17
C LYS A 775 -3.73 -4.66 15.23
N LYS A 776 -3.85 -5.30 14.09
CA LYS A 776 -3.77 -6.74 14.05
C LYS A 776 -2.42 -7.13 14.62
N LYS A 777 -2.37 -8.21 15.39
CA LYS A 777 -1.13 -8.66 16.02
C LYS A 777 0.08 -9.04 15.15
N ASN A 778 -0.14 -9.25 13.87
CA ASN A 778 0.87 -9.57 12.89
C ASN A 778 2.20 -8.84 12.95
N LYS A 779 3.24 -9.55 12.60
CA LYS A 779 4.53 -8.96 12.47
C LYS A 779 4.48 -8.72 10.98
N LEU A 780 4.02 -7.55 10.59
CA LEU A 780 3.85 -7.19 9.19
C LEU A 780 4.92 -7.63 8.22
N SER A 781 4.53 -8.31 7.15
CA SER A 781 5.50 -8.78 6.16
C SER A 781 5.96 -7.65 5.23
N GLN A 782 7.22 -7.67 4.83
CA GLN A 782 7.77 -6.66 3.95
C GLN A 782 6.83 -6.28 2.82
N GLY A 783 6.35 -7.26 2.07
CA GLY A 783 5.44 -7.00 0.95
C GLY A 783 4.17 -6.24 1.33
N SER A 784 3.58 -6.63 2.46
CA SER A 784 2.41 -5.95 2.94
C SER A 784 2.74 -4.59 3.56
N ARG A 785 3.93 -4.43 4.13
CA ARG A 785 4.28 -3.15 4.72
C ARG A 785 4.42 -2.10 3.63
N LEU A 786 4.99 -2.51 2.49
CA LEU A 786 5.19 -1.61 1.39
C LEU A 786 3.84 -1.29 0.76
N ALA A 787 2.97 -2.30 0.69
CA ALA A 787 1.62 -2.11 0.14
C ALA A 787 0.91 -1.01 0.90
N LEU A 788 0.96 -1.12 2.22
CA LEU A 788 0.31 -0.22 3.16
C LEU A 788 0.94 1.17 3.14
N LEU A 789 2.24 1.24 2.84
CA LEU A 789 2.91 2.53 2.72
C LEU A 789 2.38 3.27 1.50
N LYS A 790 2.31 2.56 0.38
CA LYS A 790 1.81 3.13 -0.86
C LYS A 790 0.36 3.59 -0.66
N SER A 791 -0.42 2.75 0.00
CA SER A 791 -1.84 3.03 0.21
C SER A 791 -2.12 4.17 1.17
N LEU A 792 -1.30 4.28 2.21
CA LEU A 792 -1.56 5.24 3.27
C LEU A 792 -1.16 6.62 2.85
N SER A 793 -0.09 6.71 2.06
CA SER A 793 0.37 7.99 1.57
C SER A 793 -0.60 8.48 0.50
N PHE A 794 -1.14 7.55 -0.27
CA PHE A 794 -2.11 7.84 -1.31
C PHE A 794 -3.34 8.51 -0.71
N SER A 795 -3.86 7.92 0.36
CA SER A 795 -5.10 8.44 0.93
C SER A 795 -4.88 9.82 1.56
N PHE A 796 -3.70 10.12 2.10
CA PHE A 796 -3.42 11.52 2.47
C PHE A 796 -3.38 12.47 1.26
N PHE A 797 -2.59 12.13 0.24
CA PHE A 797 -2.62 12.84 -1.03
C PHE A 797 -4.06 13.07 -1.51
N GLN A 798 -4.86 12.00 -1.56
CA GLN A 798 -6.21 12.12 -2.06
C GLN A 798 -7.08 13.07 -1.23
N LEU A 799 -7.04 12.93 0.09
CA LEU A 799 -7.86 13.75 0.97
C LEU A 799 -7.49 15.23 0.84
N ILE A 800 -6.19 15.51 0.86
CA ILE A 800 -5.71 16.86 0.68
C ILE A 800 -6.14 17.41 -0.68
N LYS A 801 -5.94 16.64 -1.74
CA LYS A 801 -6.40 17.05 -3.06
C LYS A 801 -7.91 17.32 -3.04
N ILE A 802 -8.70 16.53 -2.34
CA ILE A 802 -10.14 16.71 -2.39
C ILE A 802 -10.53 18.03 -1.70
N HIS A 803 -9.80 18.37 -0.65
CA HIS A 803 -10.07 19.58 0.10
C HIS A 803 -9.47 20.84 -0.55
N ILE A 804 -8.47 20.67 -1.40
CA ILE A 804 -7.96 21.76 -2.22
C ILE A 804 -9.00 22.10 -3.27
N ARG A 805 -9.53 21.07 -3.90
CA ARG A 805 -10.59 21.26 -4.89
C ARG A 805 -11.75 22.10 -4.36
N ILE A 806 -12.16 21.91 -3.11
CA ILE A 806 -13.27 22.71 -2.61
C ILE A 806 -12.80 23.90 -1.79
N GLY A 807 -11.49 24.15 -1.81
CA GLY A 807 -10.89 25.33 -1.19
C GLY A 807 -10.75 25.36 0.32
N SER A 808 -11.03 24.25 0.99
CA SER A 808 -10.97 24.22 2.44
C SER A 808 -9.55 24.21 3.00
N ALA A 809 -8.98 25.39 3.21
CA ALA A 809 -7.69 25.52 3.88
C ALA A 809 -7.68 24.79 5.22
N ARG A 810 -8.78 24.88 5.97
CA ARG A 810 -8.83 24.31 7.32
C ARG A 810 -8.47 22.82 7.35
N ASP A 811 -9.05 22.05 6.44
CA ASP A 811 -8.84 20.60 6.46
C ASP A 811 -7.51 20.24 5.85
N CYS A 812 -7.04 21.07 4.93
CA CYS A 812 -5.77 20.83 4.27
C CYS A 812 -4.63 20.99 5.26
N GLU A 813 -4.73 22.04 6.06
CA GLU A 813 -3.73 22.25 7.10
C GLU A 813 -3.69 21.06 8.03
N PHE A 814 -4.86 20.53 8.39
CA PHE A 814 -4.91 19.43 9.34
C PHE A 814 -4.22 18.19 8.79
N TYR A 815 -4.59 17.84 7.56
CA TYR A 815 -4.10 16.64 6.94
C TYR A 815 -2.62 16.75 6.61
N SER A 816 -2.23 17.91 6.08
CA SER A 816 -0.85 18.11 5.69
C SER A 816 0.03 18.02 6.92
N LYS A 817 -0.48 18.52 8.03
CA LYS A 817 0.23 18.36 9.29
C LYS A 817 0.33 16.89 9.75
N GLU A 818 -0.75 16.13 9.61
CA GLU A 818 -0.70 14.73 9.99
C GLU A 818 0.29 14.00 9.12
N LEU A 819 0.27 14.29 7.82
CA LEU A 819 1.12 13.57 6.88
C LEU A 819 2.58 13.90 7.15
N SER A 820 2.85 15.18 7.34
CA SER A 820 4.20 15.66 7.56
C SER A 820 4.84 14.92 8.75
N ARG A 821 4.06 14.82 9.81
CA ARG A 821 4.46 14.16 11.04
C ARG A 821 4.92 12.73 10.79
N ILE A 822 4.07 11.97 10.12
CA ILE A 822 4.36 10.58 9.76
C ILE A 822 5.63 10.45 8.92
N ILE A 823 5.75 11.21 7.85
CA ILE A 823 6.91 11.17 7.00
C ILE A 823 8.19 11.16 7.77
N SER A 824 8.26 12.06 8.73
CA SER A 824 9.43 12.27 9.56
C SER A 824 10.03 11.02 10.12
N ASP A 825 9.20 10.17 10.70
CA ASP A 825 9.71 8.96 11.30
C ASP A 825 9.91 7.85 10.30
N LEU A 826 9.41 8.03 9.10
CA LEU A 826 9.58 7.01 8.09
C LEU A 826 10.98 7.00 7.53
N GLU A 827 11.32 5.96 6.79
CA GLU A 827 12.62 5.90 6.18
C GLU A 827 12.62 5.47 4.72
N GLU A 828 11.52 5.03 4.14
CA GLU A 828 11.53 4.62 2.73
C GLU A 828 11.66 5.84 1.82
N PRO A 829 12.75 5.91 1.08
CA PRO A 829 13.06 7.10 0.28
C PRO A 829 12.01 7.45 -0.78
N ILE A 830 11.46 6.48 -1.45
CA ILE A 830 10.46 6.78 -2.45
C ILE A 830 9.20 7.34 -1.84
N ILE A 831 8.94 6.97 -0.61
CA ILE A 831 7.75 7.49 0.05
C ILE A 831 8.04 8.88 0.63
N VAL A 832 9.19 9.01 1.27
CA VAL A 832 9.62 10.29 1.79
C VAL A 832 9.72 11.32 0.68
N TYR A 833 10.32 10.95 -0.45
CA TYR A 833 10.42 11.89 -1.56
C TYR A 833 9.04 12.31 -2.06
N ARG A 834 8.20 11.35 -2.43
CA ARG A 834 6.89 11.65 -2.99
C ARG A 834 6.07 12.53 -2.07
N CYS A 835 6.15 12.29 -0.77
CA CYS A 835 5.38 13.09 0.17
C CYS A 835 5.92 14.52 0.23
N LEU A 836 7.25 14.66 0.23
CA LEU A 836 7.83 15.99 0.25
C LEU A 836 7.52 16.75 -1.05
N HIS A 837 7.40 16.03 -2.17
CA HIS A 837 7.08 16.63 -3.45
C HIS A 837 5.68 17.15 -3.41
N PHE A 838 4.79 16.36 -2.82
CA PHE A 838 3.39 16.74 -2.66
C PHE A 838 3.21 17.93 -1.71
N LEU A 839 3.83 17.86 -0.53
CA LEU A 839 3.68 18.92 0.44
C LEU A 839 4.21 20.23 -0.15
N HIS A 840 5.25 20.12 -0.95
CA HIS A 840 5.84 21.29 -1.53
C HIS A 840 4.84 21.98 -2.47
N ARG A 841 4.18 21.20 -3.33
CA ARG A 841 3.12 21.74 -4.17
C ARG A 841 2.03 22.37 -3.29
N TYR A 842 1.74 21.73 -2.17
CA TYR A 842 0.68 22.22 -1.32
C TYR A 842 1.08 23.58 -0.72
N TYR A 843 2.34 23.74 -0.38
CA TYR A 843 2.80 24.98 0.24
C TYR A 843 2.84 26.08 -0.80
N MET A 844 2.97 25.68 -2.05
CA MET A 844 2.87 26.63 -3.15
C MET A 844 1.45 27.15 -3.29
N ILE A 845 0.48 26.23 -3.38
CA ILE A 845 -0.93 26.59 -3.46
C ILE A 845 -1.38 27.48 -2.29
N THR A 846 -0.99 27.16 -1.07
CA THR A 846 -1.40 27.97 0.08
C THR A 846 -0.43 29.13 0.30
N GLU A 847 0.57 29.22 -0.57
CA GLU A 847 1.49 30.34 -0.57
C GLU A 847 2.23 30.52 0.73
N GLN A 848 2.42 29.44 1.47
CA GLN A 848 3.20 29.52 2.69
C GLN A 848 4.66 29.47 2.29
N THR A 849 5.18 30.60 1.81
CA THR A 849 6.41 30.57 1.04
C THR A 849 7.64 30.09 1.82
N CYS A 850 7.61 30.13 3.15
CA CYS A 850 8.78 29.66 3.91
C CYS A 850 8.88 28.12 3.92
N LEU A 851 7.79 27.44 4.28
CA LEU A 851 7.70 26.00 4.23
C LEU A 851 7.95 25.50 2.81
N GLN A 852 7.48 26.29 1.86
CA GLN A 852 7.70 26.03 0.44
C GLN A 852 9.20 25.88 0.09
N ASN A 853 10.01 26.80 0.62
CA ASN A 853 11.46 26.74 0.48
C ASN A 853 12.06 25.56 1.21
N ILE A 854 11.65 25.37 2.45
CA ILE A 854 12.17 24.30 3.26
C ILE A 854 11.85 22.94 2.66
N THR A 855 10.64 22.76 2.13
CA THR A 855 10.30 21.42 1.65
C THR A 855 10.79 21.17 0.23
N LEU A 856 11.11 22.24 -0.50
CA LEU A 856 11.79 22.07 -1.78
C LEU A 856 13.21 21.58 -1.53
N GLY A 857 13.87 22.14 -0.52
CA GLY A 857 15.21 21.70 -0.14
C GLY A 857 15.22 20.25 0.33
N LYS A 858 14.26 19.93 1.21
CA LYS A 858 14.12 18.56 1.67
C LYS A 858 13.80 17.63 0.50
N ALA A 859 12.84 18.00 -0.35
CA ALA A 859 12.46 17.12 -1.47
C ALA A 859 13.64 16.84 -2.38
N ASN A 860 14.44 17.89 -2.63
CA ASN A 860 15.60 17.75 -3.50
C ASN A 860 16.66 16.85 -2.88
N LYS A 861 16.87 16.99 -1.58
CA LYS A 861 17.76 16.10 -0.84
C LYS A 861 17.28 14.67 -0.94
N ALA A 862 16.01 14.46 -0.60
CA ALA A 862 15.39 13.15 -0.62
C ALA A 862 15.57 12.43 -1.96
N PHE A 863 15.54 13.18 -3.05
CA PHE A 863 15.70 12.63 -4.41
C PHE A 863 17.03 11.91 -4.64
N ASP A 864 18.06 12.35 -3.92
CA ASP A 864 19.37 11.74 -4.03
C ASP A 864 19.35 10.25 -3.80
N TYR A 865 18.45 9.81 -2.93
CA TYR A 865 18.37 8.40 -2.53
C TYR A 865 17.56 7.60 -3.51
N LEU A 866 17.29 8.17 -4.68
CA LEU A 866 16.49 7.48 -5.68
C LEU A 866 17.36 7.18 -6.88
N ASP A 867 16.96 6.19 -7.67
CA ASP A 867 17.67 5.88 -8.90
C ASP A 867 17.02 6.71 -10.04
N ALA A 868 17.65 7.83 -10.36
CA ALA A 868 17.08 8.81 -11.28
C ALA A 868 16.78 8.20 -12.66
N GLU A 869 17.65 7.31 -13.14
CA GLU A 869 17.49 6.71 -14.46
C GLU A 869 16.44 5.59 -14.49
N ALA A 870 16.14 4.99 -13.34
CA ALA A 870 15.19 3.87 -13.32
C ALA A 870 13.74 4.31 -13.08
N ASP A 871 13.56 5.33 -12.22
CA ASP A 871 12.24 5.87 -11.89
C ASP A 871 11.91 7.18 -12.65
N ILE A 872 11.31 7.06 -13.83
CA ILE A 872 11.07 8.23 -14.67
C ILE A 872 9.98 9.14 -14.06
N THR A 873 8.99 8.55 -13.41
CA THR A 873 7.94 9.33 -12.80
C THR A 873 8.44 10.14 -11.59
N SER A 874 9.42 9.65 -10.83
CA SER A 874 10.03 10.49 -9.80
C SER A 874 10.97 11.55 -10.38
N LEU A 875 11.59 11.25 -11.52
CA LEU A 875 12.55 12.17 -12.15
C LEU A 875 11.83 13.38 -12.75
N THR A 876 10.74 13.12 -13.47
CA THR A 876 9.98 14.21 -14.05
C THR A 876 9.39 15.09 -12.95
N MET A 877 8.98 14.48 -11.83
CA MET A 877 8.55 15.27 -10.69
C MET A 877 9.68 16.14 -10.15
N PHE A 878 10.88 15.59 -10.13
CA PHE A 878 12.01 16.37 -9.64
C PHE A 878 12.33 17.51 -10.61
N LEU A 879 12.32 17.21 -11.91
CA LEU A 879 12.67 18.20 -12.94
C LEU A 879 11.67 19.34 -12.99
N TYR A 880 10.40 19.00 -12.86
CA TYR A 880 9.30 19.97 -12.73
C TYR A 880 9.48 20.92 -11.57
N ASP A 881 9.57 20.37 -10.37
CA ASP A 881 9.86 21.13 -9.16
C ASP A 881 11.00 22.11 -9.37
N ASN A 882 12.01 21.74 -10.14
CA ASN A 882 13.17 22.61 -10.23
C ASN A 882 13.23 23.44 -11.50
N LYS A 883 12.06 23.60 -12.16
CA LYS A 883 11.92 24.45 -13.35
C LYS A 883 12.66 23.97 -14.60
N GLU A 884 13.06 22.70 -14.64
CA GLU A 884 13.79 22.22 -15.82
C GLU A 884 12.87 21.51 -16.80
N PHE A 885 11.92 22.26 -17.33
CA PHE A 885 10.88 21.69 -18.16
C PHE A 885 11.48 21.16 -19.46
N VAL A 886 12.59 21.74 -19.86
CA VAL A 886 13.25 21.28 -21.08
C VAL A 886 13.82 19.88 -20.83
N LYS A 887 14.61 19.76 -19.75
CA LYS A 887 15.23 18.50 -19.38
C LYS A 887 14.14 17.45 -19.07
N LEU A 888 12.95 17.93 -18.72
CA LEU A 888 11.81 17.07 -18.38
C LEU A 888 11.22 16.34 -19.57
N GLU A 889 10.55 17.07 -20.47
CA GLU A 889 9.88 16.44 -21.63
C GLU A 889 10.87 15.69 -22.51
N GLN A 890 12.16 15.87 -22.26
CA GLN A 890 13.15 15.19 -23.06
C GLN A 890 13.81 13.98 -22.36
N SER A 891 13.74 13.91 -21.05
CA SER A 891 14.17 12.69 -20.37
C SER A 891 13.04 11.66 -20.49
N LEU A 892 11.85 12.14 -20.81
CA LEU A 892 10.76 11.25 -21.18
C LEU A 892 10.98 10.58 -22.53
N VAL A 893 11.71 11.23 -23.45
CA VAL A 893 12.00 10.55 -24.71
C VAL A 893 13.19 9.59 -24.54
N LEU A 894 14.13 9.91 -23.67
CA LEU A 894 15.26 9.00 -23.50
C LEU A 894 14.90 7.79 -22.65
N TYR A 895 13.68 7.75 -22.14
CA TYR A 895 13.26 6.67 -21.25
C TYR A 895 12.34 5.75 -22.01
N PHE A 896 11.50 6.30 -22.86
CA PHE A 896 10.63 5.46 -23.70
C PHE A 896 11.25 5.14 -25.06
N GLY A 897 12.23 5.94 -25.48
CA GLY A 897 12.88 5.73 -26.75
C GLY A 897 11.84 5.57 -27.85
N ASP A 898 11.87 4.42 -28.51
CA ASP A 898 10.95 4.15 -29.61
C ASP A 898 9.57 3.70 -29.16
N GLN A 899 9.39 3.53 -27.84
CA GLN A 899 8.08 3.20 -27.27
C GLN A 899 7.20 4.43 -26.98
N LEU A 900 7.69 5.63 -27.32
CA LEU A 900 7.05 6.90 -26.94
C LEU A 900 5.59 7.06 -27.40
N GLU A 901 5.17 6.16 -28.28
CA GLU A 901 3.91 6.25 -28.98
C GLU A 901 2.82 5.46 -28.24
N LYS A 902 3.17 4.77 -27.17
CA LYS A 902 2.18 3.93 -26.47
C LYS A 902 1.95 4.38 -25.02
N THR A 903 2.57 5.50 -24.67
CA THR A 903 2.40 6.16 -23.38
C THR A 903 1.81 7.58 -23.50
N PHE A 904 0.79 7.84 -22.69
CA PHE A 904 0.21 9.17 -22.56
C PHE A 904 1.04 10.04 -21.63
N LEU A 905 2.11 9.50 -21.08
CA LEU A 905 2.87 10.20 -20.06
C LEU A 905 3.52 11.51 -20.55
N PRO A 906 4.10 11.54 -21.76
CA PRO A 906 4.63 12.88 -22.11
C PRO A 906 3.54 13.94 -22.45
N ASN A 907 2.35 13.47 -22.85
CA ASN A 907 1.19 14.32 -23.04
C ASN A 907 0.51 14.75 -21.74
N LEU A 908 0.56 13.88 -20.73
CA LEU A 908 0.06 14.22 -19.41
C LEU A 908 0.89 15.36 -18.85
N TRP A 909 2.21 15.26 -19.02
CA TRP A 909 3.10 16.33 -18.58
C TRP A 909 2.91 17.62 -19.37
N LYS A 910 2.43 17.51 -20.60
CA LYS A 910 2.13 18.71 -21.37
C LYS A 910 0.96 19.43 -20.71
N LEU A 911 -0.10 18.69 -20.41
CA LEU A 911 -1.21 19.18 -19.60
C LEU A 911 -0.79 19.79 -18.24
N HIS A 912 0.20 19.22 -17.55
CA HIS A 912 0.61 19.85 -16.27
C HIS A 912 1.36 21.14 -16.49
N LEU A 913 1.94 21.30 -17.67
CA LEU A 913 2.75 22.46 -17.96
C LEU A 913 1.93 23.56 -18.63
N GLY A 914 0.62 23.33 -18.74
CA GLY A 914 -0.31 24.34 -19.19
C GLY A 914 -0.75 24.19 -20.63
N LYS A 915 0.01 23.46 -21.44
CA LYS A 915 -0.36 23.20 -22.83
C LYS A 915 -1.72 22.52 -22.91
N ASP A 916 -2.43 22.74 -24.01
CA ASP A 916 -3.57 21.91 -24.34
C ASP A 916 -3.18 21.14 -25.57
N ILE A 917 -3.65 19.92 -25.68
CA ILE A 917 -3.19 19.05 -26.74
C ILE A 917 -4.32 18.82 -27.71
N ASP A 918 -3.98 18.11 -28.78
CA ASP A 918 -4.93 17.72 -29.78
C ASP A 918 -5.98 16.83 -29.13
N ASP A 919 -7.24 17.16 -29.32
CA ASP A 919 -8.34 16.43 -28.68
C ASP A 919 -8.34 14.95 -29.06
N SER A 920 -7.97 14.67 -30.31
CA SER A 920 -7.94 13.31 -30.81
C SER A 920 -6.90 12.42 -30.13
N ILE A 921 -5.89 13.03 -29.50
CA ILE A 921 -4.82 12.26 -28.87
C ILE A 921 -4.83 12.41 -27.36
N CYS A 922 -5.89 13.04 -26.84
CA CYS A 922 -6.04 13.22 -25.39
C CYS A 922 -6.94 12.13 -24.83
N LEU A 923 -6.54 11.52 -23.72
CA LEU A 923 -7.40 10.55 -23.05
C LEU A 923 -8.69 11.21 -22.58
N SER A 924 -9.83 10.56 -22.81
CA SER A 924 -11.13 11.04 -22.29
C SER A 924 -11.04 11.54 -20.84
N GLU A 925 -10.34 10.77 -20.03
CA GLU A 925 -10.05 11.13 -18.66
C GLU A 925 -9.51 12.55 -18.47
N TYR A 926 -8.50 12.93 -19.24
CA TYR A 926 -7.79 14.18 -18.98
C TYR A 926 -8.27 15.29 -19.92
N MET A 927 -9.39 15.04 -20.57
CA MET A 927 -10.05 15.99 -21.44
C MET A 927 -10.49 17.29 -20.73
N PRO A 928 -10.96 17.20 -19.47
CA PRO A 928 -11.25 18.47 -18.81
C PRO A 928 -10.02 19.32 -18.50
N LYS A 929 -8.88 18.71 -18.19
CA LYS A 929 -7.69 19.51 -17.93
C LYS A 929 -7.31 20.14 -19.24
N ASN A 930 -7.52 19.38 -20.32
CA ASN A 930 -7.19 19.83 -21.66
C ASN A 930 -7.92 21.15 -22.02
N VAL A 931 -9.24 21.12 -21.94
CA VAL A 931 -10.06 22.29 -22.29
C VAL A 931 -9.77 23.49 -21.39
N ILE A 932 -9.65 23.25 -20.09
CA ILE A 932 -9.30 24.30 -19.14
C ILE A 932 -8.00 24.97 -19.55
N ASN A 933 -7.04 24.16 -19.98
CA ASN A 933 -5.80 24.71 -20.45
C ASN A 933 -5.99 25.51 -21.72
N ARG A 934 -6.86 25.01 -22.60
CA ARG A 934 -7.11 25.63 -23.88
C ARG A 934 -7.68 27.03 -23.70
N VAL A 935 -8.71 27.11 -22.84
CA VAL A 935 -9.29 28.38 -22.43
C VAL A 935 -8.22 29.38 -22.04
N HIS A 936 -7.36 29.02 -21.09
CA HIS A 936 -6.31 29.94 -20.67
C HIS A 936 -5.33 30.26 -21.80
N ASN A 937 -5.01 29.29 -22.63
CA ASN A 937 -4.11 29.53 -23.73
C ASN A 937 -4.74 30.44 -24.77
N MET A 938 -6.04 30.23 -24.96
CA MET A 938 -6.82 31.02 -25.89
C MET A 938 -6.88 32.47 -25.37
N TRP A 939 -7.10 32.62 -24.07
CA TRP A 939 -7.09 33.94 -23.45
C TRP A 939 -5.74 34.66 -23.59
N GLN A 940 -4.61 34.04 -23.22
CA GLN A 940 -3.32 34.74 -23.29
C GLN A 940 -3.07 35.24 -24.73
N LYS A 941 -3.54 34.47 -25.71
CA LYS A 941 -3.30 34.75 -27.11
C LYS A 941 -4.14 35.92 -27.60
N VAL A 942 -5.44 35.85 -27.32
CA VAL A 942 -6.34 36.89 -27.77
C VAL A 942 -6.04 38.18 -27.03
N MET A 943 -5.76 38.08 -25.74
CA MET A 943 -5.54 39.27 -24.96
C MET A 943 -4.25 39.94 -25.41
N SER A 944 -3.29 39.14 -25.83
CA SER A 944 -2.00 39.72 -26.15
C SER A 944 -2.01 40.32 -27.53
N GLN A 945 -2.79 39.74 -28.43
CA GLN A 945 -3.02 40.29 -29.78
C GLN A 945 -3.73 41.63 -29.72
N LEU A 946 -4.84 41.67 -29.01
CA LEU A 946 -5.60 42.90 -28.90
C LEU A 946 -4.71 43.97 -28.32
N GLU A 947 -3.87 43.57 -27.38
CA GLU A 947 -3.18 44.54 -26.55
C GLU A 947 -2.10 45.31 -27.29
N GLU A 948 -1.80 44.93 -28.53
CA GLU A 948 -0.79 45.66 -29.27
C GLU A 948 -1.44 46.58 -30.27
N ASP A 949 -2.76 46.65 -30.19
CA ASP A 949 -3.50 47.75 -30.78
C ASP A 949 -3.78 48.77 -29.66
N PRO A 950 -3.24 49.98 -29.81
CA PRO A 950 -3.47 51.08 -28.88
C PRO A 950 -4.93 51.23 -28.42
N PHE A 951 -5.87 51.04 -29.33
CA PHE A 951 -7.29 51.09 -28.98
C PHE A 951 -7.61 50.09 -27.86
N PHE A 952 -7.39 48.79 -28.08
CA PHE A 952 -7.71 47.82 -27.04
C PHE A 952 -6.80 47.93 -25.80
N LYS A 953 -5.54 48.29 -26.01
CA LYS A 953 -4.64 48.51 -24.90
C LYS A 953 -5.14 49.59 -23.96
N GLY A 954 -5.67 50.67 -24.53
CA GLY A 954 -6.23 51.76 -23.74
C GLY A 954 -7.52 51.35 -23.06
N MET A 955 -8.29 50.52 -23.72
CA MET A 955 -9.51 50.07 -23.17
C MET A 955 -9.27 49.22 -21.95
N PHE A 956 -8.21 48.45 -21.94
CA PHE A 956 -7.93 47.58 -20.77
C PHE A 956 -7.41 48.39 -19.59
N GLU A 957 -7.03 49.63 -19.84
CA GLU A 957 -6.59 50.54 -18.80
C GLU A 957 -7.64 51.57 -18.46
N SER A 958 -8.90 51.23 -18.72
CA SER A 958 -10.00 52.15 -18.52
C SER A 958 -11.05 51.48 -17.68
N THR A 959 -11.65 52.29 -16.84
CA THR A 959 -12.88 51.96 -16.18
C THR A 959 -13.89 51.53 -17.19
N LEU A 960 -14.37 50.32 -17.04
CA LEU A 960 -15.28 49.75 -17.99
C LEU A 960 -16.55 49.38 -17.30
N GLY A 961 -17.65 49.36 -18.03
CA GLY A 961 -18.91 49.04 -17.44
C GLY A 961 -19.85 48.30 -18.34
N ILE A 962 -20.95 47.85 -17.77
CA ILE A 962 -21.92 47.06 -18.48
C ILE A 962 -23.23 47.13 -17.73
N PRO A 963 -24.35 47.17 -18.40
CA PRO A 963 -24.56 47.90 -19.64
C PRO A 963 -24.26 49.36 -19.52
N SER A 964 -23.58 49.86 -20.52
CA SER A 964 -23.20 51.24 -20.53
C SER A 964 -23.86 51.95 -21.71
N SER A 965 -24.09 51.22 -22.78
CA SER A 965 -24.67 51.76 -23.98
C SER A 965 -25.94 51.01 -24.31
N LEU A 966 -26.90 51.73 -24.86
CA LEU A 966 -28.11 51.16 -25.39
C LEU A 966 -27.90 50.63 -26.78
N PRO A 967 -28.39 49.43 -27.05
CA PRO A 967 -28.22 48.84 -28.36
C PRO A 967 -29.19 49.36 -29.37
N VAL A 968 -29.06 48.92 -30.61
CA VAL A 968 -29.95 49.34 -31.67
C VAL A 968 -31.34 48.77 -31.47
N ILE A 969 -31.41 47.49 -31.14
CA ILE A 969 -32.66 46.81 -30.85
C ILE A 969 -32.43 45.84 -29.71
N GLN A 1008 -5.94 50.76 -37.74
CA GLN A 1008 -6.64 49.54 -37.35
C GLN A 1008 -5.61 48.42 -37.12
N LYS A 1009 -4.73 48.61 -36.14
CA LYS A 1009 -3.69 47.63 -35.84
C LYS A 1009 -4.32 46.27 -35.65
N PHE A 1010 -5.48 46.26 -34.97
CA PHE A 1010 -6.30 45.05 -34.88
C PHE A 1010 -7.70 45.31 -35.43
N ASP A 1011 -8.11 44.53 -36.45
CA ASP A 1011 -9.41 44.72 -37.11
C ASP A 1011 -10.57 44.49 -36.12
N ARG A 1012 -11.64 45.28 -36.24
CA ARG A 1012 -12.72 45.27 -35.25
C ARG A 1012 -13.61 44.05 -35.37
N ILE A 1013 -13.79 43.57 -36.60
CA ILE A 1013 -14.60 42.38 -36.82
C ILE A 1013 -13.85 41.14 -36.33
N ALA A 1014 -12.54 41.08 -36.60
CA ALA A 1014 -11.70 40.02 -36.07
C ALA A 1014 -11.76 39.98 -34.54
N ALA A 1015 -11.86 41.15 -33.92
CA ALA A 1015 -11.76 41.20 -32.48
C ALA A 1015 -13.09 40.76 -31.87
N ILE A 1016 -14.19 41.16 -32.49
CA ILE A 1016 -15.50 40.72 -32.05
C ILE A 1016 -15.62 39.20 -32.25
N SER A 1017 -15.02 38.71 -33.32
CA SER A 1017 -15.04 37.28 -33.57
C SER A 1017 -14.28 36.47 -32.51
N LYS A 1018 -13.04 36.85 -32.22
CA LYS A 1018 -12.23 36.14 -31.24
C LYS A 1018 -12.86 36.20 -29.86
N LEU A 1019 -13.58 37.29 -29.59
CA LEU A 1019 -14.21 37.45 -28.29
C LEU A 1019 -15.46 36.58 -28.18
N LYS A 1020 -16.28 36.53 -29.22
CA LYS A 1020 -17.48 35.68 -29.20
C LYS A 1020 -17.08 34.20 -29.11
N GLN A 1021 -15.88 33.91 -29.60
CA GLN A 1021 -15.31 32.59 -29.58
C GLN A 1021 -14.94 32.24 -28.15
N MET A 1022 -14.28 33.18 -27.48
CA MET A 1022 -13.94 33.07 -26.09
C MET A 1022 -15.21 32.97 -25.21
N LYS A 1023 -16.25 33.73 -25.53
CA LYS A 1023 -17.49 33.68 -24.79
C LYS A 1023 -18.08 32.27 -24.82
N GLU A 1024 -18.04 31.64 -26.00
CA GLU A 1024 -18.67 30.34 -26.20
C GLU A 1024 -17.83 29.16 -25.71
N LEU A 1025 -16.51 29.30 -25.80
CA LEU A 1025 -15.62 28.28 -25.26
C LEU A 1025 -15.76 28.25 -23.74
N LEU A 1026 -15.94 29.43 -23.13
CA LEU A 1026 -16.13 29.51 -21.69
C LEU A 1026 -17.46 28.89 -21.32
N GLU A 1027 -18.42 28.98 -22.23
CA GLU A 1027 -19.76 28.51 -21.94
C GLU A 1027 -19.85 27.01 -22.12
N SER A 1028 -18.91 26.45 -22.87
CA SER A 1028 -18.98 25.03 -23.18
C SER A 1028 -18.58 24.16 -21.99
N LEU A 1029 -17.71 24.67 -21.11
CA LEU A 1029 -17.12 23.76 -20.14
C LEU A 1029 -18.01 23.43 -18.93
N LYS A 1030 -17.88 22.19 -18.47
CA LYS A 1030 -18.68 21.66 -17.38
C LYS A 1030 -18.12 22.11 -16.04
N LEU A 1031 -18.91 22.88 -15.31
CA LEU A 1031 -18.40 23.53 -14.11
C LEU A 1031 -18.07 22.53 -13.02
N ASP A 1032 -18.87 21.47 -12.92
CA ASP A 1032 -18.61 20.40 -11.93
C ASP A 1032 -17.22 19.76 -12.02
N THR A 1033 -16.53 19.98 -13.13
CA THR A 1033 -15.17 19.49 -13.25
C THR A 1033 -14.12 20.49 -12.72
N LEU A 1034 -14.58 21.60 -12.13
CA LEU A 1034 -13.64 22.64 -11.69
C LEU A 1034 -13.39 22.69 -10.20
N ASP A 1035 -12.14 22.94 -9.82
CA ASP A 1035 -11.84 23.27 -8.44
C ASP A 1035 -12.27 24.70 -8.22
N ASN A 1036 -12.60 25.05 -6.97
CA ASN A 1036 -13.15 26.36 -6.68
C ASN A 1036 -12.29 27.52 -7.18
N HIS A 1037 -10.98 27.41 -7.07
CA HIS A 1037 -10.13 28.51 -7.51
C HIS A 1037 -10.17 28.68 -9.03
N GLU A 1038 -10.42 27.59 -9.76
CA GLU A 1038 -10.57 27.66 -11.20
C GLU A 1038 -11.96 28.19 -11.57
N LEU A 1039 -12.96 27.84 -10.77
CA LEU A 1039 -14.32 28.33 -10.99
C LEU A 1039 -14.33 29.82 -10.84
N SER A 1040 -13.44 30.32 -10.00
CA SER A 1040 -13.30 31.73 -9.73
C SER A 1040 -12.73 32.46 -10.95
N LYS A 1041 -11.62 31.95 -11.47
CA LYS A 1041 -10.95 32.50 -12.63
C LYS A 1041 -11.78 32.39 -13.91
N ILE A 1042 -12.52 31.31 -14.04
CA ILE A 1042 -13.37 31.15 -15.20
C ILE A 1042 -14.52 32.14 -15.14
N SER A 1043 -14.95 32.47 -13.94
CA SER A 1043 -16.02 33.40 -13.79
C SER A 1043 -15.57 34.78 -14.14
N SER A 1044 -14.38 35.15 -13.71
CA SER A 1044 -13.87 36.48 -13.96
C SER A 1044 -13.50 36.67 -15.40
N LEU A 1045 -13.02 35.61 -15.99
CA LEU A 1045 -12.68 35.59 -17.41
C LEU A 1045 -13.94 35.71 -18.24
N SER A 1046 -15.03 35.21 -17.68
CA SER A 1046 -16.30 35.17 -18.36
C SER A 1046 -16.97 36.55 -18.34
N SER A 1047 -16.82 37.24 -17.22
CA SER A 1047 -17.41 38.55 -17.11
C SER A 1047 -16.52 39.61 -17.79
N LEU A 1048 -15.21 39.40 -17.80
CA LEU A 1048 -14.35 40.31 -18.53
C LEU A 1048 -14.61 40.23 -20.03
N THR A 1049 -14.79 39.02 -20.55
CA THR A 1049 -15.08 38.85 -21.96
C THR A 1049 -16.40 39.51 -22.34
N LEU A 1050 -17.40 39.38 -21.47
CA LEU A 1050 -18.70 39.99 -21.70
C LEU A 1050 -18.58 41.51 -21.69
N THR A 1051 -17.80 42.01 -20.74
CA THR A 1051 -17.58 43.44 -20.59
C THR A 1051 -16.89 44.03 -21.82
N ILE A 1052 -15.79 43.41 -22.26
CA ILE A 1052 -15.15 43.89 -23.49
C ILE A 1052 -16.10 43.85 -24.66
N LEU A 1053 -16.78 42.72 -24.83
CA LEU A 1053 -17.70 42.57 -25.94
C LEU A 1053 -18.78 43.66 -26.00
N SER A 1054 -19.38 43.97 -24.87
CA SER A 1054 -20.52 44.87 -24.81
C SER A 1054 -20.13 46.33 -25.00
N ASN A 1055 -18.88 46.64 -24.68
CA ASN A 1055 -18.38 47.98 -24.93
C ASN A 1055 -17.93 48.20 -26.37
N ILE A 1056 -17.99 47.15 -27.18
CA ILE A 1056 -17.36 47.07 -28.50
C ILE A 1056 -18.39 46.80 -29.61
N THR A 1057 -19.50 46.19 -29.23
CA THR A 1057 -20.56 45.81 -30.16
C THR A 1057 -21.82 45.60 -29.33
N SER A 1058 -22.93 45.29 -29.99
CA SER A 1058 -24.16 44.95 -29.30
C SER A 1058 -24.37 43.45 -29.41
N ILE A 1059 -24.68 42.80 -28.31
CA ILE A 1059 -24.60 41.35 -28.31
C ILE A 1059 -25.95 40.63 -28.16
N HIS A 1060 -26.01 39.43 -28.71
CA HIS A 1060 -27.21 38.57 -28.64
C HIS A 1060 -27.55 38.23 -27.19
N ASN A 1061 -28.82 38.34 -26.82
CA ASN A 1061 -29.24 38.13 -25.42
C ASN A 1061 -28.38 38.92 -24.42
N ALA A 1062 -28.56 40.23 -24.45
CA ALA A 1062 -27.73 41.14 -23.67
C ALA A 1062 -27.95 40.98 -22.16
N GLU A 1063 -29.18 41.14 -21.70
CA GLU A 1063 -29.46 41.16 -20.27
C GLU A 1063 -29.32 39.79 -19.64
N SER A 1064 -29.83 38.78 -20.33
CA SER A 1064 -29.72 37.41 -19.84
C SER A 1064 -28.26 37.01 -19.59
N SER A 1065 -27.34 37.48 -20.43
CA SER A 1065 -25.92 37.16 -20.26
C SER A 1065 -25.36 37.80 -19.02
N LEU A 1066 -25.88 38.98 -18.69
CA LEU A 1066 -25.46 39.68 -17.49
C LEU A 1066 -26.00 38.95 -16.26
N ILE A 1067 -27.23 38.44 -16.38
CA ILE A 1067 -27.84 37.68 -15.29
C ILE A 1067 -27.10 36.37 -14.99
N THR A 1068 -26.85 35.55 -16.02
CA THR A 1068 -26.17 34.29 -15.79
C THR A 1068 -24.75 34.60 -15.32
N ASN A 1069 -24.19 35.72 -15.71
CA ASN A 1069 -22.88 36.05 -15.25
C ASN A 1069 -22.85 36.48 -13.81
N PHE A 1070 -23.88 37.14 -13.37
CA PHE A 1070 -24.00 37.55 -11.99
C PHE A 1070 -24.02 36.34 -11.05
N SER A 1071 -24.80 35.33 -11.41
CA SER A 1071 -24.86 34.16 -10.57
C SER A 1071 -23.67 33.24 -10.81
N LEU A 1072 -23.01 33.34 -11.96
CA LEU A 1072 -21.77 32.60 -12.18
C LEU A 1072 -20.69 33.07 -11.21
N THR A 1073 -20.60 34.39 -11.00
CA THR A 1073 -19.56 34.96 -10.15
C THR A 1073 -19.89 34.70 -8.68
N ASP A 1074 -21.12 34.30 -8.43
CA ASP A 1074 -21.58 34.02 -7.07
C ASP A 1074 -21.30 32.55 -6.65
N LEU A 1075 -21.34 31.65 -7.64
CA LEU A 1075 -20.99 30.24 -7.45
C LEU A 1075 -19.73 30.04 -6.59
N PRO A 1076 -18.58 30.62 -7.00
CA PRO A 1076 -17.39 30.36 -6.20
C PRO A 1076 -17.42 31.01 -4.83
N ARG A 1077 -18.38 31.88 -4.58
CA ARG A 1077 -18.54 32.45 -3.25
C ARG A 1077 -19.32 31.49 -2.35
N HIS A 1078 -20.28 30.80 -2.97
CA HIS A 1078 -21.23 29.95 -2.32
C HIS A 1078 -20.70 28.51 -2.06
N MET A 1079 -20.08 27.92 -3.09
CA MET A 1079 -19.61 26.54 -3.07
C MET A 1079 -18.69 26.19 -1.89
N PRO A 1080 -17.71 27.04 -1.56
CA PRO A 1080 -16.93 26.65 -0.38
C PRO A 1080 -17.75 26.62 0.90
N LEU A 1081 -18.68 27.55 1.07
CA LEU A 1081 -19.44 27.62 2.31
C LEU A 1081 -20.39 26.43 2.45
N LEU A 1082 -21.02 26.04 1.36
CA LEU A 1082 -21.94 24.93 1.39
C LEU A 1082 -21.18 23.63 1.65
N PHE A 1083 -20.04 23.48 1.01
CA PHE A 1083 -19.21 22.29 1.23
C PHE A 1083 -18.80 22.21 2.68
N ASP A 1084 -18.44 23.37 3.24
CA ASP A 1084 -18.08 23.45 4.64
C ASP A 1084 -19.22 22.97 5.52
N LYS A 1085 -20.42 23.49 5.26
CA LYS A 1085 -21.59 23.12 6.04
C LYS A 1085 -21.90 21.61 5.91
N VAL A 1086 -22.03 21.13 4.68
CA VAL A 1086 -22.39 19.73 4.43
C VAL A 1086 -21.39 18.74 5.04
N LEU A 1087 -20.10 18.93 4.74
CA LEU A 1087 -19.04 18.06 5.24
C LEU A 1087 -18.97 18.03 6.76
N ASN A 1088 -19.62 18.97 7.42
CA ASN A 1088 -19.50 19.08 8.86
C ASN A 1088 -20.69 18.47 9.56
N ASN A 1089 -21.81 18.33 8.87
CA ASN A 1089 -22.97 17.69 9.44
C ASN A 1089 -23.06 16.22 9.01
N ILE A 1090 -21.97 15.73 8.42
CA ILE A 1090 -21.84 14.31 8.06
C ILE A 1090 -21.87 13.39 9.27
N ASP A 1091 -22.79 12.42 9.27
CA ASP A 1091 -22.83 11.43 10.34
C ASP A 1091 -21.55 10.61 10.35
N ASN A 1092 -20.90 10.51 11.51
CA ASN A 1092 -19.62 9.82 11.60
C ASN A 1092 -19.70 8.30 11.42
N LYS A 1093 -20.90 7.75 11.44
CA LYS A 1093 -21.09 6.32 11.16
C LYS A 1093 -20.70 5.98 9.72
N ASN A 1094 -20.78 6.99 8.83
CA ASN A 1094 -20.52 6.82 7.40
C ASN A 1094 -19.06 6.48 7.12
N TYR A 1095 -18.18 6.96 7.97
CA TYR A 1095 -16.74 6.73 7.81
C TYR A 1095 -16.32 5.33 8.24
N ARG A 1096 -17.21 4.58 8.88
CA ARG A 1096 -16.86 3.24 9.37
C ARG A 1096 -17.80 2.13 8.90
N GLU A 1097 -18.46 2.31 7.77
CA GLU A 1097 -19.32 1.25 7.23
C GLU A 1097 -18.78 0.75 5.89
N PHE A 1098 -18.36 -0.52 5.85
CA PHE A 1098 -17.59 -1.06 4.73
C PHE A 1098 -18.38 -1.99 3.79
N ASN A 1108 -25.04 13.86 -1.43
CA ASN A 1108 -23.95 14.14 -2.36
C ASN A 1108 -24.29 15.30 -3.28
N ILE A 1109 -24.12 16.52 -2.76
CA ILE A 1109 -24.37 17.75 -3.51
C ILE A 1109 -23.57 17.82 -4.82
N SER A 1110 -23.89 18.78 -5.68
CA SER A 1110 -23.02 19.14 -6.81
C SER A 1110 -23.45 20.46 -7.51
N THR A 1111 -22.49 21.04 -8.24
CA THR A 1111 -22.61 22.32 -8.94
C THR A 1111 -23.91 22.47 -9.75
N ILE A 1112 -24.46 21.34 -10.15
CA ILE A 1112 -25.70 21.33 -10.92
C ILE A 1112 -26.89 21.88 -10.12
N THR A 1113 -27.26 21.20 -9.03
CA THR A 1113 -28.35 21.69 -8.19
C THR A 1113 -27.95 23.02 -7.59
N GLU A 1114 -26.67 23.20 -7.29
CA GLU A 1114 -26.19 24.47 -6.73
C GLU A 1114 -26.32 25.63 -7.70
N SER A 1115 -26.30 25.33 -8.99
CA SER A 1115 -26.44 26.35 -10.01
C SER A 1115 -27.84 26.98 -9.96
N ILE A 1116 -28.85 26.13 -9.79
CA ILE A 1116 -30.23 26.61 -9.68
C ILE A 1116 -30.44 27.50 -8.46
N ARG A 1117 -29.85 27.10 -7.35
CA ARG A 1117 -30.00 27.81 -6.10
C ARG A 1117 -29.34 29.18 -6.17
N VAL A 1118 -28.31 29.29 -7.00
CA VAL A 1118 -27.56 30.54 -7.06
C VAL A 1118 -28.29 31.54 -7.94
N SER A 1119 -28.95 31.05 -8.98
CA SER A 1119 -29.63 31.94 -9.90
C SER A 1119 -31.06 32.18 -9.43
N ALA A 1120 -31.56 31.25 -8.63
CA ALA A 1120 -32.87 31.44 -8.00
C ALA A 1120 -32.75 32.51 -6.91
N ALA A 1121 -31.59 32.57 -6.27
CA ALA A 1121 -31.36 33.56 -5.23
C ALA A 1121 -31.46 34.96 -5.83
N GLN A 1122 -30.76 35.13 -6.94
CA GLN A 1122 -30.71 36.40 -7.61
C GLN A 1122 -32.08 36.80 -8.18
N LYS A 1123 -32.81 35.83 -8.72
CA LYS A 1123 -34.15 36.09 -9.23
C LYS A 1123 -35.05 36.53 -8.08
N ASP A 1124 -34.93 35.85 -6.95
CA ASP A 1124 -35.72 36.19 -5.76
C ASP A 1124 -35.38 37.56 -5.22
N LEU A 1125 -34.10 37.88 -5.10
CA LEU A 1125 -33.67 39.20 -4.61
C LEU A 1125 -34.25 40.30 -5.48
N MET A 1126 -34.16 40.13 -6.80
CA MET A 1126 -34.59 41.14 -7.75
C MET A 1126 -36.08 41.40 -7.54
N GLU A 1127 -36.83 40.32 -7.34
CA GLU A 1127 -38.28 40.42 -7.24
C GLU A 1127 -38.76 40.84 -5.86
N SER A 1128 -37.87 40.91 -4.88
CA SER A 1128 -38.23 41.29 -3.52
C SER A 1128 -38.75 42.72 -3.43
N ASN A 1129 -38.52 43.47 -4.51
CA ASN A 1129 -38.81 44.89 -4.59
C ASN A 1129 -38.28 45.72 -3.42
N LEU A 1130 -37.30 45.16 -2.72
CA LEU A 1130 -36.66 45.87 -1.63
C LEU A 1130 -35.90 47.08 -2.14
N ASN A 1131 -36.14 48.21 -1.49
CA ASN A 1131 -35.46 49.45 -1.80
C ASN A 1131 -34.07 49.44 -1.15
N ILE A 1132 -33.18 48.61 -1.68
CA ILE A 1132 -31.81 48.48 -1.18
C ILE A 1132 -30.83 48.40 -2.32
N ASN A 1133 -29.56 48.67 -2.00
CA ASN A 1133 -28.48 48.34 -2.91
C ASN A 1133 -27.80 47.07 -2.43
N VAL A 1134 -27.42 46.22 -3.38
CA VAL A 1134 -26.59 45.08 -3.09
C VAL A 1134 -25.37 45.18 -3.98
N ILE A 1135 -24.23 45.43 -3.37
CA ILE A 1135 -23.04 45.77 -4.10
C ILE A 1135 -21.93 44.76 -3.81
N THR A 1136 -21.45 44.06 -4.84
CA THR A 1136 -20.34 43.14 -4.64
C THR A 1136 -19.01 43.89 -4.81
N ILE A 1137 -18.03 43.44 -4.05
CA ILE A 1137 -16.66 43.95 -4.10
C ILE A 1137 -15.73 42.75 -4.24
N ASP A 1138 -15.04 42.70 -5.37
CA ASP A 1138 -14.31 41.50 -5.71
C ASP A 1138 -13.00 41.90 -6.35
N PHE A 1139 -12.10 40.94 -6.49
CA PHE A 1139 -10.82 41.23 -7.08
C PHE A 1139 -10.59 40.29 -8.23
N CYS A 1140 -10.07 40.82 -9.34
CA CYS A 1140 -9.83 40.01 -10.53
C CYS A 1140 -8.40 39.50 -10.52
N PRO A 1141 -8.27 38.18 -10.31
CA PRO A 1141 -6.96 37.51 -10.23
C PRO A 1141 -6.18 37.67 -11.55
N ILE A 1142 -6.87 37.39 -12.65
CA ILE A 1142 -6.32 37.55 -14.00
C ILE A 1142 -5.83 38.97 -14.26
N THR A 1143 -6.67 39.97 -14.04
CA THR A 1143 -6.31 41.33 -14.49
C THR A 1143 -5.77 42.23 -13.39
N GLY A 1144 -6.09 41.92 -12.14
CA GLY A 1144 -5.76 42.78 -11.02
C GLY A 1144 -6.79 43.86 -10.79
N ASN A 1145 -7.85 43.86 -11.60
CA ASN A 1145 -8.91 44.86 -11.51
C ASN A 1145 -9.72 44.75 -10.23
N LEU A 1146 -10.16 45.88 -9.69
CA LEU A 1146 -11.25 45.86 -8.72
C LEU A 1146 -12.55 45.68 -9.49
N LEU A 1147 -13.51 45.02 -8.85
CA LEU A 1147 -14.73 44.61 -9.52
C LEU A 1147 -15.93 44.96 -8.66
N LEU A 1148 -16.76 45.87 -9.15
CA LEU A 1148 -17.98 46.24 -8.48
C LEU A 1148 -19.19 45.76 -9.27
N SER A 1149 -20.22 45.29 -8.59
CA SER A 1149 -21.51 45.07 -9.22
C SER A 1149 -22.57 45.58 -8.29
N LYS A 1150 -23.74 45.89 -8.83
CA LYS A 1150 -24.80 46.44 -8.02
C LYS A 1150 -26.11 45.86 -8.45
N LEU A 1151 -26.97 45.64 -7.48
CA LEU A 1151 -28.25 45.02 -7.71
C LEU A 1151 -29.33 45.88 -7.05
N GLU A 1152 -30.12 46.57 -7.87
CA GLU A 1152 -31.17 47.44 -7.36
C GLU A 1152 -32.53 46.78 -7.53
N PRO A 1153 -32.99 46.03 -6.51
CA PRO A 1153 -34.26 45.30 -6.62
C PRO A 1153 -35.43 46.20 -6.98
N ARG A 1154 -35.50 47.39 -6.39
CA ARG A 1154 -36.66 48.26 -6.62
C ARG A 1154 -36.63 48.84 -8.03
N ARG A 1155 -35.43 49.13 -8.54
CA ARG A 1155 -35.25 49.69 -9.87
C ARG A 1155 -35.15 48.59 -10.94
N LYS A 1156 -35.11 47.34 -10.49
CA LYS A 1156 -34.93 46.17 -11.36
C LYS A 1156 -33.70 46.31 -12.28
N ARG A 1157 -32.61 46.78 -11.71
CA ARG A 1157 -31.46 47.17 -12.49
C ARG A 1157 -30.20 46.44 -12.03
N ARG A 1158 -29.37 46.04 -12.99
CA ARG A 1158 -28.16 45.32 -12.75
C ARG A 1158 -27.02 46.00 -13.45
N THR A 1159 -26.03 46.43 -12.71
CA THR A 1159 -24.88 47.09 -13.34
C THR A 1159 -23.59 46.62 -12.71
N HIS A 1160 -22.49 46.77 -13.43
CA HIS A 1160 -21.23 46.20 -13.00
C HIS A 1160 -20.13 47.06 -13.57
N LEU A 1161 -19.01 47.23 -12.89
CA LEU A 1161 -17.91 47.93 -13.56
C LEU A 1161 -16.52 47.48 -13.15
N ARG A 1162 -15.55 47.58 -14.06
CA ARG A 1162 -14.21 47.07 -13.82
C ARG A 1162 -13.24 48.23 -13.61
N LEU A 1163 -12.58 48.24 -12.46
CA LEU A 1163 -11.67 49.33 -12.11
C LEU A 1163 -10.23 48.83 -12.16
N PRO A 1164 -9.41 49.43 -13.01
CA PRO A 1164 -8.03 49.02 -13.30
C PRO A 1164 -7.00 49.22 -12.16
N LEU A 1165 -7.06 50.38 -11.49
CA LEU A 1165 -6.12 50.72 -10.40
C LEU A 1165 -4.75 51.14 -10.94
N HIS A 1177 -0.09 55.80 -6.43
CA HIS A 1177 -1.05 54.79 -6.85
C HIS A 1177 -0.59 53.34 -6.59
N LEU A 1178 -1.45 52.54 -5.95
CA LEU A 1178 -1.10 51.17 -5.62
C LEU A 1178 -2.08 50.15 -6.13
N SER A 1179 -1.59 48.92 -6.24
CA SER A 1179 -2.39 47.81 -6.69
C SER A 1179 -3.10 47.13 -5.52
N PHE A 1180 -4.09 46.32 -5.85
CA PHE A 1180 -4.77 45.55 -4.85
C PHE A 1180 -3.80 44.66 -4.06
N PRO A 1181 -2.82 44.03 -4.74
CA PRO A 1181 -1.93 43.20 -3.90
C PRO A 1181 -0.98 44.03 -3.04
N GLU A 1182 -0.66 45.25 -3.45
CA GLU A 1182 0.18 46.13 -2.64
C GLU A 1182 -0.56 46.72 -1.44
N ALA A 1183 -1.80 47.15 -1.67
CA ALA A 1183 -2.65 47.58 -0.58
C ALA A 1183 -2.82 46.47 0.44
N THR A 1184 -3.00 45.24 -0.06
CA THR A 1184 -3.14 44.09 0.83
C THR A 1184 -1.87 43.89 1.66
N LYS A 1185 -0.70 44.00 1.04
CA LYS A 1185 0.55 43.96 1.77
C LYS A 1185 0.68 45.07 2.83
N LYS A 1186 0.49 46.31 2.43
CA LYS A 1186 0.70 47.44 3.32
C LYS A 1186 -0.17 47.34 4.58
N LEU A 1187 -1.41 46.89 4.36
CA LEU A 1187 -2.41 46.73 5.41
C LEU A 1187 -2.09 45.61 6.39
N LEU A 1188 -1.78 44.44 5.84
CA LEU A 1188 -1.40 43.27 6.62
C LEU A 1188 -0.19 43.59 7.50
N SER A 1189 0.77 44.31 6.93
CA SER A 1189 1.90 44.77 7.70
C SER A 1189 1.45 45.62 8.90
N ILE A 1190 0.59 46.62 8.63
CA ILE A 1190 0.00 47.45 9.68
C ILE A 1190 -0.78 46.65 10.71
N ILE A 1191 -1.69 45.81 10.23
CA ILE A 1191 -2.49 44.94 11.10
C ILE A 1191 -1.65 44.00 11.97
N ASN A 1192 -0.71 43.27 11.36
CA ASN A 1192 0.14 42.36 12.13
C ASN A 1192 1.04 43.11 13.13
N GLU A 1193 1.32 44.39 12.89
CA GLU A 1193 2.13 45.16 13.84
C GLU A 1193 1.29 45.64 15.01
N SER A 1194 0.15 46.25 14.72
CA SER A 1194 -0.77 46.63 15.77
C SER A 1194 -1.21 45.40 16.59
N ASN A 1195 -1.48 44.30 15.91
CA ASN A 1195 -1.84 43.06 16.59
C ASN A 1195 -0.78 42.73 17.63
N GLN A 1196 0.46 42.76 17.16
CA GLN A 1196 1.65 42.62 17.99
C GLN A 1196 1.65 43.53 19.22
N THR A 1197 1.35 44.81 19.03
CA THR A 1197 1.37 45.79 20.13
C THR A 1197 0.35 45.42 21.20
N THR A 1198 -0.54 44.52 20.84
CA THR A 1198 -1.72 44.23 21.62
C THR A 1198 -1.48 43.06 22.58
N SER A 1199 -0.62 42.12 22.19
CA SER A 1199 -0.36 40.89 22.94
C SER A 1199 0.20 41.11 24.35
N VAL A 1200 -0.36 40.39 25.30
CA VAL A 1200 0.02 40.48 26.72
C VAL A 1200 1.52 40.26 26.94
N GLU A 1201 2.16 39.48 26.06
CA GLU A 1201 3.62 39.36 26.07
C GLU A 1201 4.28 40.75 26.06
N VAL A 1202 3.82 41.59 25.13
CA VAL A 1202 4.38 42.93 24.97
C VAL A 1202 3.96 43.93 26.05
N THR A 1203 2.65 44.04 26.28
CA THR A 1203 2.15 45.03 27.22
C THR A 1203 2.62 44.75 28.64
N ASN A 1204 2.87 43.48 28.92
CA ASN A 1204 3.32 43.07 30.25
C ASN A 1204 4.71 43.57 30.56
N LYS A 1205 5.49 43.80 29.53
CA LYS A 1205 6.87 44.22 29.71
C LYS A 1205 6.97 45.74 29.76
N ILE A 1206 5.84 46.41 29.66
CA ILE A 1206 5.83 47.87 29.73
C ILE A 1206 5.67 48.36 31.16
N LYS A 1207 6.74 48.94 31.69
CA LYS A 1207 6.77 49.31 33.09
C LYS A 1207 7.00 50.80 33.30
N THR A 1208 7.98 51.37 32.60
CA THR A 1208 8.35 52.77 32.85
C THR A 1208 7.48 53.76 32.07
N ARG A 1209 7.58 55.04 32.46
CA ARG A 1209 6.92 56.14 31.75
C ARG A 1209 7.36 56.16 30.28
N GLU A 1210 8.60 55.73 30.03
CA GLU A 1210 9.21 55.80 28.71
C GLU A 1210 8.67 54.73 27.78
N GLU A 1211 8.54 53.52 28.31
CA GLU A 1211 8.00 52.43 27.51
C GLU A 1211 6.55 52.70 27.20
N ARG A 1212 5.87 53.36 28.14
CA ARG A 1212 4.48 53.77 27.95
C ARG A 1212 4.32 54.66 26.72
N LYS A 1213 5.17 55.68 26.62
CA LYS A 1213 5.07 56.65 25.55
C LYS A 1213 5.47 56.04 24.22
N SER A 1214 6.35 55.04 24.25
CA SER A 1214 6.76 54.39 23.00
C SER A 1214 5.64 53.57 22.40
N TRP A 1215 4.96 52.78 23.23
CA TRP A 1215 3.84 51.98 22.80
C TRP A 1215 2.74 52.88 22.21
N TRP A 1216 2.64 54.10 22.72
CA TRP A 1216 1.61 55.04 22.27
C TRP A 1216 2.04 55.75 20.99
N THR A 1217 3.32 56.02 20.89
CA THR A 1217 3.86 56.56 19.66
C THR A 1217 3.62 55.60 18.53
N THR A 1218 3.92 54.33 18.78
CA THR A 1218 3.81 53.28 17.79
C THR A 1218 2.36 53.07 17.32
N ARG A 1219 1.39 53.07 18.25
CA ARG A 1219 0.00 52.83 17.87
C ARG A 1219 -0.62 54.05 17.18
N TYR A 1220 -0.28 55.26 17.63
CA TYR A 1220 -0.76 56.45 16.94
C TYR A 1220 -0.17 56.51 15.53
N ASP A 1221 1.02 55.93 15.39
CA ASP A 1221 1.70 55.89 14.11
C ASP A 1221 1.11 54.85 13.18
N LEU A 1222 0.76 53.72 13.76
CA LEU A 1222 0.08 52.66 13.04
C LEU A 1222 -1.29 53.14 12.60
N ASP A 1223 -1.93 53.94 13.43
CA ASP A 1223 -3.25 54.49 13.12
C ASP A 1223 -3.16 55.43 11.91
N LYS A 1224 -2.11 56.25 11.84
CA LYS A 1224 -1.98 57.20 10.74
C LYS A 1224 -1.63 56.48 9.44
N ARG A 1225 -0.79 55.46 9.53
CA ARG A 1225 -0.44 54.65 8.38
C ARG A 1225 -1.70 54.04 7.76
N MET A 1226 -2.61 53.55 8.61
CA MET A 1226 -3.83 52.95 8.09
C MET A 1226 -4.79 53.97 7.49
N GLN A 1227 -4.96 55.09 8.17
CA GLN A 1227 -5.76 56.18 7.64
C GLN A 1227 -5.25 56.62 6.26
N GLN A 1228 -3.93 56.70 6.12
CA GLN A 1228 -3.32 57.13 4.88
C GLN A 1228 -3.59 56.12 3.77
N LEU A 1229 -3.49 54.83 4.09
CA LEU A 1229 -3.71 53.79 3.10
C LEU A 1229 -5.15 53.83 2.57
N LEU A 1230 -6.10 54.02 3.48
CA LEU A 1230 -7.50 54.10 3.09
C LEU A 1230 -7.76 55.36 2.26
N ASN A 1231 -7.07 56.42 2.62
CA ASN A 1231 -7.12 57.62 1.83
C ASN A 1231 -6.64 57.38 0.41
N ASN A 1232 -5.47 56.76 0.27
CA ASN A 1232 -4.92 56.41 -1.05
C ASN A 1232 -5.92 55.63 -1.87
N ILE A 1233 -6.54 54.65 -1.23
CA ILE A 1233 -7.49 53.79 -1.90
C ILE A 1233 -8.70 54.61 -2.39
N GLU A 1234 -9.29 55.41 -1.51
CA GLU A 1234 -10.38 56.32 -1.88
C GLU A 1234 -10.07 57.18 -3.08
N ASN A 1235 -8.85 57.70 -3.11
CA ASN A 1235 -8.46 58.72 -4.06
C ASN A 1235 -7.77 58.13 -5.30
N SER A 1236 -7.80 56.81 -5.43
CA SER A 1236 -7.17 56.15 -6.56
C SER A 1236 -8.12 55.20 -7.24
N TRP A 1237 -8.62 54.30 -6.43
CA TRP A 1237 -9.45 53.23 -6.91
C TRP A 1237 -10.81 53.57 -7.43
N PHE A 1238 -11.42 54.64 -6.96
CA PHE A 1238 -12.75 54.97 -7.42
C PHE A 1238 -12.85 56.32 -8.08
N ASN A 1239 -11.81 56.70 -8.80
CA ASN A 1239 -11.82 57.99 -9.42
C ASN A 1239 -12.94 58.08 -10.41
N GLY A 1240 -13.95 58.85 -10.05
CA GLY A 1240 -15.08 59.07 -10.90
C GLY A 1240 -16.28 58.22 -10.66
N VAL A 1241 -16.16 57.21 -9.80
CA VAL A 1241 -17.29 56.33 -9.58
C VAL A 1241 -17.69 56.07 -8.15
N GLN A 1242 -17.41 57.00 -7.26
CA GLN A 1242 -17.78 56.82 -5.89
C GLN A 1242 -19.29 56.88 -5.82
N GLY A 1243 -19.91 57.44 -6.84
CA GLY A 1243 -21.35 57.51 -6.93
C GLY A 1243 -22.08 56.20 -7.15
N PHE A 1244 -21.34 55.17 -7.54
CA PHE A 1244 -21.87 53.82 -7.70
C PHE A 1244 -22.36 53.34 -6.33
N PHE A 1245 -21.73 53.85 -5.28
CA PHE A 1245 -22.08 53.48 -3.91
C PHE A 1245 -23.16 54.37 -3.31
N SER A 1246 -23.53 55.43 -4.02
CA SER A 1246 -24.41 56.44 -3.44
C SER A 1246 -25.80 55.87 -3.14
N PRO A 1247 -26.29 56.18 -1.93
CA PRO A 1247 -27.61 55.74 -1.46
C PRO A 1247 -28.73 56.57 -2.06
N GLU A 1248 -28.41 57.59 -2.87
CA GLU A 1248 -29.43 58.51 -3.40
C GLU A 1248 -30.26 57.91 -4.55
N VAL A 1249 -31.56 58.17 -4.56
CA VAL A 1249 -32.37 57.85 -5.73
C VAL A 1249 -32.79 59.12 -6.49
N VAL A 1250 -32.53 59.18 -7.79
CA VAL A 1250 -32.89 60.36 -8.55
C VAL A 1250 -34.41 60.49 -8.67
N ASP A 1251 -34.93 61.72 -8.53
CA ASP A 1251 -36.32 61.99 -8.88
C ASP A 1251 -36.52 61.79 -10.37
N ASN A 1252 -37.47 60.94 -10.73
CA ASN A 1252 -37.63 60.58 -12.12
C ASN A 1252 -38.06 61.73 -13.05
N SER A 1253 -38.91 62.64 -12.58
CA SER A 1253 -39.36 63.75 -13.42
C SER A 1253 -38.18 64.68 -13.72
N LEU A 1254 -37.40 64.96 -12.68
CA LEU A 1254 -36.23 65.80 -12.82
C LEU A 1254 -35.16 65.15 -13.70
N PHE A 1255 -34.99 63.84 -13.55
CA PHE A 1255 -33.97 63.09 -14.27
C PHE A 1255 -34.13 63.24 -15.79
N GLU A 1256 -35.37 63.20 -16.24
CA GLU A 1256 -35.67 63.27 -17.67
C GLU A 1256 -35.37 64.63 -18.27
N LYS A 1257 -35.56 65.69 -17.52
CA LYS A 1257 -35.21 67.01 -18.01
C LYS A 1257 -33.68 67.13 -18.01
N PHE A 1258 -33.02 66.53 -17.02
CA PHE A 1258 -31.56 66.52 -17.02
C PHE A 1258 -30.99 65.76 -18.22
N LYS A 1259 -31.71 64.72 -18.65
CA LYS A 1259 -31.23 63.88 -19.72
C LYS A 1259 -31.26 64.63 -21.05
N ASP A 1260 -32.34 65.37 -21.29
CA ASP A 1260 -32.45 66.24 -22.46
C ASP A 1260 -31.28 67.21 -22.54
N LYS A 1261 -30.99 67.85 -21.40
CA LYS A 1261 -29.93 68.84 -21.32
C LYS A 1261 -28.54 68.23 -21.53
N PHE A 1262 -28.27 67.20 -20.73
CA PHE A 1262 -27.10 66.35 -20.83
C PHE A 1262 -26.79 66.04 -22.29
N TYR A 1263 -27.74 65.47 -23.01
CA TYR A 1263 -27.50 65.16 -24.42
C TYR A 1263 -27.29 66.41 -25.27
N GLU A 1264 -28.05 67.48 -25.02
CA GLU A 1264 -27.83 68.70 -25.77
C GLU A 1264 -26.39 69.14 -25.54
N ILE A 1265 -25.97 69.13 -24.27
CA ILE A 1265 -24.61 69.51 -23.95
C ILE A 1265 -23.56 68.66 -24.70
N LEU A 1266 -23.76 67.34 -24.78
CA LEU A 1266 -22.85 66.50 -25.56
C LEU A 1266 -22.89 66.83 -27.06
N HIS A 1267 -24.08 67.20 -27.54
CA HIS A 1267 -24.32 67.48 -28.95
C HIS A 1267 -23.52 68.68 -29.41
N GLN A 1268 -23.47 69.71 -28.58
CA GLN A 1268 -22.86 70.95 -29.02
C GLN A 1268 -21.37 71.01 -28.69
N ASN A 1269 -20.87 70.09 -27.91
CA ASN A 1269 -19.49 70.19 -27.42
C ASN A 1269 -18.54 69.06 -27.77
N LEU A 1270 -19.08 67.97 -28.33
CA LEU A 1270 -18.28 66.85 -28.84
C LEU A 1270 -18.09 66.92 -30.35
N PRO A 1271 -16.83 66.96 -30.83
CA PRO A 1271 -16.52 67.11 -32.25
C PRO A 1271 -17.30 66.15 -33.13
N SER A 1272 -17.54 64.94 -32.65
CA SER A 1272 -18.22 63.94 -33.45
C SER A 1272 -19.67 64.30 -33.69
N ARG A 1273 -20.33 64.81 -32.65
CA ARG A 1273 -21.76 65.07 -32.72
C ARG A 1273 -21.97 66.38 -33.45
N LYS A 1274 -20.94 67.20 -33.44
CA LYS A 1274 -20.98 68.48 -34.13
C LYS A 1274 -20.79 68.33 -35.63
N LEU A 1275 -20.10 67.27 -36.07
CA LEU A 1275 -19.67 67.17 -37.47
C LEU A 1275 -20.13 65.95 -38.27
N TYR A 1276 -20.59 64.90 -37.60
CA TYR A 1276 -20.85 63.63 -38.28
C TYR A 1276 -22.21 63.01 -37.96
N GLY A 1277 -22.78 62.35 -38.96
CA GLY A 1277 -24.09 61.72 -38.83
C GLY A 1277 -25.16 62.72 -38.42
N ASN A 1278 -26.15 62.21 -37.70
CA ASN A 1278 -27.26 63.01 -37.20
C ASN A 1278 -27.60 62.55 -35.78
N PRO A 1279 -28.54 63.23 -35.10
CA PRO A 1279 -28.75 62.73 -33.73
C PRO A 1279 -29.37 61.33 -33.61
N ALA A 1280 -29.91 60.78 -34.69
CA ALA A 1280 -30.55 59.48 -34.62
C ALA A 1280 -29.51 58.37 -34.72
N MET A 1281 -28.29 58.73 -35.10
CA MET A 1281 -27.23 57.75 -35.15
C MET A 1281 -26.30 57.84 -33.98
N PHE A 1282 -26.51 58.81 -33.08
CA PHE A 1282 -25.61 58.95 -31.94
C PHE A 1282 -25.69 57.77 -31.00
N ILE A 1283 -24.55 57.39 -30.41
CA ILE A 1283 -24.55 56.38 -29.37
C ILE A 1283 -25.21 56.89 -28.10
N LYS A 1284 -26.25 56.22 -27.63
CA LYS A 1284 -26.93 56.65 -26.43
C LYS A 1284 -26.40 55.88 -25.22
N VAL A 1285 -26.12 56.60 -24.14
CA VAL A 1285 -25.55 56.05 -22.91
C VAL A 1285 -26.68 55.61 -21.98
N GLU A 1286 -26.47 54.53 -21.24
CA GLU A 1286 -27.47 54.06 -20.27
C GLU A 1286 -27.81 55.08 -19.18
N ASP A 1287 -29.02 55.01 -18.64
CA ASP A 1287 -29.48 55.99 -17.67
C ASP A 1287 -28.62 56.04 -16.42
N TRP A 1288 -28.17 54.88 -15.94
CA TRP A 1288 -27.51 54.85 -14.66
C TRP A 1288 -26.17 55.56 -14.75
N VAL A 1289 -25.63 55.68 -15.95
CA VAL A 1289 -24.39 56.41 -16.17
C VAL A 1289 -24.64 57.91 -16.08
N ILE A 1290 -25.73 58.34 -16.71
CA ILE A 1290 -26.20 59.71 -16.64
C ILE A 1290 -26.51 60.06 -15.20
N GLU A 1291 -27.15 59.15 -14.46
CA GLU A 1291 -27.53 59.39 -13.06
C GLU A 1291 -26.33 59.69 -12.19
N LEU A 1292 -25.17 59.19 -12.58
CA LEU A 1292 -23.97 59.40 -11.77
C LEU A 1292 -23.65 60.88 -11.67
N PHE A 1293 -23.99 61.65 -12.71
CA PHE A 1293 -23.72 63.09 -12.74
C PHE A 1293 -24.58 63.80 -11.69
N LEU A 1294 -25.87 63.47 -11.69
CA LEU A 1294 -26.82 63.97 -10.70
C LEU A 1294 -26.42 63.61 -9.29
N LYS A 1295 -25.59 62.59 -9.11
CA LYS A 1295 -25.27 62.20 -7.77
C LYS A 1295 -24.04 62.96 -7.24
N LEU A 1296 -23.34 63.68 -8.10
CA LEU A 1296 -22.25 64.51 -7.63
C LEU A 1296 -22.73 65.69 -6.74
N ASN A 1297 -21.88 66.13 -5.81
CA ASN A 1297 -22.18 67.30 -4.98
C ASN A 1297 -21.26 68.46 -5.37
N PRO A 1298 -21.82 69.48 -6.05
CA PRO A 1298 -21.00 70.61 -6.48
C PRO A 1298 -20.37 71.36 -5.33
N GLN A 1299 -20.85 71.13 -4.11
CA GLN A 1299 -20.35 71.87 -2.98
C GLN A 1299 -19.06 71.25 -2.41
N GLU A 1300 -18.85 69.95 -2.68
CA GLU A 1300 -17.60 69.26 -2.34
C GLU A 1300 -16.35 69.90 -2.98
N ILE A 1301 -15.24 69.80 -2.26
CA ILE A 1301 -13.99 70.42 -2.66
C ILE A 1301 -13.36 69.80 -3.93
N ASP A 1302 -13.50 68.49 -4.10
CA ASP A 1302 -12.91 67.81 -5.25
C ASP A 1302 -13.99 67.45 -6.27
N PHE A 1303 -15.02 68.29 -6.35
CA PHE A 1303 -16.12 68.10 -7.27
C PHE A 1303 -15.69 68.00 -8.74
N LEU A 1304 -14.70 68.78 -9.14
CA LEU A 1304 -14.36 68.84 -10.57
C LEU A 1304 -13.53 67.67 -11.02
N SER A 1305 -12.73 67.12 -10.12
CA SER A 1305 -12.00 65.89 -10.40
C SER A 1305 -12.97 64.77 -10.64
N LYS A 1306 -13.99 64.71 -9.82
CA LYS A 1306 -14.94 63.63 -9.89
C LYS A 1306 -15.72 63.75 -11.17
N MET A 1307 -16.09 64.98 -11.52
CA MET A 1307 -16.84 65.22 -12.75
C MET A 1307 -16.00 64.92 -13.98
N GLU A 1308 -14.79 65.46 -14.00
CA GLU A 1308 -13.82 65.16 -15.05
C GLU A 1308 -13.71 63.64 -15.29
N ASP A 1309 -13.56 62.88 -14.22
CA ASP A 1309 -13.50 61.43 -14.31
C ASP A 1309 -14.77 60.83 -14.88
N LEU A 1310 -15.93 61.38 -14.52
CA LEU A 1310 -17.18 60.95 -15.14
C LEU A 1310 -17.18 61.22 -16.63
N ILE A 1311 -16.62 62.36 -17.03
CA ILE A 1311 -16.56 62.73 -18.45
C ILE A 1311 -15.75 61.67 -19.18
N TYR A 1312 -14.56 61.39 -18.66
CA TYR A 1312 -13.68 60.38 -19.20
C TYR A 1312 -14.38 59.05 -19.41
N PHE A 1313 -15.17 58.69 -18.41
CA PHE A 1313 -15.91 57.47 -18.45
C PHE A 1313 -16.89 57.48 -19.61
N VAL A 1314 -17.64 58.57 -19.74
CA VAL A 1314 -18.64 58.68 -20.80
C VAL A 1314 -17.97 58.76 -22.19
N LEU A 1315 -16.94 59.59 -22.32
CA LEU A 1315 -16.16 59.64 -23.53
C LEU A 1315 -15.64 58.26 -23.90
N ASP A 1316 -15.20 57.50 -22.90
CA ASP A 1316 -14.73 56.15 -23.15
C ASP A 1316 -15.85 55.27 -23.69
N ILE A 1317 -17.04 55.33 -23.10
CA ILE A 1317 -18.16 54.54 -23.61
C ILE A 1317 -18.39 54.83 -25.09
N LEU A 1318 -18.41 56.10 -25.45
CA LEU A 1318 -18.61 56.46 -26.85
C LEU A 1318 -17.44 56.02 -27.71
N LEU A 1319 -16.23 56.15 -27.19
CA LEU A 1319 -15.03 55.78 -27.95
C LEU A 1319 -14.99 54.28 -28.34
N PHE A 1320 -15.26 53.39 -27.38
CA PHE A 1320 -15.08 51.96 -27.63
C PHE A 1320 -16.18 51.48 -28.55
N HIS A 1321 -17.31 52.15 -28.50
CA HIS A 1321 -18.39 51.85 -29.43
C HIS A 1321 -18.25 52.55 -30.80
N GLY A 1322 -17.12 53.20 -31.05
CA GLY A 1322 -16.85 53.78 -32.36
C GLY A 1322 -16.98 55.30 -32.56
N GLU A 1323 -17.26 56.05 -31.50
CA GLU A 1323 -17.36 57.50 -31.63
C GLU A 1323 -16.09 58.17 -31.13
N GLU A 1324 -15.24 58.58 -32.07
CA GLU A 1324 -14.01 59.27 -31.74
C GLU A 1324 -14.25 60.73 -31.40
N ASN A 1325 -13.56 61.20 -30.35
CA ASN A 1325 -13.57 62.59 -29.97
C ASN A 1325 -12.19 63.02 -29.49
N ALA A 1326 -11.37 63.54 -30.41
CA ALA A 1326 -10.10 64.15 -30.03
C ALA A 1326 -10.27 65.13 -28.87
N TYR A 1327 -9.55 64.90 -27.77
CA TYR A 1327 -9.61 65.76 -26.59
C TYR A 1327 -9.10 67.14 -26.95
N ASP A 1328 -8.29 67.14 -27.98
CA ASP A 1328 -7.83 68.32 -28.69
C ASP A 1328 -8.92 69.32 -29.06
N GLU A 1329 -10.10 68.81 -29.33
CA GLU A 1329 -11.17 69.64 -29.85
C GLU A 1329 -12.48 69.42 -29.15
N ILE A 1330 -12.47 68.82 -27.97
CA ILE A 1330 -13.65 68.84 -27.13
C ILE A 1330 -13.64 70.17 -26.40
N ASP A 1331 -14.79 70.81 -26.28
CA ASP A 1331 -14.84 72.04 -25.49
C ASP A 1331 -15.08 71.71 -24.02
N PHE A 1332 -14.00 71.41 -23.30
CA PHE A 1332 -14.09 71.04 -21.89
C PHE A 1332 -14.58 72.21 -21.04
N SER A 1333 -14.23 73.43 -21.44
CA SER A 1333 -14.65 74.62 -20.70
C SER A 1333 -16.17 74.64 -20.63
N MET A 1334 -16.78 74.41 -21.79
CA MET A 1334 -18.23 74.43 -21.89
C MET A 1334 -18.87 73.19 -21.24
N LEU A 1335 -18.25 72.01 -21.37
CA LEU A 1335 -18.74 70.83 -20.66
C LEU A 1335 -18.82 71.15 -19.18
N HIS A 1336 -17.71 71.64 -18.66
CA HIS A 1336 -17.56 72.00 -17.26
C HIS A 1336 -18.68 72.93 -16.79
N VAL A 1337 -18.80 74.07 -17.46
CA VAL A 1337 -19.74 75.11 -17.06
C VAL A 1337 -21.18 74.63 -17.15
N GLN A 1338 -21.55 74.09 -18.30
CA GLN A 1338 -22.94 73.68 -18.54
C GLN A 1338 -23.36 72.47 -17.71
N LEU A 1339 -22.46 71.51 -17.47
CA LEU A 1339 -22.86 70.34 -16.68
C LEU A 1339 -23.02 70.68 -15.22
N GLU A 1340 -22.09 71.49 -14.70
CA GLU A 1340 -22.16 71.98 -13.33
C GLU A 1340 -23.41 72.79 -13.08
N GLU A 1341 -23.77 73.57 -14.08
CA GLU A 1341 -25.00 74.36 -14.04
C GLU A 1341 -26.19 73.44 -13.87
N GLN A 1342 -26.36 72.50 -14.78
CA GLN A 1342 -27.50 71.60 -14.70
C GLN A 1342 -27.49 70.75 -13.40
N ILE A 1343 -26.31 70.40 -12.90
CA ILE A 1343 -26.22 69.60 -11.68
C ILE A 1343 -26.63 70.47 -10.48
N LYS A 1344 -26.10 71.69 -10.39
CA LYS A 1344 -26.52 72.63 -9.35
C LYS A 1344 -28.03 72.82 -9.34
N LYS A 1345 -28.62 72.98 -10.52
CA LYS A 1345 -30.07 73.16 -10.64
C LYS A 1345 -30.83 71.95 -10.12
N TYR A 1346 -30.26 70.77 -10.32
CA TYR A 1346 -30.94 69.55 -9.94
C TYR A 1346 -30.89 69.34 -8.43
N ARG A 1347 -29.69 69.46 -7.88
CA ARG A 1347 -29.48 69.37 -6.44
C ARG A 1347 -30.34 70.39 -5.68
N ALA A 1348 -30.45 71.60 -6.20
CA ALA A 1348 -31.13 72.68 -5.50
C ALA A 1348 -32.64 72.44 -5.44
N THR A 1349 -33.13 71.50 -6.23
CA THR A 1349 -34.57 71.35 -6.38
C THR A 1349 -35.02 69.93 -6.17
N MET A 1350 -34.06 69.02 -6.03
CA MET A 1350 -34.32 67.59 -5.95
C MET A 1350 -35.13 67.21 -4.71
N THR A 1351 -35.85 66.10 -4.85
CA THR A 1351 -36.42 65.40 -3.70
C THR A 1351 -35.36 64.49 -3.08
N THR A 1352 -35.37 64.36 -1.74
CA THR A 1352 -34.45 63.44 -1.05
C THR A 1352 -35.06 62.06 -0.76
N ASN A 1353 -35.03 61.18 -1.75
CA ASN A 1353 -35.43 59.80 -1.55
C ASN A 1353 -34.22 58.92 -1.74
N SER A 1354 -33.90 58.14 -0.73
CA SER A 1354 -32.74 57.28 -0.81
C SER A 1354 -33.13 55.83 -0.54
N ILE A 1355 -32.21 54.91 -0.82
CA ILE A 1355 -32.45 53.51 -0.51
C ILE A 1355 -32.33 53.34 1.00
N PHE A 1356 -32.81 52.20 1.47
CA PHE A 1356 -33.00 51.95 2.89
C PHE A 1356 -31.77 51.35 3.56
N HIS A 1357 -31.02 50.54 2.83
CA HIS A 1357 -29.90 49.79 3.39
C HIS A 1357 -28.99 49.32 2.26
N THR A 1358 -27.73 49.11 2.60
CA THR A 1358 -26.76 48.62 1.63
C THR A 1358 -26.15 47.31 2.07
N PHE A 1359 -26.38 46.27 1.27
CA PHE A 1359 -25.70 45.01 1.47
C PHE A 1359 -24.42 44.97 0.64
N LEU A 1360 -23.28 44.81 1.33
CA LEU A 1360 -22.01 44.56 0.65
C LEU A 1360 -21.71 43.07 0.59
N VAL A 1361 -21.84 42.49 -0.58
CA VAL A 1361 -21.36 41.14 -0.79
C VAL A 1361 -19.85 41.19 -0.92
N VAL A 1362 -19.16 40.85 0.16
CA VAL A 1362 -17.70 40.98 0.20
C VAL A 1362 -16.99 39.63 0.02
N SER A 1363 -16.21 39.52 -1.05
CA SER A 1363 -15.49 38.29 -1.35
C SER A 1363 -14.43 38.07 -0.29
N SER A 1364 -14.06 36.81 -0.05
CA SER A 1364 -13.06 36.49 0.95
C SER A 1364 -11.74 37.27 0.71
N SER A 1365 -11.38 37.48 -0.55
CA SER A 1365 -10.15 38.19 -0.83
C SER A 1365 -10.24 39.65 -0.39
N CYS A 1366 -11.46 40.19 -0.31
CA CYS A 1366 -11.62 41.60 0.04
C CYS A 1366 -12.07 41.82 1.48
N HIS A 1367 -12.31 40.75 2.22
CA HIS A 1367 -12.81 40.86 3.57
C HIS A 1367 -11.97 41.72 4.52
N LEU A 1368 -10.65 41.58 4.46
CA LEU A 1368 -9.77 42.28 5.40
C LEU A 1368 -9.89 43.78 5.35
N PHE A 1369 -10.20 44.35 4.18
CA PHE A 1369 -10.27 45.82 4.08
C PHE A 1369 -11.49 46.36 4.82
N PRO A 1370 -11.27 47.39 5.63
CA PRO A 1370 -12.37 48.06 6.33
C PRO A 1370 -13.13 48.99 5.40
N TRP A 1371 -13.84 48.42 4.42
CA TRP A 1371 -14.52 49.19 3.40
C TRP A 1371 -15.43 50.26 4.00
N GLU A 1372 -16.13 49.87 5.05
CA GLU A 1372 -17.16 50.71 5.65
C GLU A 1372 -16.60 52.01 6.19
N CYS A 1373 -15.27 52.14 6.24
CA CYS A 1373 -14.70 53.37 6.77
C CYS A 1373 -14.21 54.34 5.69
N LEU A 1374 -14.31 53.94 4.43
CA LEU A 1374 -14.12 54.88 3.32
C LEU A 1374 -15.12 56.04 3.44
N SER A 1375 -14.69 57.24 3.09
CA SER A 1375 -15.50 58.44 3.37
C SER A 1375 -16.90 58.41 2.71
N PHE A 1376 -17.01 57.74 1.56
CA PHE A 1376 -18.30 57.58 0.92
C PHE A 1376 -19.10 56.38 1.43
N LEU A 1377 -18.56 55.64 2.40
CA LEU A 1377 -19.31 54.53 2.99
C LEU A 1377 -19.62 54.76 4.47
N LYS A 1378 -18.77 55.54 5.15
CA LYS A 1378 -18.78 55.62 6.61
C LYS A 1378 -20.08 56.13 7.24
N ASP A 1379 -20.92 56.81 6.46
CA ASP A 1379 -22.19 57.28 7.00
C ASP A 1379 -23.39 56.44 6.56
N LEU A 1380 -23.13 55.32 5.89
CA LEU A 1380 -24.21 54.50 5.34
C LEU A 1380 -24.62 53.34 6.26
N SER A 1381 -25.89 52.97 6.23
CA SER A 1381 -26.31 51.75 6.91
C SER A 1381 -25.87 50.54 6.11
N ILE A 1382 -24.92 49.79 6.64
CA ILE A 1382 -24.34 48.68 5.90
C ILE A 1382 -24.15 47.41 6.73
N THR A 1383 -24.56 46.27 6.17
CA THR A 1383 -24.07 44.98 6.64
C THR A 1383 -23.35 44.28 5.49
N ARG A 1384 -22.39 43.43 5.84
CA ARG A 1384 -21.72 42.55 4.89
C ARG A 1384 -22.43 41.22 4.73
N VAL A 1385 -22.27 40.62 3.56
CA VAL A 1385 -22.79 39.28 3.33
C VAL A 1385 -21.77 38.52 2.47
N PRO A 1386 -21.64 37.20 2.66
CA PRO A 1386 -20.63 36.50 1.85
C PRO A 1386 -21.09 36.09 0.45
N SER A 1387 -22.40 36.10 0.15
CA SER A 1387 -22.89 35.74 -1.18
C SER A 1387 -24.38 36.04 -1.40
N TYR A 1388 -24.84 36.04 -2.66
CA TYR A 1388 -26.26 36.25 -2.95
C TYR A 1388 -27.14 35.16 -2.34
N VAL A 1389 -26.62 33.94 -2.29
CA VAL A 1389 -27.38 32.82 -1.80
C VAL A 1389 -27.60 32.94 -0.29
N CYS A 1390 -26.59 33.46 0.41
CA CYS A 1390 -26.72 33.65 1.85
C CYS A 1390 -27.68 34.81 2.19
N LEU A 1391 -27.51 35.93 1.47
CA LEU A 1391 -28.40 37.04 1.63
C LEU A 1391 -29.85 36.57 1.39
N ASN A 1392 -30.10 35.88 0.29
CA ASN A 1392 -31.49 35.59 -0.07
C ASN A 1392 -32.13 34.56 0.84
N LYS A 1393 -31.35 33.68 1.44
CA LYS A 1393 -31.95 32.72 2.37
C LYS A 1393 -32.20 33.43 3.72
N LEU A 1394 -31.28 34.31 4.12
CA LEU A 1394 -31.49 35.09 5.34
C LEU A 1394 -32.75 35.95 5.20
N LEU A 1395 -32.91 36.57 4.04
CA LEU A 1395 -34.10 37.38 3.81
C LEU A 1395 -35.36 36.51 3.70
N SER A 1396 -35.25 35.36 3.04
CA SER A 1396 -36.39 34.43 3.01
C SER A 1396 -36.77 33.97 4.42
N ARG A 1397 -35.78 33.81 5.29
CA ARG A 1397 -36.01 33.37 6.65
C ARG A 1397 -36.87 34.36 7.43
N PHE A 1398 -36.82 35.63 7.06
CA PHE A 1398 -37.57 36.66 7.78
C PHE A 1398 -38.49 37.47 6.83
N HIS A 1399 -39.08 36.76 5.90
CA HIS A 1399 -40.06 37.32 4.99
C HIS A 1399 -39.73 38.71 4.53
N TYR A 1400 -38.46 38.94 4.23
CA TYR A 1400 -38.05 40.11 3.50
C TYR A 1400 -38.44 41.38 4.21
N GLN A 1401 -38.13 41.45 5.48
CA GLN A 1401 -38.60 42.52 6.30
C GLN A 1401 -37.42 43.10 6.99
N LEU A 1402 -36.96 44.26 6.53
CA LEU A 1402 -35.85 44.95 7.17
C LEU A 1402 -36.38 46.11 7.96
N PRO A 1403 -35.91 46.28 9.17
CA PRO A 1403 -34.82 45.48 9.69
C PRO A 1403 -35.33 44.26 10.46
N LEU A 1404 -34.42 43.57 11.10
CA LEU A 1404 -34.83 42.43 11.86
C LEU A 1404 -35.29 42.78 13.25
N GLN A 1405 -36.58 42.95 13.44
CA GLN A 1405 -37.09 43.16 14.78
C GLN A 1405 -36.65 42.02 15.66
N VAL A 1406 -35.96 42.36 16.73
CA VAL A 1406 -35.46 41.41 17.70
C VAL A 1406 -35.89 41.89 19.06
N THR A 1407 -36.61 41.07 19.80
CA THR A 1407 -37.09 41.42 21.13
C THR A 1407 -36.02 41.21 22.18
N ILE A 1408 -36.03 42.10 23.15
CA ILE A 1408 -34.92 42.27 24.05
C ILE A 1408 -35.46 42.16 25.48
N GLU A 1409 -36.73 41.75 25.59
CA GLU A 1409 -37.42 41.77 26.87
C GLU A 1409 -37.21 40.52 27.69
N ASP A 1410 -36.53 39.52 27.13
CA ASP A 1410 -36.14 38.31 27.86
C ASP A 1410 -35.23 37.37 27.07
N ASN A 1411 -34.71 36.36 27.76
CA ASN A 1411 -33.87 35.34 27.17
C ASN A 1411 -32.65 35.87 26.42
N ILE A 1412 -31.93 36.79 27.06
CA ILE A 1412 -30.69 37.30 26.48
C ILE A 1412 -29.45 36.77 27.24
N SER A 1413 -28.46 36.29 26.50
CA SER A 1413 -27.23 35.69 27.06
C SER A 1413 -26.06 36.65 27.01
N MET A 1414 -25.17 36.56 27.99
CA MET A 1414 -23.97 37.37 27.99
C MET A 1414 -22.82 36.66 28.65
N ILE A 1415 -21.63 36.97 28.15
CA ILE A 1415 -20.40 36.42 28.68
C ILE A 1415 -19.44 37.60 28.88
N LEU A 1416 -18.83 37.70 30.04
CA LEU A 1416 -18.01 38.87 30.35
C LEU A 1416 -16.68 38.48 30.98
N ASN A 1417 -15.58 38.76 30.29
CA ASN A 1417 -14.23 38.50 30.82
C ASN A 1417 -14.06 37.03 31.21
N PRO A 1418 -14.27 36.10 30.25
CA PRO A 1418 -14.35 34.66 30.58
C PRO A 1418 -13.02 34.12 31.06
N ASN A 1419 -12.05 34.99 31.28
CA ASN A 1419 -10.69 34.54 31.53
C ASN A 1419 -9.95 35.47 32.47
N GLY A 1420 -10.68 36.39 33.10
CA GLY A 1420 -10.11 37.28 34.10
C GLY A 1420 -8.87 38.02 33.64
N ASP A 1421 -8.78 38.30 32.34
CA ASP A 1421 -7.63 39.00 31.78
C ASP A 1421 -8.01 40.38 31.25
N LEU A 1422 -9.23 40.81 31.60
CA LEU A 1422 -9.76 42.09 31.16
C LEU A 1422 -10.56 42.73 32.28
N SER A 1423 -9.88 43.10 33.35
CA SER A 1423 -10.58 43.36 34.59
C SER A 1423 -11.24 44.74 34.62
N ARG A 1424 -10.74 45.67 33.81
CA ARG A 1424 -11.33 47.01 33.72
C ARG A 1424 -12.61 46.95 32.89
N THR A 1425 -12.59 46.08 31.89
CA THR A 1425 -13.75 45.80 31.06
C THR A 1425 -14.84 45.23 31.96
N GLU A 1426 -14.45 44.25 32.78
CA GLU A 1426 -15.39 43.68 33.72
C GLU A 1426 -15.99 44.78 34.59
N SER A 1427 -15.15 45.68 35.09
CA SER A 1427 -15.62 46.80 35.92
C SER A 1427 -16.68 47.63 35.24
N LYS A 1428 -16.47 47.93 33.96
CA LYS A 1428 -17.38 48.80 33.23
C LYS A 1428 -18.75 48.18 33.01
N PHE A 1429 -18.79 46.90 32.67
CA PHE A 1429 -20.04 46.31 32.23
C PHE A 1429 -20.74 45.46 33.29
N LYS A 1430 -20.02 45.18 34.38
CA LYS A 1430 -20.55 44.43 35.52
C LYS A 1430 -21.95 44.92 35.85
N GLY A 1431 -22.07 46.24 35.96
CA GLY A 1431 -23.31 46.91 36.30
C GLY A 1431 -24.53 46.56 35.46
N MET A 1432 -24.54 46.97 34.19
CA MET A 1432 -25.70 46.77 33.32
C MET A 1432 -26.05 45.30 33.08
N PHE A 1433 -25.04 44.45 32.93
CA PHE A 1433 -25.29 43.04 32.61
C PHE A 1433 -26.00 42.33 33.76
N GLN A 1434 -25.49 42.50 34.98
CA GLN A 1434 -26.07 41.83 36.13
C GLN A 1434 -27.49 42.33 36.40
N LYS A 1435 -27.79 43.53 35.93
CA LYS A 1435 -29.12 44.11 36.06
C LYS A 1435 -30.08 43.45 35.10
N ILE A 1436 -29.61 43.18 33.89
CA ILE A 1436 -30.46 42.58 32.88
C ILE A 1436 -30.85 41.14 33.26
N ILE A 1437 -29.95 40.39 33.90
CA ILE A 1437 -30.34 39.07 34.35
C ILE A 1437 -31.45 39.19 35.40
N ASP A 1438 -31.58 40.35 36.02
CA ASP A 1438 -32.59 40.58 37.07
C ASP A 1438 -34.01 40.73 36.51
N ALA A 1439 -34.32 41.88 35.94
CA ALA A 1439 -35.66 42.17 35.43
C ALA A 1439 -35.79 41.81 33.95
N LYS A 1440 -35.43 40.57 33.60
CA LYS A 1440 -35.47 40.07 32.23
C LYS A 1440 -35.27 38.55 32.23
N PRO A 1441 -36.37 37.77 32.18
CA PRO A 1441 -36.37 36.32 32.48
C PRO A 1441 -35.55 35.43 31.53
N SER A 1442 -35.24 34.23 32.01
CA SER A 1442 -34.43 33.23 31.28
C SER A 1442 -33.14 33.78 30.68
N SER A 1443 -32.59 34.82 31.29
CA SER A 1443 -31.33 35.38 30.83
C SER A 1443 -30.19 34.84 31.66
N GLN A 1444 -29.02 34.68 31.03
CA GLN A 1444 -27.87 34.10 31.72
C GLN A 1444 -26.64 34.98 31.53
N LEU A 1445 -25.80 35.03 32.56
CA LEU A 1445 -24.55 35.78 32.51
C LEU A 1445 -23.42 34.89 32.98
N VAL A 1446 -22.31 34.88 32.25
CA VAL A 1446 -21.13 34.18 32.72
C VAL A 1446 -19.98 35.19 32.85
N MET A 1447 -19.40 35.29 34.04
CA MET A 1447 -18.45 36.37 34.30
C MET A 1447 -17.22 35.96 35.15
N ASN A 1448 -16.04 36.39 34.68
CA ASN A 1448 -14.74 36.02 35.26
C ASN A 1448 -14.64 34.51 35.39
N GLU A 1449 -15.35 33.83 34.50
CA GLU A 1449 -15.57 32.40 34.61
C GLU A 1449 -15.51 31.75 33.23
N LYS A 1450 -14.63 30.79 33.04
CA LYS A 1450 -14.57 30.05 31.77
C LYS A 1450 -15.89 29.31 31.52
N PRO A 1451 -16.58 29.66 30.42
CA PRO A 1451 -17.84 28.98 30.11
C PRO A 1451 -17.57 27.61 29.48
N GLU A 1452 -18.37 26.60 29.86
CA GLU A 1452 -18.18 25.25 29.33
C GLU A 1452 -19.03 25.01 28.10
N GLU A 1453 -18.50 24.23 27.15
CA GLU A 1453 -19.05 24.10 25.80
C GLU A 1453 -20.57 23.96 25.69
N GLU A 1454 -21.17 23.14 26.55
CA GLU A 1454 -22.60 22.88 26.44
C GLU A 1454 -23.48 24.08 26.84
N THR A 1455 -22.95 24.98 27.66
CA THR A 1455 -23.80 26.07 28.15
C THR A 1455 -23.87 27.22 27.14
N LEU A 1456 -22.82 27.45 26.36
CA LEU A 1456 -22.95 28.51 25.38
C LEU A 1456 -23.53 27.96 24.08
N LEU A 1457 -23.43 26.65 23.88
CA LEU A 1457 -24.15 26.04 22.78
C LEU A 1457 -25.64 26.22 22.99
N LYS A 1458 -26.09 26.12 24.24
CA LYS A 1458 -27.50 26.33 24.54
C LYS A 1458 -27.74 27.82 24.57
N MET A 1459 -26.75 28.59 25.02
CA MET A 1459 -26.86 30.05 24.95
C MET A 1459 -27.16 30.50 23.53
N LEU A 1460 -26.38 29.99 22.58
CA LEU A 1460 -26.49 30.43 21.19
C LEU A 1460 -27.83 30.09 20.58
N GLN A 1461 -28.30 28.86 20.81
CA GLN A 1461 -29.48 28.40 20.12
C GLN A 1461 -30.74 28.74 20.89
N ASN A 1462 -30.60 29.35 22.05
CA ASN A 1462 -31.75 29.64 22.90
C ASN A 1462 -31.79 31.06 23.46
N SER A 1463 -31.25 32.00 22.69
CA SER A 1463 -31.25 33.40 23.10
C SER A 1463 -31.85 34.32 22.04
N ASN A 1464 -32.51 35.38 22.46
CA ASN A 1464 -32.92 36.45 21.56
C ASN A 1464 -31.72 37.32 21.22
N LEU A 1465 -30.75 37.31 22.12
CA LEU A 1465 -29.51 38.04 21.92
C LEU A 1465 -28.34 37.35 22.59
N PHE A 1466 -27.24 37.22 21.87
CA PHE A 1466 -26.01 36.72 22.45
C PHE A 1466 -24.91 37.78 22.43
N VAL A 1467 -24.38 38.15 23.59
CA VAL A 1467 -23.26 39.09 23.61
C VAL A 1467 -22.07 38.53 24.38
N TYR A 1468 -20.87 38.73 23.85
CA TYR A 1468 -19.66 38.11 24.34
C TYR A 1468 -18.49 39.10 24.37
N ILE A 1469 -17.89 39.28 25.54
CA ILE A 1469 -16.72 40.14 25.67
C ILE A 1469 -15.49 39.37 26.21
N GLY A 1470 -14.46 39.26 25.39
CA GLY A 1470 -13.26 38.54 25.75
C GLY A 1470 -12.56 38.23 24.44
N HIS A 1471 -11.47 37.45 24.46
CA HIS A 1471 -10.74 37.23 23.22
C HIS A 1471 -11.54 36.45 22.20
N GLY A 1472 -11.44 36.89 20.94
CA GLY A 1472 -12.01 36.21 19.81
C GLY A 1472 -13.52 36.11 19.86
N GLY A 1473 -14.03 34.96 19.43
CA GLY A 1473 -15.46 34.72 19.43
C GLY A 1473 -15.83 33.46 20.18
N GLY A 1474 -14.95 33.03 21.09
CA GLY A 1474 -15.25 31.94 22.00
C GLY A 1474 -14.85 30.56 21.52
N GLU A 1475 -13.93 30.52 20.55
CA GLU A 1475 -13.41 29.28 19.99
C GLU A 1475 -12.79 28.40 21.07
N GLN A 1476 -12.21 29.05 22.07
CA GLN A 1476 -11.51 28.36 23.14
C GLN A 1476 -12.49 27.67 24.10
N TYR A 1477 -13.79 27.90 23.92
CA TYR A 1477 -14.82 27.29 24.78
C TYR A 1477 -15.84 26.47 23.98
N VAL A 1478 -15.77 26.49 22.67
CA VAL A 1478 -16.71 25.71 21.86
C VAL A 1478 -16.16 25.52 20.46
N ARG A 1479 -16.23 24.29 19.98
CA ARG A 1479 -15.60 23.92 18.71
C ARG A 1479 -16.35 24.48 17.52
N SER A 1480 -15.60 24.75 16.45
CA SER A 1480 -16.15 25.23 15.19
C SER A 1480 -17.29 24.30 14.74
N LYS A 1481 -17.10 23.01 14.97
CA LYS A 1481 -17.98 21.94 14.47
C LYS A 1481 -19.41 22.00 14.95
N GLU A 1482 -19.58 22.30 16.23
CA GLU A 1482 -20.89 22.26 16.85
C GLU A 1482 -21.71 23.53 16.55
N ILE A 1483 -21.04 24.68 16.48
CA ILE A 1483 -21.75 25.88 16.06
C ILE A 1483 -22.33 25.61 14.67
N LYS A 1484 -21.50 25.00 13.82
CA LYS A 1484 -21.85 24.71 12.43
C LYS A 1484 -22.99 23.69 12.28
N LYS A 1485 -23.24 22.92 13.33
CA LYS A 1485 -24.28 21.92 13.25
C LYS A 1485 -25.62 22.57 13.53
N CYS A 1486 -25.60 23.70 14.22
CA CYS A 1486 -26.83 24.44 14.53
C CYS A 1486 -27.52 24.90 13.27
N THR A 1487 -28.76 25.34 13.43
CA THR A 1487 -29.52 25.83 12.30
C THR A 1487 -30.03 27.23 12.59
N LYS A 1488 -30.24 27.51 13.88
CA LYS A 1488 -30.60 28.87 14.30
C LYS A 1488 -29.72 29.33 15.47
N ILE A 1489 -29.05 30.47 15.27
CA ILE A 1489 -28.26 31.08 16.32
C ILE A 1489 -28.76 32.52 16.60
N ALA A 1490 -28.53 32.97 17.82
CA ALA A 1490 -28.91 34.32 18.22
C ALA A 1490 -27.98 35.33 17.58
N PRO A 1491 -28.54 36.49 17.22
CA PRO A 1491 -27.75 37.67 16.83
C PRO A 1491 -26.60 37.87 17.81
N SER A 1492 -25.36 37.86 17.35
CA SER A 1492 -24.24 37.88 18.28
C SER A 1492 -23.39 39.14 18.21
N PHE A 1493 -23.10 39.71 19.38
CA PHE A 1493 -22.11 40.77 19.51
C PHE A 1493 -20.76 40.19 19.96
N LEU A 1494 -19.97 39.71 19.01
CA LEU A 1494 -18.64 39.17 19.30
C LEU A 1494 -17.64 40.29 19.57
N LEU A 1495 -17.83 41.04 20.65
CA LEU A 1495 -17.01 42.23 20.90
C LEU A 1495 -15.62 41.90 21.50
N GLY A 1496 -14.80 41.15 20.77
CA GLY A 1496 -13.45 40.84 21.24
C GLY A 1496 -12.37 40.94 20.18
N CYS A 1497 -11.11 40.94 20.62
CA CYS A 1497 -9.97 40.89 19.71
C CYS A 1497 -10.13 39.85 18.60
N SER A 1498 -10.16 40.34 17.36
CA SER A 1498 -10.03 39.50 16.17
C SER A 1498 -11.12 38.46 15.99
N SER A 1499 -12.30 38.70 16.55
CA SER A 1499 -13.43 37.80 16.31
C SER A 1499 -13.80 37.69 14.82
N ALA A 1500 -13.69 38.79 14.07
CA ALA A 1500 -14.02 38.75 12.64
C ALA A 1500 -12.78 38.62 11.75
N ALA A 1501 -11.62 38.38 12.34
CA ALA A 1501 -10.42 38.22 11.54
C ALA A 1501 -10.46 36.88 10.82
N MET A 1502 -9.62 36.73 9.81
CA MET A 1502 -9.54 35.51 9.02
C MET A 1502 -8.11 35.18 8.68
N LYS A 1503 -7.70 33.94 8.93
CA LYS A 1503 -6.39 33.46 8.51
C LYS A 1503 -6.42 33.16 7.01
N TYR A 1504 -5.47 33.71 6.26
CA TYR A 1504 -5.45 33.56 4.82
C TYR A 1504 -4.44 32.51 4.30
N TYR A 1505 -4.86 31.71 3.31
CA TYR A 1505 -4.04 30.62 2.77
C TYR A 1505 -3.95 30.57 1.25
N GLY A 1506 -3.29 31.56 0.66
CA GLY A 1506 -3.10 31.64 -0.78
C GLY A 1506 -4.36 31.41 -1.58
N LYS A 1507 -4.34 30.41 -2.44
CA LYS A 1507 -5.41 30.17 -3.39
C LYS A 1507 -6.52 29.31 -2.82
N LEU A 1508 -6.47 29.09 -1.52
CA LEU A 1508 -7.58 28.40 -0.88
C LEU A 1508 -8.44 29.43 -0.12
N GLU A 1509 -9.64 29.02 0.27
CA GLU A 1509 -10.53 29.89 1.02
C GLU A 1509 -10.08 29.97 2.46
N PRO A 1510 -10.13 31.17 3.04
CA PRO A 1510 -9.75 31.37 4.43
C PRO A 1510 -10.93 31.04 5.32
N THR A 1511 -10.74 31.04 6.63
CA THR A 1511 -11.90 31.00 7.53
C THR A 1511 -11.60 31.64 8.85
N GLY A 1512 -12.66 31.72 9.66
CA GLY A 1512 -12.65 32.49 10.87
C GLY A 1512 -14.04 32.36 11.46
N THR A 1513 -14.14 32.79 12.71
CA THR A 1513 -15.32 32.67 13.52
C THR A 1513 -16.58 33.19 12.94
N ILE A 1514 -16.40 34.17 12.11
CA ILE A 1514 -17.46 34.88 11.44
C ILE A 1514 -18.30 34.02 10.49
N TYR A 1515 -17.64 33.27 9.63
CA TYR A 1515 -18.32 32.39 8.70
C TYR A 1515 -18.99 31.24 9.41
N THR A 1516 -18.42 30.80 10.51
CA THR A 1516 -19.01 29.69 11.22
C THR A 1516 -20.37 30.07 11.79
N TYR A 1517 -20.48 31.25 12.36
CA TYR A 1517 -21.76 31.66 12.90
C TYR A 1517 -22.76 31.73 11.79
N LEU A 1518 -22.39 32.34 10.69
CA LEU A 1518 -23.34 32.44 9.59
C LEU A 1518 -23.88 31.06 9.25
N LEU A 1519 -22.97 30.08 9.25
CA LEU A 1519 -23.34 28.72 8.89
C LEU A 1519 -24.17 28.04 9.98
N GLY A 1520 -24.04 28.52 11.22
CA GLY A 1520 -24.90 28.08 12.30
C GLY A 1520 -26.30 28.68 12.23
N GLY A 1521 -26.53 29.57 11.27
CA GLY A 1521 -27.84 30.13 11.10
C GLY A 1521 -28.04 31.42 11.85
N CYS A 1522 -26.93 31.98 12.34
CA CYS A 1522 -26.90 33.34 12.85
C CYS A 1522 -27.29 34.28 11.71
N PRO A 1523 -28.24 35.20 11.99
CA PRO A 1523 -28.77 36.19 11.04
C PRO A 1523 -28.12 37.57 11.18
N MET A 1524 -27.28 37.75 12.19
CA MET A 1524 -26.55 39.01 12.39
C MET A 1524 -25.41 38.76 13.36
N VAL A 1525 -24.18 38.88 12.89
CA VAL A 1525 -23.04 38.67 13.76
C VAL A 1525 -22.07 39.82 13.59
N LEU A 1526 -21.61 40.34 14.72
CA LEU A 1526 -20.77 41.54 14.73
C LEU A 1526 -19.44 41.24 15.42
N GLY A 1527 -18.32 41.47 14.72
CA GLY A 1527 -17.01 41.24 15.29
C GLY A 1527 -15.99 42.27 14.88
N ASN A 1528 -14.74 42.05 15.26
CA ASN A 1528 -13.63 42.94 14.88
C ASN A 1528 -12.70 42.29 13.91
N LEU A 1529 -12.20 43.07 12.96
CA LEU A 1529 -11.35 42.57 11.89
C LEU A 1529 -9.94 42.27 12.37
N TRP A 1530 -9.55 42.85 13.49
CA TRP A 1530 -8.22 42.61 14.07
C TRP A 1530 -8.26 42.82 15.57
N ASP A 1531 -7.09 42.81 16.23
CA ASP A 1531 -7.09 42.98 17.68
C ASP A 1531 -7.35 44.43 18.04
N VAL A 1532 -8.10 44.63 19.11
CA VAL A 1532 -8.43 45.96 19.61
C VAL A 1532 -8.02 46.10 21.07
N THR A 1533 -7.76 47.31 21.54
CA THR A 1533 -7.30 47.52 22.91
C THR A 1533 -8.46 48.00 23.80
N ASP A 1534 -8.40 47.69 25.09
CA ASP A 1534 -9.63 47.57 25.89
C ASP A 1534 -10.36 48.89 26.18
N LYS A 1535 -9.67 49.95 26.58
CA LYS A 1535 -10.38 51.20 26.90
C LYS A 1535 -11.18 51.73 25.71
N ASP A 1536 -10.55 51.76 24.54
CA ASP A 1536 -11.18 52.32 23.33
C ASP A 1536 -12.35 51.49 22.84
N ILE A 1537 -12.19 50.17 22.84
CA ILE A 1537 -13.21 49.29 22.28
C ILE A 1537 -14.42 49.28 23.19
N ASP A 1538 -14.17 49.38 24.50
CA ASP A 1538 -15.24 49.42 25.49
C ASP A 1538 -15.98 50.75 25.44
N LYS A 1539 -15.27 51.83 25.10
CA LYS A 1539 -15.93 53.09 24.77
C LYS A 1539 -16.93 52.82 23.64
N PHE A 1540 -16.46 52.16 22.59
CA PHE A 1540 -17.30 51.85 21.43
C PHE A 1540 -18.49 50.96 21.81
N SER A 1541 -18.23 49.91 22.56
CA SER A 1541 -19.29 49.01 22.98
C SER A 1541 -20.37 49.72 23.79
N GLU A 1542 -19.94 50.49 24.78
CA GLU A 1542 -20.85 51.29 25.62
C GLU A 1542 -21.74 52.13 24.72
N GLU A 1543 -21.13 52.80 23.76
CA GLU A 1543 -21.85 53.66 22.85
C GLU A 1543 -22.80 52.88 21.94
N LEU A 1544 -22.37 51.71 21.52
CA LEU A 1544 -23.14 50.84 20.63
C LEU A 1544 -24.45 50.42 21.29
N PHE A 1545 -24.35 49.94 22.52
CA PHE A 1545 -25.49 49.54 23.33
C PHE A 1545 -26.48 50.69 23.56
N GLU A 1546 -25.95 51.85 23.93
CA GLU A 1546 -26.81 52.98 24.27
C GLU A 1546 -27.58 53.46 23.05
N LYS A 1547 -26.91 53.55 21.90
CA LYS A 1547 -27.58 54.03 20.68
C LYS A 1547 -28.62 53.01 20.16
N MET A 1548 -28.34 51.73 20.35
CA MET A 1548 -29.26 50.70 19.90
C MET A 1548 -30.41 50.52 20.87
N GLY A 1549 -30.21 50.94 22.11
CA GLY A 1549 -31.24 50.87 23.12
C GLY A 1549 -31.09 49.72 24.09
N PHE A 1550 -29.93 49.08 24.05
CA PHE A 1550 -29.68 47.96 24.93
C PHE A 1550 -29.56 48.40 26.35
N ARG A 1551 -30.69 48.41 27.04
CA ARG A 1551 -30.76 48.80 28.42
C ARG A 1551 -31.75 47.92 29.17
N CYS A 1552 -32.07 48.28 30.40
CA CYS A 1552 -33.00 47.48 31.17
C CYS A 1552 -34.41 48.04 31.16
N ASN A 1553 -34.59 49.25 30.66
CA ASN A 1553 -35.93 49.84 30.62
C ASN A 1553 -36.53 49.82 29.22
N THR A 1554 -36.63 48.61 28.66
CA THR A 1554 -37.19 48.39 27.33
C THR A 1554 -38.45 49.19 27.01
N ASN A 1558 -37.07 50.33 23.32
CA ASN A 1558 -38.27 51.07 22.93
C ASN A 1558 -37.93 52.28 22.06
N GLY A 1559 -38.85 53.24 22.02
CA GLY A 1559 -38.66 54.50 21.32
C GLY A 1559 -38.09 54.38 19.92
N ASN A 1560 -37.37 55.43 19.49
CA ASN A 1560 -36.72 55.44 18.17
C ASN A 1560 -35.23 55.10 18.23
N SER A 1561 -34.91 53.91 18.71
CA SER A 1561 -33.52 53.45 18.75
C SER A 1561 -32.94 53.28 17.36
N LEU A 1562 -31.61 53.15 17.29
CA LEU A 1562 -30.94 52.92 16.02
C LEU A 1562 -30.81 51.41 15.72
N SER A 1563 -30.81 51.10 14.43
CA SER A 1563 -30.44 49.78 13.93
C SER A 1563 -28.97 49.48 14.25
N VAL A 1564 -28.60 48.20 14.22
CA VAL A 1564 -27.22 47.80 14.51
C VAL A 1564 -26.27 48.48 13.53
N SER A 1565 -26.77 48.77 12.33
CA SER A 1565 -25.97 49.39 11.29
C SER A 1565 -25.65 50.85 11.59
N TYR A 1566 -26.69 51.69 11.62
CA TYR A 1566 -26.51 53.09 11.95
C TYR A 1566 -25.82 53.22 13.31
N ALA A 1567 -26.19 52.35 14.26
CA ALA A 1567 -25.63 52.43 15.61
C ALA A 1567 -24.13 52.22 15.61
N VAL A 1568 -23.64 51.35 14.73
CA VAL A 1568 -22.22 51.11 14.65
C VAL A 1568 -21.49 52.30 14.03
N SER A 1569 -21.95 52.79 12.88
CA SER A 1569 -21.25 53.88 12.20
C SER A 1569 -21.27 55.20 12.97
N LYS A 1570 -22.28 55.38 13.80
CA LYS A 1570 -22.34 56.56 14.66
C LYS A 1570 -21.43 56.36 15.88
N SER A 1571 -21.04 55.13 16.19
CA SER A 1571 -20.26 54.85 17.39
C SER A 1571 -18.76 54.71 17.16
N ARG A 1572 -18.33 54.64 15.91
CA ARG A 1572 -16.90 54.50 15.62
C ARG A 1572 -16.11 55.68 16.23
N GLY A 1573 -16.63 56.89 16.05
CA GLY A 1573 -15.96 58.10 16.46
C GLY A 1573 -15.52 58.23 17.91
N VAL A 1574 -16.14 57.47 18.83
CA VAL A 1574 -15.78 57.60 20.25
C VAL A 1574 -14.37 57.09 20.53
N CYS A 1575 -13.85 56.24 19.67
CA CYS A 1575 -12.53 55.70 19.89
C CYS A 1575 -11.45 56.74 19.71
N HIS A 1576 -10.42 56.69 20.54
CA HIS A 1576 -9.34 57.64 20.41
C HIS A 1576 -8.53 57.33 19.18
N LEU A 1577 -8.29 56.05 18.94
CA LEU A 1577 -7.59 55.66 17.76
C LEU A 1577 -8.71 55.37 16.82
N ARG A 1578 -8.97 56.28 15.92
CA ARG A 1578 -10.10 56.12 15.02
C ARG A 1578 -9.99 55.03 14.00
N TYR A 1579 -8.79 54.59 13.66
CA TYR A 1579 -8.70 53.51 12.70
C TYR A 1579 -8.27 52.19 13.33
N LEU A 1580 -7.13 52.14 14.01
CA LEU A 1580 -6.67 50.87 14.62
C LEU A 1580 -7.75 50.21 15.47
N ASN A 1581 -8.56 51.02 16.15
CA ASN A 1581 -9.67 50.50 16.95
C ASN A 1581 -11.05 50.72 16.29
N GLY A 1582 -11.32 51.98 15.90
CA GLY A 1582 -12.60 52.36 15.31
C GLY A 1582 -12.99 51.73 13.98
N ALA A 1583 -12.00 51.31 13.18
CA ALA A 1583 -12.28 50.69 11.88
C ALA A 1583 -12.40 49.17 12.01
N ALA A 1584 -12.14 48.67 13.21
CA ALA A 1584 -12.11 47.25 13.45
C ALA A 1584 -13.49 46.57 13.44
N PRO A 1585 -14.51 47.21 14.06
CA PRO A 1585 -15.80 46.50 14.05
C PRO A 1585 -16.47 46.40 12.68
N VAL A 1586 -17.15 45.28 12.43
CA VAL A 1586 -17.83 44.96 11.16
C VAL A 1586 -19.05 44.08 11.44
N ILE A 1587 -20.08 44.15 10.59
CA ILE A 1587 -21.29 43.32 10.73
C ILE A 1587 -21.53 42.42 9.52
N TYR A 1588 -21.88 41.16 9.75
CA TYR A 1588 -22.36 40.29 8.68
C TYR A 1588 -23.81 39.89 8.94
N GLY A 1589 -24.61 39.75 7.87
CA GLY A 1589 -26.00 39.34 8.00
C GLY A 1589 -26.98 40.47 7.75
N LEU A 1590 -28.06 40.50 8.53
CA LEU A 1590 -29.11 41.52 8.35
C LEU A 1590 -29.10 42.60 9.44
N PRO A 1591 -29.48 43.83 9.09
CA PRO A 1591 -29.49 44.84 10.15
C PRO A 1591 -30.64 44.57 11.16
N ILE A 1592 -30.35 44.73 12.44
CA ILE A 1592 -31.36 44.50 13.45
C ILE A 1592 -31.65 45.78 14.21
N LYS A 1593 -32.86 45.89 14.76
CA LYS A 1593 -33.20 46.96 15.70
C LYS A 1593 -33.89 46.33 16.91
N PHE A 1594 -33.61 46.85 18.09
CA PHE A 1594 -34.27 46.31 19.28
C PHE A 1594 -35.66 46.94 19.49
N VAL A 1595 -36.60 46.11 19.93
CA VAL A 1595 -37.98 46.55 20.10
C VAL A 1595 -38.49 46.34 21.53
N MET B 1 1.44 58.04 29.51
CA MET B 1 -0.01 57.92 29.53
C MET B 1 -0.38 56.45 29.62
N ASP B 2 -1.39 56.14 30.39
CA ASP B 2 -1.59 54.76 30.77
C ASP B 2 -1.99 53.98 29.57
N ILE B 3 -1.43 52.79 29.46
CA ILE B 3 -1.53 51.94 28.31
C ILE B 3 -2.89 51.27 28.23
N GLU B 4 -3.25 50.75 27.07
CA GLU B 4 -4.40 49.87 26.95
C GLU B 4 -4.00 48.45 26.66
N ILE B 5 -4.94 47.52 26.74
CA ILE B 5 -4.61 46.16 27.10
C ILE B 5 -5.45 45.17 26.32
N ALA B 6 -4.99 43.94 26.21
CA ALA B 6 -5.70 42.98 25.38
C ALA B 6 -5.84 41.63 26.05
N PRO B 7 -6.96 40.98 25.87
CA PRO B 7 -7.13 39.65 26.47
C PRO B 7 -6.04 38.69 26.00
N GLN B 8 -5.75 37.67 26.80
CA GLN B 8 -4.75 36.69 26.45
C GLN B 8 -5.21 35.88 25.25
N ARG B 9 -4.29 35.69 24.30
CA ARG B 9 -4.66 34.96 23.11
C ARG B 9 -4.59 33.47 23.47
N GLN B 10 -5.77 32.91 23.73
CA GLN B 10 -5.90 31.53 24.12
C GLN B 10 -5.83 30.59 22.93
N GLU B 11 -6.17 29.34 23.17
CA GLU B 11 -6.12 28.34 22.11
C GLU B 11 -7.51 27.94 21.66
N PRO B 12 -7.74 27.96 20.34
CA PRO B 12 -9.02 27.44 19.87
C PRO B 12 -9.09 25.94 20.14
N LEU B 13 -10.23 25.46 20.65
CA LEU B 13 -10.45 24.01 20.79
C LEU B 13 -10.08 23.35 19.47
N PRO B 14 -9.29 22.28 19.54
CA PRO B 14 -8.67 21.72 18.32
C PRO B 14 -9.71 21.23 17.30
N TYR B 15 -9.45 21.54 16.04
CA TYR B 15 -10.28 21.03 14.96
C TYR B 15 -9.83 19.61 14.59
N VAL B 16 -10.77 18.67 14.52
CA VAL B 16 -10.45 17.33 14.02
C VAL B 16 -11.51 16.82 13.04
N PRO B 17 -11.16 16.82 11.75
CA PRO B 17 -12.12 16.56 10.68
C PRO B 17 -12.60 15.14 10.64
N GLU B 18 -13.85 14.95 10.20
CA GLU B 18 -14.33 13.69 9.65
C GLU B 18 -14.02 12.45 10.51
N GLY B 19 -14.19 12.57 11.83
CA GLY B 19 -13.96 11.46 12.75
C GLY B 19 -12.60 10.77 12.63
N TYR B 20 -11.58 11.58 12.36
CA TYR B 20 -10.21 11.13 12.15
C TYR B 20 -9.59 10.55 13.41
N SER B 21 -9.01 9.36 13.27
CA SER B 21 -8.15 8.80 14.31
C SER B 21 -6.70 8.84 13.83
N PRO B 22 -5.85 9.57 14.56
CA PRO B 22 -4.41 9.66 14.24
C PRO B 22 -3.69 8.32 14.36
N PHE B 23 -2.62 8.19 13.58
CA PHE B 23 -1.80 7.00 13.66
C PHE B 23 -0.88 7.11 14.87
N GLN B 24 -0.99 6.11 15.74
CA GLN B 24 -0.21 6.04 16.96
C GLN B 24 1.28 5.85 16.72
N GLN B 25 2.08 6.06 17.75
CA GLN B 25 3.51 5.77 17.67
C GLN B 25 3.80 4.30 17.36
N ASP B 26 3.04 3.38 17.97
CA ASP B 26 3.12 1.96 17.66
C ASP B 26 2.91 1.68 16.18
N ASP B 27 1.81 2.21 15.66
CA ASP B 27 1.47 2.10 14.25
C ASP B 27 2.65 2.53 13.36
N ILE B 28 3.34 3.59 13.76
CA ILE B 28 4.44 4.13 12.97
C ILE B 28 5.62 3.16 12.97
N GLU B 29 5.88 2.52 14.11
CA GLU B 29 6.95 1.54 14.17
C GLU B 29 6.68 0.39 13.21
N LYS B 30 5.43 -0.06 13.19
CA LYS B 30 5.00 -1.13 12.32
C LYS B 30 5.17 -0.77 10.83
N LEU B 31 5.26 0.51 10.50
CA LEU B 31 5.41 0.96 9.12
C LEU B 31 6.87 1.12 8.72
N LYS B 32 7.72 1.40 9.70
CA LYS B 32 9.16 1.61 9.48
C LYS B 32 9.91 0.30 9.36
N THR B 33 9.33 -0.74 9.94
CA THR B 33 10.10 -1.92 10.32
C THR B 33 10.13 -3.07 9.33
N PHE B 34 11.32 -3.31 8.81
CA PHE B 34 11.56 -4.42 7.92
C PHE B 34 11.47 -5.79 8.63
N ASN B 35 10.70 -6.70 8.02
CA ASN B 35 10.64 -8.11 8.39
C ASN B 35 10.88 -8.93 7.15
N SER B 36 11.65 -10.01 7.24
CA SER B 36 11.99 -10.80 6.07
C SER B 36 10.77 -11.28 5.33
N PRO B 37 10.77 -11.08 3.99
CA PRO B 37 9.73 -11.65 3.13
C PRO B 37 9.64 -13.15 3.25
N TYR B 38 10.71 -13.80 3.69
CA TYR B 38 10.77 -15.25 3.76
C TYR B 38 10.13 -15.91 4.97
N LYS B 39 9.82 -15.13 5.97
CA LYS B 39 9.21 -15.69 7.13
C LYS B 39 7.87 -16.20 6.73
N LEU B 40 7.54 -17.38 7.19
CA LEU B 40 6.22 -17.93 6.92
C LEU B 40 5.52 -18.30 8.21
N ASP B 41 4.25 -18.65 8.13
CA ASP B 41 3.53 -19.02 9.35
C ASP B 41 2.42 -20.03 9.14
N LEU B 42 2.46 -21.11 9.90
CA LEU B 42 1.44 -22.14 9.80
C LEU B 42 1.16 -22.81 11.15
N ASP B 50 -4.00 -32.76 20.45
CA ASP B 50 -4.99 -33.45 19.64
C ASP B 50 -4.74 -34.96 19.57
N LYS B 51 -5.82 -35.73 19.50
CA LYS B 51 -5.78 -37.20 19.57
C LYS B 51 -4.82 -37.85 18.54
N VAL B 52 -4.20 -38.95 18.92
CA VAL B 52 -3.39 -39.72 17.98
C VAL B 52 -4.19 -40.91 17.46
N ASP B 53 -4.28 -40.98 16.14
CA ASP B 53 -5.11 -41.97 15.48
C ASP B 53 -4.27 -43.04 14.77
N LEU B 54 -4.66 -44.30 14.93
CA LEU B 54 -3.91 -45.40 14.36
C LEU B 54 -3.90 -45.30 12.83
N LEU B 55 -2.92 -45.95 12.20
CA LEU B 55 -2.79 -45.95 10.76
C LEU B 55 -3.50 -47.16 10.14
N PRO B 56 -4.13 -46.95 8.98
CA PRO B 56 -4.88 -48.01 8.31
C PRO B 56 -3.99 -48.89 7.42
N LEU B 57 -4.54 -49.99 6.92
CA LEU B 57 -3.81 -50.95 6.11
C LEU B 57 -4.26 -50.95 4.64
N GLU B 58 -3.30 -50.91 3.72
CA GLU B 58 -3.61 -50.91 2.28
C GLU B 58 -3.96 -52.30 1.70
N GLN B 59 -4.28 -52.32 0.41
CA GLN B 59 -4.71 -53.53 -0.29
C GLN B 59 -4.22 -53.64 -1.75
N ILE B 60 -4.08 -54.86 -2.23
CA ILE B 60 -3.80 -55.08 -3.64
C ILE B 60 -4.68 -56.11 -4.29
N GLU B 105 43.23 -69.57 -3.13
CA GLU B 105 43.84 -68.34 -2.60
C GLU B 105 43.12 -67.03 -2.98
N GLY B 106 41.97 -67.15 -3.64
CA GLY B 106 41.22 -65.97 -4.04
C GLY B 106 41.76 -65.26 -5.27
N LEU B 107 41.30 -64.03 -5.46
CA LEU B 107 41.80 -63.22 -6.55
C LEU B 107 43.30 -62.91 -6.34
N ASP B 108 44.04 -62.79 -7.43
CA ASP B 108 45.47 -62.48 -7.30
C ASP B 108 45.66 -60.97 -7.36
N PRO B 109 46.82 -60.48 -6.86
CA PRO B 109 47.11 -59.04 -6.75
C PRO B 109 46.64 -58.16 -7.90
N GLU B 110 46.79 -58.61 -9.14
CA GLU B 110 46.35 -57.77 -10.25
C GLU B 110 44.84 -57.80 -10.40
N GLU B 111 44.25 -58.95 -10.10
CA GLU B 111 42.81 -59.08 -10.18
C GLU B 111 42.16 -58.18 -9.12
N LEU B 112 42.80 -58.06 -7.96
CA LEU B 112 42.30 -57.18 -6.90
C LEU B 112 42.27 -55.71 -7.32
N GLU B 113 43.30 -55.27 -8.03
CA GLU B 113 43.38 -53.87 -8.47
C GLU B 113 42.44 -53.57 -9.63
N ASP B 114 42.19 -54.56 -10.49
CA ASP B 114 41.23 -54.37 -11.57
C ASP B 114 39.83 -54.08 -11.03
N LEU B 115 39.55 -54.70 -9.90
CA LEU B 115 38.24 -54.69 -9.25
C LEU B 115 37.84 -53.31 -8.74
N VAL B 116 38.81 -52.62 -8.16
CA VAL B 116 38.58 -51.30 -7.57
C VAL B 116 38.90 -50.22 -8.60
N THR B 117 39.19 -50.64 -9.81
CA THR B 117 39.44 -49.69 -10.88
C THR B 117 38.83 -50.18 -12.18
#